data_9H68
#
_entry.id   9H68
#
_cell.length_a   66.431
_cell.length_b   89.781
_cell.length_c   99.621
_cell.angle_alpha   76.899
_cell.angle_beta   75.874
_cell.angle_gamma   89.123
#
_symmetry.space_group_name_H-M   'P 1'
#
loop_
_entity.id
_entity.type
_entity.pdbx_description
1 polymer 'Spore cortex-lytic enzyme pre-pro-form'
2 water water
#
_entity_poly.entity_id   1
_entity_poly.type   'polypeptide(L)'
_entity_poly.pdbx_seq_one_letter_code
;MGSSHHHHHHSSGSAWSHPQFEKGGGSGGGSGGSAWSHPQFEKSNNNLGENLYFQGHMQDGFLTVSIIDATNNRPIQNAV
VNIYSMSNGSQSSSTLYQNLRSNESGQVTGLVLPAPDVDYSLQPSDVRPYSQYIVEAIADGYETVVIEGTQLLATIEARQ
GVPMSPRTRSKRSFSRQSELIFDIGEHTLYGTYPPKIPESNLKPLPPPTGFVVLDNPVVPEFIVVHDGLPEDSSAPNYWI
PFKEYIKNIASSEIYSTWPEQTIYANVIAIISFTLNRVFTEWYRNKGYNFTITSTTAYDHKFINNRNLFEPINVVVDAIF
NTFIKRPPTSRQPLLAQYCDGQKSQCPDQMTQWGSKDLGDQGYDYESILRYFYGDEIVFERAPIVSGVPVSFPGTTLQVG
SSGQYVRTIQNQLNAISNSYPAVPKVIEDGIYGTDTENAVKIFQGIFGLPQSGVVDFKTWYEISRVYVATTRIASLNPLI
;
_entity_poly.pdbx_strand_id   A,D,B,C
#
# COMPACT_ATOMS: atom_id res chain seq x y z
N GLU A 50 36.61 24.18 -36.21
CA GLU A 50 37.47 23.63 -37.25
C GLU A 50 37.95 22.21 -36.95
N ASN A 51 37.05 21.33 -36.51
CA ASN A 51 37.44 19.93 -36.36
C ASN A 51 37.52 19.29 -37.76
N LEU A 52 37.21 17.99 -37.86
CA LEU A 52 37.17 17.37 -39.18
C LEU A 52 36.11 18.04 -40.07
N TYR A 53 34.97 18.43 -39.48
CA TYR A 53 33.83 19.02 -40.18
C TYR A 53 33.47 20.39 -39.57
N PHE A 54 32.19 20.71 -39.40
CA PHE A 54 31.77 21.88 -38.62
C PHE A 54 31.37 21.43 -37.23
N GLN A 55 31.70 22.26 -36.23
CA GLN A 55 31.38 21.88 -34.86
C GLN A 55 29.87 21.89 -34.66
N GLY A 56 29.34 20.77 -34.17
CA GLY A 56 27.92 20.51 -34.18
C GLY A 56 27.53 19.38 -35.10
N HIS A 57 28.47 18.80 -35.84
CA HIS A 57 28.16 17.78 -36.81
C HIS A 57 27.62 16.53 -36.12
N MET A 58 26.65 15.89 -36.76
CA MET A 58 25.91 14.79 -36.16
C MET A 58 25.87 13.63 -37.15
N GLN A 59 25.99 12.42 -36.63
CA GLN A 59 25.79 11.21 -37.41
C GLN A 59 24.56 10.44 -36.93
N ASP A 60 24.23 9.38 -37.63
CA ASP A 60 23.10 8.54 -37.28
C ASP A 60 23.55 7.50 -36.28
N GLY A 61 22.88 7.43 -35.14
CA GLY A 61 22.91 6.28 -34.27
C GLY A 61 21.48 5.78 -34.15
N PHE A 62 21.29 4.50 -33.80
CA PHE A 62 19.99 3.85 -33.89
C PHE A 62 19.47 3.50 -32.52
N LEU A 63 18.18 3.23 -32.43
CA LEU A 63 17.55 2.95 -31.15
C LEU A 63 16.44 1.94 -31.35
N THR A 64 16.24 1.09 -30.35
CA THR A 64 15.10 0.20 -30.31
C THR A 64 14.56 0.28 -28.89
N VAL A 65 13.26 0.45 -28.75
CA VAL A 65 12.63 0.60 -27.44
C VAL A 65 11.79 -0.64 -27.20
N SER A 66 11.97 -1.26 -26.03
CA SER A 66 11.26 -2.49 -25.67
C SER A 66 10.46 -2.23 -24.42
N ILE A 67 9.14 -2.32 -24.54
CA ILE A 67 8.22 -2.00 -23.46
C ILE A 67 7.70 -3.32 -22.89
N ILE A 68 7.94 -3.57 -21.60
CA ILE A 68 7.49 -4.80 -20.95
C ILE A 68 6.80 -4.48 -19.64
N ASP A 69 5.69 -5.18 -19.39
CA ASP A 69 4.99 -5.16 -18.10
C ASP A 69 5.92 -5.64 -17.00
N ALA A 70 6.14 -4.81 -15.98
CA ALA A 70 7.14 -5.15 -14.97
C ALA A 70 6.73 -6.33 -14.11
N THR A 71 5.42 -6.64 -14.02
CA THR A 71 4.97 -7.69 -13.10
C THR A 71 5.11 -9.09 -13.68
N ASN A 72 5.10 -9.25 -15.01
CA ASN A 72 5.20 -10.57 -15.61
C ASN A 72 6.17 -10.63 -16.79
N ASN A 73 6.89 -9.55 -17.07
CA ASN A 73 7.89 -9.49 -18.15
C ASN A 73 7.28 -9.65 -19.55
N ARG A 74 5.92 -9.55 -19.66
CA ARG A 74 5.26 -9.67 -20.95
C ARG A 74 5.33 -8.37 -21.73
N PRO A 75 5.55 -8.43 -23.05
CA PRO A 75 5.59 -7.21 -23.85
C PRO A 75 4.26 -6.49 -23.81
N ILE A 76 4.31 -5.17 -23.87
CA ILE A 76 3.11 -4.35 -23.97
C ILE A 76 2.99 -3.90 -25.41
N GLN A 77 1.87 -4.22 -26.06
CA GLN A 77 1.61 -3.82 -27.42
C GLN A 77 0.78 -2.53 -27.45
N ASN A 78 1.13 -1.65 -28.40
CA ASN A 78 0.37 -0.44 -28.70
C ASN A 78 0.52 0.64 -27.64
N ALA A 79 1.61 0.63 -26.89
CA ALA A 79 1.95 1.76 -26.04
C ALA A 79 2.43 2.92 -26.92
N VAL A 80 2.28 4.14 -26.40
CA VAL A 80 2.79 5.32 -27.08
C VAL A 80 4.21 5.55 -26.63
N VAL A 81 5.09 5.94 -27.55
CA VAL A 81 6.48 6.21 -27.23
C VAL A 81 6.84 7.54 -27.85
N ASN A 82 7.16 8.52 -27.03
CA ASN A 82 7.65 9.80 -27.50
C ASN A 82 9.15 9.88 -27.23
N ILE A 83 9.89 10.57 -28.11
CA ILE A 83 11.33 10.82 -27.94
C ILE A 83 11.54 12.32 -27.94
N TYR A 84 12.34 12.83 -27.00
CA TYR A 84 12.71 14.24 -26.97
C TYR A 84 14.23 14.37 -26.84
N SER A 85 14.75 15.59 -27.01
CA SER A 85 16.18 15.84 -26.96
C SER A 85 16.58 16.54 -25.67
N MET A 86 17.89 16.70 -25.48
CA MET A 86 18.43 17.42 -24.33
C MET A 86 19.52 18.41 -24.74
N SER A 92 16.76 23.14 -22.07
CA SER A 92 16.32 23.03 -23.46
C SER A 92 16.03 21.57 -23.88
N SER A 93 14.91 21.37 -24.59
CA SER A 93 14.39 20.05 -24.91
C SER A 93 13.22 20.20 -25.86
N SER A 94 13.16 19.36 -26.89
CA SER A 94 12.11 19.49 -27.90
C SER A 94 11.83 18.16 -28.60
N THR A 95 10.63 18.07 -29.18
CA THR A 95 10.12 16.82 -29.75
C THR A 95 10.94 16.38 -30.96
N LEU A 96 11.04 15.06 -31.14
CA LEU A 96 11.69 14.46 -32.31
C LEU A 96 10.81 13.36 -32.92
N TYR A 97 10.29 12.46 -32.08
CA TYR A 97 9.36 11.42 -32.49
C TYR A 97 8.11 11.51 -31.64
N GLN A 98 6.94 11.37 -32.27
CA GLN A 98 5.65 11.50 -31.58
C GLN A 98 4.76 10.31 -31.88
N ASN A 99 4.17 9.76 -30.83
CA ASN A 99 3.12 8.76 -30.98
C ASN A 99 3.58 7.53 -31.72
N LEU A 100 4.83 7.13 -31.50
CA LEU A 100 5.24 5.80 -31.93
C LEU A 100 4.40 4.77 -31.18
N ARG A 101 4.09 3.66 -31.86
CA ARG A 101 3.30 2.58 -31.28
C ARG A 101 4.13 1.31 -31.20
N SER A 102 4.18 0.69 -30.02
CA SER A 102 4.91 -0.56 -29.88
C SER A 102 4.17 -1.69 -30.59
N ASN A 103 4.93 -2.65 -31.12
CA ASN A 103 4.34 -3.71 -31.91
C ASN A 103 3.92 -4.86 -30.98
N GLU A 104 3.69 -6.06 -31.55
CA GLU A 104 3.21 -7.16 -30.73
C GLU A 104 4.29 -7.76 -29.85
N SER A 105 5.56 -7.43 -30.08
CA SER A 105 6.64 -7.82 -29.18
C SER A 105 7.03 -6.67 -28.25
N GLY A 106 6.15 -5.68 -28.10
CA GLY A 106 6.43 -4.57 -27.23
C GLY A 106 7.49 -3.61 -27.73
N GLN A 107 7.83 -3.67 -29.01
CA GLN A 107 9.00 -2.95 -29.50
C GLN A 107 8.63 -1.91 -30.54
N VAL A 108 9.45 -0.85 -30.56
CA VAL A 108 9.53 0.12 -31.65
C VAL A 108 10.98 0.09 -32.08
N THR A 109 11.26 -0.38 -33.30
CA THR A 109 12.64 -0.66 -33.68
C THR A 109 13.11 0.32 -34.75
N GLY A 110 14.43 0.41 -34.86
CA GLY A 110 14.99 1.08 -36.02
C GLY A 110 14.85 2.58 -36.03
N LEU A 111 14.60 3.20 -34.88
CA LEU A 111 14.61 4.65 -34.82
C LEU A 111 16.01 5.17 -35.15
N VAL A 112 16.06 6.34 -35.77
CA VAL A 112 17.29 6.98 -36.20
C VAL A 112 17.41 8.31 -35.47
N LEU A 113 18.51 8.49 -34.74
CA LEU A 113 18.67 9.71 -33.97
C LEU A 113 20.07 10.25 -34.17
N PRO A 114 20.22 11.58 -34.26
CA PRO A 114 21.57 12.15 -34.36
C PRO A 114 22.39 11.82 -33.15
N ALA A 115 23.71 11.81 -33.35
CA ALA A 115 24.72 11.44 -32.37
C ALA A 115 26.00 12.11 -32.79
N PRO A 116 26.85 12.52 -31.86
CA PRO A 116 28.11 13.18 -32.24
C PRO A 116 28.93 12.32 -33.21
N ASP A 117 29.87 12.94 -33.91
CA ASP A 117 30.79 12.18 -34.73
C ASP A 117 31.35 11.00 -33.95
N VAL A 118 31.37 9.83 -34.58
CA VAL A 118 31.89 8.64 -33.94
C VAL A 118 33.33 8.83 -33.48
N ASP A 119 34.08 9.78 -34.09
CA ASP A 119 35.48 9.93 -33.73
C ASP A 119 35.65 10.36 -32.28
N TYR A 120 34.65 11.05 -31.71
CA TYR A 120 34.76 11.52 -30.32
C TYR A 120 34.76 10.37 -29.33
N SER A 121 34.31 9.19 -29.75
CA SER A 121 34.29 8.03 -28.87
C SER A 121 35.47 7.10 -29.12
N LEU A 122 36.42 7.47 -29.99
CA LEU A 122 37.57 6.62 -30.25
C LEU A 122 38.86 7.23 -29.71
N GLN A 123 38.80 8.40 -29.12
CA GLN A 123 39.93 8.96 -28.40
C GLN A 123 39.40 9.65 -27.15
N PRO A 124 40.23 9.83 -26.13
CA PRO A 124 39.85 10.70 -25.02
C PRO A 124 39.53 12.09 -25.53
N SER A 125 38.38 12.64 -25.11
CA SER A 125 37.87 13.86 -25.71
C SER A 125 37.23 14.78 -24.67
N ASP A 126 37.23 16.08 -24.98
CA ASP A 126 36.46 17.05 -24.19
C ASP A 126 34.98 17.10 -24.59
N VAL A 127 34.64 16.63 -25.78
CA VAL A 127 33.27 16.63 -26.27
C VAL A 127 32.57 15.35 -25.83
N ARG A 128 31.33 15.48 -25.39
CA ARG A 128 30.54 14.29 -25.04
C ARG A 128 30.33 13.48 -26.31
N PRO A 129 30.78 12.23 -26.36
CA PRO A 129 30.75 11.46 -27.62
C PRO A 129 29.43 10.79 -27.92
N TYR A 130 28.40 11.06 -27.11
CA TYR A 130 27.09 10.46 -27.29
C TYR A 130 26.01 11.51 -27.08
N SER A 131 24.88 11.28 -27.74
CA SER A 131 23.70 12.11 -27.54
C SER A 131 22.94 11.64 -26.32
N GLN A 132 22.07 12.51 -25.81
CA GLN A 132 21.21 12.15 -24.70
C GLN A 132 19.77 12.43 -25.10
N TYR A 133 18.86 11.53 -24.77
CA TYR A 133 17.48 11.69 -25.21
C TYR A 133 16.55 11.32 -24.08
N ILE A 134 15.29 11.68 -24.27
CA ILE A 134 14.24 11.34 -23.33
C ILE A 134 13.28 10.37 -24.03
N VAL A 135 12.99 9.26 -23.38
CA VAL A 135 12.09 8.28 -23.94
C VAL A 135 10.91 8.18 -22.99
N GLU A 136 9.72 8.41 -23.50
CA GLU A 136 8.51 8.43 -22.69
C GLU A 136 7.60 7.31 -23.18
N ALA A 137 7.18 6.43 -22.27
CA ALA A 137 6.24 5.36 -22.57
C ALA A 137 4.92 5.63 -21.86
N ILE A 138 3.83 5.61 -22.62
CA ILE A 138 2.48 5.73 -22.07
C ILE A 138 1.66 4.52 -22.53
N ALA A 139 0.87 3.96 -21.62
CA ALA A 139 0.04 2.83 -21.97
C ALA A 139 -1.09 2.71 -20.97
N ASP A 140 -2.28 2.36 -21.47
CA ASP A 140 -3.49 2.30 -20.63
C ASP A 140 -3.37 1.23 -19.58
N GLY A 141 -3.75 1.56 -18.35
CA GLY A 141 -3.61 0.65 -17.24
C GLY A 141 -2.26 0.70 -16.57
N TYR A 142 -1.29 1.35 -17.20
CA TYR A 142 0.08 1.35 -16.72
C TYR A 142 0.51 2.75 -16.33
N GLU A 143 1.35 2.83 -15.30
CA GLU A 143 1.96 4.08 -14.89
C GLU A 143 3.03 4.50 -15.89
N THR A 144 3.00 5.76 -16.29
CA THR A 144 3.89 6.24 -17.34
C THR A 144 5.34 6.20 -16.89
N VAL A 145 6.25 5.93 -17.83
CA VAL A 145 7.69 5.84 -17.55
C VAL A 145 8.40 6.84 -18.44
N VAL A 146 9.25 7.68 -17.84
CA VAL A 146 10.12 8.57 -18.57
C VAL A 146 11.54 8.15 -18.26
N ILE A 147 12.36 8.04 -19.28
CA ILE A 147 13.77 7.73 -19.14
C ILE A 147 14.51 8.94 -19.64
N GLU A 148 15.35 9.53 -18.80
CA GLU A 148 16.05 10.76 -19.13
C GLU A 148 17.52 10.45 -19.27
N GLY A 149 18.10 10.76 -20.43
CA GLY A 149 19.52 10.56 -20.64
C GLY A 149 19.91 9.34 -21.44
N THR A 150 18.95 8.65 -22.09
CA THR A 150 19.26 7.58 -23.04
C THR A 150 20.39 7.99 -23.96
N GLN A 151 21.46 7.23 -23.93
CA GLN A 151 22.73 7.64 -24.54
C GLN A 151 22.88 6.96 -25.88
N LEU A 152 23.10 7.74 -26.94
CA LEU A 152 23.20 7.22 -28.30
C LEU A 152 24.60 7.42 -28.88
N LEU A 153 25.18 6.34 -29.40
CA LEU A 153 26.46 6.38 -30.08
C LEU A 153 26.28 6.25 -31.58
N ALA A 154 27.03 7.05 -32.35
CA ALA A 154 26.91 6.98 -33.80
C ALA A 154 27.24 5.57 -34.30
N THR A 155 26.61 5.19 -35.43
CA THR A 155 26.81 3.95 -36.19
C THR A 155 26.39 2.67 -35.47
N ILE A 156 25.73 2.77 -34.32
CA ILE A 156 25.56 1.67 -33.37
C ILE A 156 24.12 1.69 -32.86
N GLU A 157 23.59 0.51 -32.49
CA GLU A 157 22.20 0.42 -32.03
C GLU A 157 22.17 0.43 -30.51
N ALA A 158 21.55 1.48 -29.95
CA ALA A 158 21.16 1.50 -28.55
C ALA A 158 19.85 0.76 -28.37
N ARG A 159 19.74 0.00 -27.28
CA ARG A 159 18.52 -0.73 -26.96
C ARG A 159 18.01 -0.23 -25.62
N GLN A 160 16.85 0.40 -25.61
CA GLN A 160 16.31 0.96 -24.38
C GLN A 160 15.17 0.07 -23.92
N GLY A 161 15.23 -0.41 -22.69
CA GLY A 161 14.16 -1.19 -22.10
C GLY A 161 13.32 -0.30 -21.21
N VAL A 162 11.99 -0.48 -21.29
CA VAL A 162 11.06 0.30 -20.48
C VAL A 162 10.17 -0.66 -19.71
N PRO A 163 10.40 -0.85 -18.39
CA PRO A 163 9.47 -1.67 -17.59
C PRO A 163 8.37 -0.81 -16.95
N MET A 164 7.10 -1.11 -17.23
CA MET A 164 5.97 -0.30 -16.78
C MET A 164 5.18 -1.02 -15.69
N SER A 165 4.81 -0.29 -14.65
CA SER A 165 4.01 -1.08 -13.72
C SER A 165 2.53 -0.83 -13.95
N PRO A 166 1.67 -1.78 -13.60
CA PRO A 166 0.22 -1.54 -13.67
C PRO A 166 -0.24 -0.67 -12.52
N ARG A 167 -1.36 0.01 -12.72
CA ARG A 167 -1.83 0.94 -11.72
C ARG A 167 -2.61 0.26 -10.58
N ARG A 176 -2.26 7.65 -10.33
CA ARG A 176 -2.93 8.03 -11.56
C ARG A 176 -2.16 9.09 -12.34
N GLN A 177 -1.90 10.26 -11.72
CA GLN A 177 -1.01 11.24 -12.32
C GLN A 177 0.43 11.09 -11.85
N SER A 178 0.79 9.97 -11.24
CA SER A 178 2.19 9.80 -10.92
C SER A 178 2.90 9.16 -12.10
N GLU A 179 4.23 9.33 -12.15
CA GLU A 179 5.05 8.83 -13.23
C GLU A 179 6.36 8.33 -12.66
N LEU A 180 6.99 7.37 -13.34
CA LEU A 180 8.34 6.92 -13.01
C LEU A 180 9.34 7.68 -13.86
N ILE A 181 10.36 8.24 -13.23
CA ILE A 181 11.46 8.87 -13.95
C ILE A 181 12.72 8.12 -13.60
N PHE A 182 13.36 7.56 -14.62
CA PHE A 182 14.69 7.01 -14.48
C PHE A 182 15.65 7.95 -15.15
N ASP A 183 16.73 8.25 -14.47
CA ASP A 183 17.71 9.17 -15.01
C ASP A 183 19.02 8.42 -15.27
N ILE A 184 19.65 8.70 -16.40
CA ILE A 184 20.92 8.06 -16.72
C ILE A 184 22.01 9.12 -16.63
N GLY A 185 22.92 8.93 -15.68
CA GLY A 185 24.03 9.85 -15.48
C GLY A 185 25.02 9.79 -16.62
N GLU A 186 26.13 10.49 -16.43
CA GLU A 186 27.11 10.54 -17.51
C GLU A 186 27.90 9.26 -17.54
N HIS A 187 28.28 8.84 -18.74
CA HIS A 187 29.16 7.69 -18.92
C HIS A 187 30.45 7.88 -18.12
N THR A 188 30.99 6.80 -17.58
CA THR A 188 32.16 6.96 -16.71
C THR A 188 33.37 7.46 -17.48
N LEU A 189 33.49 7.10 -18.77
CA LEU A 189 34.60 7.60 -19.58
C LEU A 189 34.49 9.08 -19.84
N TYR A 190 33.32 9.69 -19.62
CA TYR A 190 33.17 11.12 -19.83
C TYR A 190 32.98 11.90 -18.53
N GLY A 191 32.04 11.49 -17.69
CA GLY A 191 31.75 12.20 -16.47
C GLY A 191 32.84 11.98 -15.44
N THR A 192 32.70 12.65 -14.31
CA THR A 192 33.66 12.53 -13.23
C THR A 192 33.00 11.82 -12.04
N TYR A 193 33.56 10.65 -11.69
CA TYR A 193 33.03 9.78 -10.66
C TYR A 193 34.10 9.52 -9.62
N PRO A 194 33.71 9.24 -8.37
CA PRO A 194 34.70 8.99 -7.31
C PRO A 194 35.59 7.81 -7.68
N PRO A 195 36.90 7.93 -7.52
CA PRO A 195 37.80 6.85 -7.97
C PRO A 195 37.67 5.60 -7.12
N LYS A 196 38.11 4.49 -7.72
CA LYS A 196 37.92 3.15 -7.17
C LYS A 196 38.87 2.94 -6.01
N ILE A 197 38.32 2.85 -4.80
CA ILE A 197 39.07 2.57 -3.58
C ILE A 197 39.95 1.35 -3.80
N PRO A 198 41.26 1.43 -3.54
CA PRO A 198 42.13 0.29 -3.79
C PRO A 198 41.79 -0.87 -2.88
N GLU A 199 42.15 -2.06 -3.32
CA GLU A 199 41.61 -3.24 -2.68
C GLU A 199 42.32 -4.44 -3.26
N SER A 200 42.46 -5.49 -2.46
CA SER A 200 43.27 -6.64 -2.88
C SER A 200 42.57 -7.47 -3.95
N ASN A 201 43.39 -8.14 -4.77
CA ASN A 201 42.90 -8.89 -5.93
C ASN A 201 42.40 -10.27 -5.57
N LEU A 202 42.88 -10.86 -4.48
CA LEU A 202 42.45 -12.17 -4.00
C LEU A 202 41.91 -12.00 -2.59
N LYS A 203 40.87 -12.74 -2.26
CA LYS A 203 40.12 -12.58 -1.03
C LYS A 203 40.11 -13.91 -0.29
N PRO A 204 39.87 -13.93 1.03
CA PRO A 204 39.82 -15.20 1.74
C PRO A 204 38.55 -15.97 1.43
N LEU A 205 38.64 -17.29 1.56
CA LEU A 205 37.52 -18.15 1.22
C LEU A 205 37.26 -19.13 2.34
N PRO A 206 36.02 -19.59 2.48
CA PRO A 206 35.75 -20.74 3.34
C PRO A 206 36.50 -21.96 2.83
N PRO A 207 36.75 -22.94 3.68
CA PRO A 207 37.47 -24.12 3.26
C PRO A 207 36.58 -25.00 2.34
N PRO A 208 37.21 -25.78 1.47
CA PRO A 208 36.41 -26.55 0.49
C PRO A 208 35.54 -27.58 1.19
N THR A 209 34.24 -27.59 0.81
CA THR A 209 33.32 -28.65 1.22
C THR A 209 33.49 -29.93 0.42
N GLY A 210 34.33 -29.92 -0.61
CA GLY A 210 34.56 -31.11 -1.42
C GLY A 210 33.46 -31.43 -2.40
N PHE A 211 32.63 -30.47 -2.77
CA PHE A 211 31.60 -30.68 -3.79
C PHE A 211 31.98 -30.11 -5.14
N VAL A 212 33.12 -29.42 -5.21
CA VAL A 212 33.78 -28.96 -6.43
C VAL A 212 32.96 -27.94 -7.22
N VAL A 213 31.70 -28.23 -7.52
CA VAL A 213 30.87 -27.16 -8.05
C VAL A 213 30.61 -26.14 -6.96
N LEU A 214 30.40 -26.58 -5.71
CA LEU A 214 30.24 -25.61 -4.63
C LEU A 214 31.55 -24.96 -4.23
N ASP A 215 32.68 -25.63 -4.47
CA ASP A 215 33.98 -25.09 -4.11
C ASP A 215 34.56 -24.18 -5.16
N ASN A 216 33.79 -23.77 -6.17
CA ASN A 216 34.32 -22.98 -7.27
C ASN A 216 33.23 -22.09 -7.82
N PRO A 217 33.59 -21.04 -8.56
CA PRO A 217 32.57 -20.06 -8.98
C PRO A 217 31.50 -20.70 -9.83
N VAL A 218 30.25 -20.30 -9.61
CA VAL A 218 29.18 -20.56 -10.56
C VAL A 218 28.49 -19.24 -10.85
N VAL A 219 28.01 -19.08 -12.10
CA VAL A 219 27.26 -17.87 -12.44
C VAL A 219 25.88 -17.94 -11.80
N PRO A 220 25.57 -17.04 -10.87
CA PRO A 220 24.24 -17.05 -10.30
C PRO A 220 23.24 -16.60 -11.33
N GLU A 221 22.01 -16.70 -10.96
CA GLU A 221 20.98 -16.26 -11.87
C GLU A 221 20.74 -14.77 -11.70
N PHE A 222 20.86 -14.27 -10.47
CA PHE A 222 20.55 -12.89 -10.15
C PHE A 222 21.67 -12.28 -9.34
N ILE A 223 21.77 -10.97 -9.43
CA ILE A 223 22.67 -10.16 -8.62
C ILE A 223 21.75 -9.22 -7.84
N VAL A 224 22.05 -8.97 -6.57
CA VAL A 224 21.25 -8.03 -5.80
C VAL A 224 22.05 -6.75 -5.64
N VAL A 225 21.71 -5.72 -6.42
CA VAL A 225 22.50 -4.50 -6.50
C VAL A 225 21.98 -3.47 -5.50
N HIS A 226 22.90 -2.92 -4.73
CA HIS A 226 22.61 -1.87 -3.75
C HIS A 226 22.95 -0.53 -4.40
N ASP A 227 21.93 0.27 -4.70
CA ASP A 227 22.13 1.49 -5.47
C ASP A 227 22.60 2.61 -4.56
N GLY A 228 23.84 2.49 -4.10
CA GLY A 228 24.43 3.46 -3.20
C GLY A 228 25.59 2.85 -2.44
N LEU A 229 26.14 3.64 -1.53
CA LEU A 229 27.25 3.18 -0.73
C LEU A 229 26.82 1.97 0.12
N PRO A 230 27.77 1.10 0.47
CA PRO A 230 27.43 -0.02 1.37
C PRO A 230 26.79 0.40 2.68
N GLU A 231 27.27 1.50 3.26
CA GLU A 231 26.90 1.92 4.59
C GLU A 231 25.67 2.83 4.61
N ASP A 232 25.05 3.07 3.46
CA ASP A 232 23.81 3.84 3.40
C ASP A 232 22.65 2.85 3.29
N SER A 233 22.04 2.51 4.43
CA SER A 233 21.04 1.45 4.47
C SER A 233 19.72 1.83 3.80
N SER A 234 19.54 3.10 3.41
CA SER A 234 18.28 3.55 2.83
C SER A 234 18.26 3.42 1.31
N ALA A 235 19.38 3.04 0.68
CA ALA A 235 19.40 2.88 -0.77
C ALA A 235 18.73 1.58 -1.18
N PRO A 236 18.07 1.57 -2.32
CA PRO A 236 17.30 0.39 -2.72
C PRO A 236 18.19 -0.74 -3.20
N ASN A 237 17.67 -1.95 -3.09
CA ASN A 237 18.30 -3.16 -3.61
C ASN A 237 17.47 -3.70 -4.75
N TYR A 238 18.10 -3.98 -5.89
CA TYR A 238 17.43 -4.53 -7.05
C TYR A 238 17.92 -5.95 -7.36
N TRP A 239 17.01 -6.82 -7.78
CA TRP A 239 17.39 -8.14 -8.29
C TRP A 239 17.58 -8.01 -9.79
N ILE A 240 18.83 -8.04 -10.25
CA ILE A 240 19.13 -7.92 -11.68
C ILE A 240 19.52 -9.29 -12.20
N PRO A 241 19.01 -9.72 -13.34
CA PRO A 241 19.51 -10.96 -13.93
C PRO A 241 20.98 -10.78 -14.29
N PHE A 242 21.78 -11.82 -14.05
CA PHE A 242 23.23 -11.69 -14.23
C PHE A 242 23.60 -11.03 -15.54
N LYS A 243 23.13 -11.58 -16.66
CA LYS A 243 23.57 -11.07 -17.96
C LYS A 243 23.09 -9.65 -18.19
N GLU A 244 21.93 -9.28 -17.69
CA GLU A 244 21.57 -7.88 -17.86
C GLU A 244 22.44 -7.01 -16.96
N TYR A 245 22.87 -7.55 -15.82
CA TYR A 245 23.80 -6.83 -14.98
C TYR A 245 25.10 -6.53 -15.73
N ILE A 246 25.78 -7.56 -16.22
CA ILE A 246 27.05 -7.33 -16.88
C ILE A 246 26.90 -6.34 -18.03
N LYS A 247 25.75 -6.34 -18.71
CA LYS A 247 25.57 -5.51 -19.91
C LYS A 247 25.44 -4.06 -19.51
N ASN A 248 24.84 -3.84 -18.34
CA ASN A 248 24.61 -2.53 -17.75
C ASN A 248 25.91 -1.91 -17.26
N ILE A 249 26.74 -2.71 -16.58
CA ILE A 249 28.09 -2.25 -16.23
C ILE A 249 28.87 -1.91 -17.49
N ALA A 250 28.93 -2.84 -18.44
CA ALA A 250 29.77 -2.62 -19.61
C ALA A 250 29.31 -1.42 -20.42
N SER A 251 28.01 -1.15 -20.46
CA SER A 251 27.54 0.00 -21.24
C SER A 251 27.95 1.33 -20.63
N SER A 252 28.37 1.35 -19.37
CA SER A 252 28.85 2.58 -18.74
C SER A 252 30.35 2.61 -18.61
N GLU A 253 31.02 1.47 -18.74
CA GLU A 253 32.46 1.44 -18.57
C GLU A 253 33.21 1.67 -19.88
N ILE A 254 32.70 1.14 -21.00
CA ILE A 254 33.32 1.32 -22.31
C ILE A 254 32.29 1.87 -23.28
N TYR A 255 32.76 2.29 -24.44
CA TYR A 255 31.90 2.68 -25.55
C TYR A 255 31.85 1.53 -26.54
N SER A 256 30.64 1.15 -26.97
CA SER A 256 30.48 -0.01 -27.85
C SER A 256 30.85 0.28 -29.30
N THR A 257 31.32 1.48 -29.62
CA THR A 257 32.00 1.75 -30.88
C THR A 257 33.44 1.30 -30.84
N TRP A 258 33.80 0.50 -29.87
CA TRP A 258 35.18 0.11 -29.68
C TRP A 258 35.44 -1.22 -30.38
N PRO A 259 36.71 -1.55 -30.66
CA PRO A 259 36.99 -2.80 -31.38
C PRO A 259 36.40 -3.98 -30.65
N GLU A 260 35.98 -4.99 -31.41
CA GLU A 260 35.34 -6.17 -30.81
C GLU A 260 36.22 -6.79 -29.73
N GLN A 261 37.48 -7.07 -30.05
CA GLN A 261 38.36 -7.74 -29.10
C GLN A 261 38.56 -6.93 -27.83
N THR A 262 38.42 -5.61 -27.92
CA THR A 262 38.50 -4.77 -26.74
C THR A 262 37.25 -4.87 -25.88
N ILE A 263 36.08 -5.02 -26.50
CA ILE A 263 34.87 -5.23 -25.71
C ILE A 263 34.95 -6.56 -24.96
N TYR A 264 35.38 -7.63 -25.64
CA TYR A 264 35.51 -8.93 -25.00
C TYR A 264 36.40 -8.84 -23.77
N ALA A 265 37.59 -8.25 -23.92
CA ALA A 265 38.52 -8.26 -22.80
C ALA A 265 38.01 -7.39 -21.66
N ASN A 266 37.29 -6.30 -21.95
CA ASN A 266 36.75 -5.54 -20.84
C ASN A 266 35.57 -6.26 -20.20
N VAL A 267 34.73 -6.94 -21.00
CA VAL A 267 33.58 -7.62 -20.40
C VAL A 267 34.06 -8.78 -19.53
N ILE A 268 35.19 -9.39 -19.86
CA ILE A 268 35.69 -10.48 -19.04
C ILE A 268 36.26 -9.96 -17.72
N ALA A 269 36.90 -8.79 -17.74
CA ALA A 269 37.31 -8.14 -16.49
C ALA A 269 36.10 -7.86 -15.61
N ILE A 270 35.04 -7.31 -16.19
CA ILE A 270 33.82 -7.03 -15.44
C ILE A 270 33.25 -8.31 -14.83
N ILE A 271 33.26 -9.42 -15.60
CA ILE A 271 32.72 -10.68 -15.09
C ILE A 271 33.60 -11.27 -14.00
N SER A 272 34.92 -11.22 -14.18
CA SER A 272 35.80 -11.69 -13.12
C SER A 272 35.53 -10.93 -11.85
N PHE A 273 35.52 -9.60 -11.94
CA PHE A 273 35.21 -8.81 -10.77
C PHE A 273 33.89 -9.25 -10.17
N THR A 274 32.82 -9.16 -10.95
CA THR A 274 31.48 -9.41 -10.41
C THR A 274 31.38 -10.78 -9.79
N LEU A 275 31.91 -11.83 -10.46
CA LEU A 275 31.87 -13.18 -9.90
C LEU A 275 32.78 -13.36 -8.70
N ASN A 276 33.79 -12.50 -8.51
CA ASN A 276 34.53 -12.54 -7.26
C ASN A 276 33.69 -11.99 -6.11
N ARG A 277 32.93 -10.92 -6.35
CA ARG A 277 32.00 -10.48 -5.32
C ARG A 277 31.00 -11.58 -4.99
N VAL A 278 30.55 -12.31 -6.00
CA VAL A 278 29.57 -13.36 -5.75
C VAL A 278 30.20 -14.52 -5.03
N PHE A 279 31.35 -14.99 -5.54
CA PHE A 279 31.95 -16.21 -5.03
C PHE A 279 32.48 -16.02 -3.61
N THR A 280 33.20 -14.94 -3.34
CA THR A 280 33.68 -14.68 -1.99
C THR A 280 32.55 -14.23 -1.05
N GLU A 281 31.34 -14.04 -1.56
CA GLU A 281 30.22 -13.52 -0.78
C GLU A 281 30.66 -12.30 0.02
N TRP A 282 31.29 -11.37 -0.69
CA TRP A 282 31.95 -10.23 -0.05
C TRP A 282 31.03 -9.52 0.92
N TYR A 283 29.89 -9.02 0.43
CA TYR A 283 29.06 -8.18 1.28
C TYR A 283 28.15 -8.95 2.23
N ARG A 284 27.81 -10.20 1.93
CA ARG A 284 27.01 -10.97 2.89
C ARG A 284 27.80 -11.26 4.15
N ASN A 285 29.05 -11.71 3.98
CA ASN A 285 29.86 -12.03 5.14
C ASN A 285 30.30 -10.82 5.90
N LYS A 286 29.99 -9.62 5.40
CA LYS A 286 30.13 -8.40 6.18
C LYS A 286 28.81 -7.97 6.77
N GLY A 287 27.76 -8.73 6.54
CA GLY A 287 26.50 -8.47 7.19
C GLY A 287 25.59 -7.56 6.43
N TYR A 288 25.85 -7.35 5.14
CA TYR A 288 24.91 -6.64 4.29
C TYR A 288 24.07 -7.65 3.51
N ASN A 289 22.86 -7.21 3.16
CA ASN A 289 21.94 -8.03 2.37
C ASN A 289 21.98 -7.67 0.89
N PHE A 290 23.17 -7.69 0.27
CA PHE A 290 23.28 -7.48 -1.16
C PHE A 290 24.59 -8.08 -1.64
N THR A 291 24.72 -8.18 -2.97
CA THR A 291 25.85 -8.81 -3.63
C THR A 291 26.94 -7.80 -4.04
N ILE A 292 26.53 -6.61 -4.49
CA ILE A 292 27.45 -5.63 -5.04
C ILE A 292 26.73 -4.30 -4.94
N THR A 293 27.49 -3.21 -4.86
CA THR A 293 26.85 -1.91 -4.91
C THR A 293 27.07 -1.26 -6.27
N SER A 294 26.34 -0.19 -6.52
CA SER A 294 26.39 0.47 -7.82
C SER A 294 27.49 1.50 -7.96
N THR A 295 28.28 1.75 -6.92
CA THR A 295 29.13 2.93 -6.92
C THR A 295 30.52 2.63 -7.49
N THR A 296 31.13 3.65 -8.08
CA THR A 296 32.44 3.44 -8.68
C THR A 296 33.53 3.33 -7.65
N ALA A 297 33.28 3.80 -6.42
CA ALA A 297 34.31 3.73 -5.39
C ALA A 297 34.57 2.29 -4.94
N TYR A 298 33.51 1.50 -4.69
CA TYR A 298 33.71 0.14 -4.23
C TYR A 298 33.52 -0.93 -5.30
N ASP A 299 32.91 -0.62 -6.44
CA ASP A 299 32.61 -1.67 -7.39
C ASP A 299 32.68 -1.13 -8.81
N HIS A 300 31.54 -0.86 -9.43
CA HIS A 300 31.52 -0.15 -10.70
C HIS A 300 30.10 0.32 -10.97
N LYS A 301 29.98 1.30 -11.87
CA LYS A 301 28.78 2.13 -11.95
C LYS A 301 27.64 1.36 -12.62
N PHE A 302 26.59 1.13 -11.84
CA PHE A 302 25.35 0.53 -12.29
C PHE A 302 24.24 1.57 -12.27
N ILE A 303 23.52 1.66 -13.38
CA ILE A 303 22.49 2.67 -13.57
C ILE A 303 21.23 1.91 -13.92
N ASN A 304 20.25 1.91 -13.01
CA ASN A 304 18.98 1.23 -13.21
C ASN A 304 18.30 1.67 -14.48
N ASN A 305 18.00 0.71 -15.35
CA ASN A 305 17.29 0.92 -16.60
C ASN A 305 18.06 1.74 -17.63
N ARG A 306 19.38 1.91 -17.49
CA ARG A 306 20.09 2.54 -18.59
C ARG A 306 19.93 1.71 -19.85
N ASN A 307 20.16 2.32 -21.01
CA ASN A 307 20.08 1.56 -22.25
C ASN A 307 21.35 0.77 -22.44
N LEU A 308 21.20 -0.42 -23.02
CA LEU A 308 22.33 -1.27 -23.39
C LEU A 308 22.66 -1.02 -24.84
N PHE A 309 23.71 -1.64 -25.33
CA PHE A 309 24.17 -1.40 -26.70
C PHE A 309 24.32 -2.75 -27.41
N GLU A 310 23.96 -2.78 -28.68
CA GLU A 310 23.97 -4.05 -29.40
C GLU A 310 25.34 -4.72 -29.49
N PRO A 311 26.45 -4.02 -29.78
CA PRO A 311 27.74 -4.73 -29.84
C PRO A 311 28.16 -5.32 -28.51
N ILE A 312 27.71 -4.74 -27.40
CA ILE A 312 28.06 -5.26 -26.09
C ILE A 312 27.16 -6.43 -25.73
N ASN A 313 25.87 -6.35 -26.08
CA ASN A 313 24.95 -7.44 -25.79
C ASN A 313 25.39 -8.74 -26.47
N VAL A 314 25.75 -8.68 -27.75
CA VAL A 314 26.11 -9.95 -28.37
C VAL A 314 27.39 -10.52 -27.75
N VAL A 315 28.32 -9.66 -27.30
CA VAL A 315 29.54 -10.16 -26.67
C VAL A 315 29.22 -10.86 -25.37
N VAL A 316 28.34 -10.25 -24.57
CA VAL A 316 28.04 -10.82 -23.27
C VAL A 316 27.24 -12.09 -23.38
N ASP A 317 26.20 -12.09 -24.21
CA ASP A 317 25.51 -13.35 -24.50
C ASP A 317 26.49 -14.48 -24.78
N ALA A 318 27.66 -14.15 -25.34
CA ALA A 318 28.57 -15.19 -25.81
C ALA A 318 29.61 -15.63 -24.77
N ILE A 319 30.04 -14.74 -23.85
CA ILE A 319 31.10 -15.13 -22.92
C ILE A 319 30.77 -14.78 -21.47
N PHE A 320 29.49 -14.71 -21.13
CA PHE A 320 29.12 -14.22 -19.80
C PHE A 320 29.54 -15.14 -18.67
N ASN A 321 30.11 -16.31 -18.94
CA ASN A 321 30.55 -17.21 -17.87
C ASN A 321 32.06 -17.43 -17.91
N THR A 322 32.79 -16.58 -18.62
CA THR A 322 34.24 -16.70 -18.76
C THR A 322 34.92 -15.74 -17.79
N PHE A 323 35.96 -16.20 -17.10
CA PHE A 323 36.64 -15.33 -16.13
C PHE A 323 38.13 -15.64 -16.03
N ILE A 324 38.87 -14.69 -15.37
CA ILE A 324 40.32 -14.73 -15.19
C ILE A 324 40.69 -15.38 -13.86
N LYS A 325 41.69 -16.24 -13.90
CA LYS A 325 42.29 -16.80 -12.70
C LYS A 325 43.77 -16.50 -12.71
N ARG A 326 44.27 -15.97 -11.62
CA ARG A 326 45.67 -15.64 -11.48
C ARG A 326 45.96 -15.72 -9.99
N PRO A 327 46.80 -16.65 -9.53
CA PRO A 327 47.58 -17.63 -10.28
C PRO A 327 46.66 -18.68 -10.87
N PRO A 328 47.11 -19.40 -11.90
CA PRO A 328 46.24 -20.40 -12.55
C PRO A 328 45.70 -21.43 -11.60
N THR A 329 46.27 -21.59 -10.41
CA THR A 329 45.77 -22.50 -9.39
C THR A 329 44.62 -21.94 -8.55
N SER A 330 44.19 -20.70 -8.77
CA SER A 330 43.17 -20.12 -7.92
C SER A 330 41.86 -20.89 -8.02
N ARG A 331 41.11 -20.88 -6.92
CA ARG A 331 39.70 -21.19 -6.96
C ARG A 331 38.89 -19.95 -7.30
N GLN A 332 39.27 -18.88 -6.77
CA GLN A 332 38.41 -17.73 -7.00
C GLN A 332 38.82 -16.95 -8.24
N PRO A 333 37.90 -16.25 -8.89
CA PRO A 333 38.28 -15.49 -10.07
C PRO A 333 38.96 -14.23 -9.63
N LEU A 334 39.89 -13.74 -10.47
CA LEU A 334 40.63 -12.54 -10.11
C LEU A 334 39.69 -11.34 -9.96
N LEU A 335 39.92 -10.54 -8.92
CA LEU A 335 39.16 -9.31 -8.70
C LEU A 335 39.69 -8.24 -9.64
N ALA A 336 39.41 -8.45 -10.93
CA ALA A 336 40.02 -7.67 -12.01
C ALA A 336 39.57 -6.22 -11.94
N GLN A 337 40.52 -5.31 -11.79
CA GLN A 337 40.22 -3.90 -11.66
C GLN A 337 40.78 -3.12 -12.84
N TYR A 338 40.10 -2.02 -13.16
CA TYR A 338 40.46 -1.23 -14.32
C TYR A 338 40.24 0.24 -13.98
N CYS A 339 40.53 1.09 -14.95
CA CYS A 339 40.35 2.55 -14.90
C CYS A 339 40.49 3.04 -16.33
N ASP A 340 40.06 4.26 -16.60
CA ASP A 340 40.10 4.71 -17.99
C ASP A 340 41.53 4.87 -18.49
N GLY A 341 42.37 5.58 -17.75
CA GLY A 341 43.75 5.79 -18.16
C GLY A 341 44.06 7.18 -18.66
N GLN A 342 43.19 8.16 -18.35
CA GLN A 342 43.45 9.57 -18.64
C GLN A 342 43.13 10.41 -17.40
N LYS A 343 41.87 10.37 -16.98
CA LYS A 343 41.50 10.94 -15.68
C LYS A 343 42.31 10.30 -14.57
N SER A 344 42.58 8.99 -14.67
CA SER A 344 43.22 8.25 -13.58
C SER A 344 44.14 7.15 -14.12
N GLN A 345 45.30 7.01 -13.48
CA GLN A 345 46.24 5.92 -13.70
C GLN A 345 45.93 4.77 -12.75
N CYS A 346 46.30 3.52 -13.15
CA CYS A 346 46.25 2.38 -12.23
C CYS A 346 47.14 1.23 -12.71
N PRO A 347 48.36 1.11 -12.18
CA PRO A 347 49.30 0.06 -12.66
C PRO A 347 48.98 -1.29 -12.05
N ASP A 348 49.57 -2.33 -12.66
CA ASP A 348 49.26 -3.74 -12.43
C ASP A 348 47.82 -4.09 -12.77
N GLN A 349 47.08 -3.14 -13.34
CA GLN A 349 45.68 -3.31 -13.70
C GLN A 349 45.51 -2.89 -15.14
N MET A 350 44.27 -2.89 -15.61
CA MET A 350 43.95 -2.58 -16.99
C MET A 350 43.47 -1.15 -17.11
N THR A 351 43.90 -0.47 -18.16
CA THR A 351 43.38 0.84 -18.49
C THR A 351 42.43 0.69 -19.67
N GLN A 352 41.25 1.29 -19.54
CA GLN A 352 40.22 1.15 -20.56
C GLN A 352 40.71 1.69 -21.89
N TRP A 353 41.25 2.92 -21.88
CA TRP A 353 41.82 3.49 -23.09
C TRP A 353 43.03 2.71 -23.58
N GLY A 354 43.71 1.98 -22.71
CA GLY A 354 44.88 1.24 -23.13
C GLY A 354 44.52 -0.02 -23.87
N SER A 355 43.41 -0.66 -23.46
CA SER A 355 42.90 -1.83 -24.17
C SER A 355 42.27 -1.45 -25.49
N LYS A 356 41.83 -0.21 -25.65
CA LYS A 356 41.37 0.25 -26.95
C LYS A 356 42.52 0.32 -27.93
N ASP A 357 43.67 0.84 -27.49
CA ASP A 357 44.85 0.88 -28.35
C ASP A 357 45.19 -0.51 -28.86
N LEU A 358 45.37 -1.45 -27.93
CA LEU A 358 45.67 -2.83 -28.31
C LEU A 358 44.59 -3.43 -29.19
N GLY A 359 43.31 -3.05 -28.98
CA GLY A 359 42.29 -3.43 -29.93
C GLY A 359 42.57 -2.89 -31.32
N ASP A 360 42.86 -1.59 -31.41
CA ASP A 360 43.18 -0.97 -32.69
C ASP A 360 44.38 -1.63 -33.34
N GLN A 361 45.35 -2.06 -32.55
CA GLN A 361 46.52 -2.70 -33.13
C GLN A 361 46.28 -4.18 -33.43
N GLY A 362 45.04 -4.66 -33.38
CA GLY A 362 44.72 -6.00 -33.85
C GLY A 362 45.01 -7.15 -32.91
N TYR A 363 45.21 -6.91 -31.61
CA TYR A 363 45.39 -7.98 -30.65
C TYR A 363 44.04 -8.63 -30.31
N ASP A 364 44.08 -9.94 -30.00
CA ASP A 364 42.88 -10.62 -29.51
C ASP A 364 42.74 -10.38 -28.01
N TYR A 365 41.64 -10.87 -27.43
CA TYR A 365 41.34 -10.48 -26.05
C TYR A 365 42.22 -11.20 -25.04
N GLU A 366 42.59 -12.45 -25.29
CA GLU A 366 43.46 -13.15 -24.35
C GLU A 366 44.81 -12.46 -24.22
N SER A 367 45.27 -11.80 -25.27
CA SER A 367 46.53 -11.08 -25.17
C SER A 367 46.33 -9.67 -24.64
N ILE A 368 45.14 -9.09 -24.80
CA ILE A 368 44.86 -7.80 -24.16
C ILE A 368 44.90 -7.97 -22.65
N LEU A 369 44.21 -8.99 -22.15
CA LEU A 369 44.20 -9.23 -20.71
C LEU A 369 45.57 -9.71 -20.22
N ARG A 370 46.23 -10.59 -20.98
CA ARG A 370 47.54 -11.06 -20.55
C ARG A 370 48.56 -9.93 -20.52
N TYR A 371 48.32 -8.84 -21.26
CA TYR A 371 49.24 -7.71 -21.30
C TYR A 371 49.13 -6.85 -20.05
N PHE A 372 47.92 -6.72 -19.49
CA PHE A 372 47.66 -5.91 -18.30
C PHE A 372 47.72 -6.72 -17.03
N TYR A 373 47.31 -7.98 -17.07
CA TYR A 373 47.27 -8.79 -15.87
C TYR A 373 48.31 -9.91 -15.83
N GLY A 374 48.97 -10.22 -16.95
CA GLY A 374 50.05 -11.21 -16.94
C GLY A 374 49.85 -12.44 -17.81
N ASP A 375 50.99 -12.99 -18.27
CA ASP A 375 51.00 -14.14 -19.19
C ASP A 375 50.27 -15.34 -18.58
N GLU A 376 50.53 -15.59 -17.29
CA GLU A 376 50.18 -16.81 -16.57
C GLU A 376 48.69 -16.97 -16.28
N ILE A 377 47.86 -15.94 -16.48
CA ILE A 377 46.44 -16.06 -16.18
C ILE A 377 45.80 -17.10 -17.07
N VAL A 378 44.74 -17.74 -16.58
CA VAL A 378 43.98 -18.69 -17.37
C VAL A 378 42.51 -18.30 -17.39
N PHE A 379 41.82 -18.78 -18.42
CA PHE A 379 40.45 -18.42 -18.70
C PHE A 379 39.59 -19.63 -18.38
N GLU A 380 38.62 -19.44 -17.50
CA GLU A 380 37.74 -20.49 -17.02
C GLU A 380 36.30 -20.22 -17.41
N ARG A 381 35.53 -21.29 -17.51
CA ARG A 381 34.12 -21.20 -17.83
C ARG A 381 33.35 -21.77 -16.66
N ALA A 382 32.52 -20.93 -16.03
CA ALA A 382 31.84 -21.31 -14.79
C ALA A 382 30.52 -22.00 -15.10
N PRO A 383 30.11 -22.96 -14.29
CA PRO A 383 28.73 -23.45 -14.36
C PRO A 383 27.76 -22.29 -14.29
N ILE A 384 26.60 -22.47 -14.92
CA ILE A 384 25.57 -21.43 -15.03
C ILE A 384 24.30 -21.94 -14.38
N VAL A 385 23.79 -21.23 -13.37
CA VAL A 385 22.42 -21.47 -12.94
C VAL A 385 21.52 -20.52 -13.71
N SER A 386 20.62 -21.08 -14.52
CA SER A 386 19.73 -20.33 -15.38
C SER A 386 18.27 -20.47 -15.01
N GLY A 387 17.97 -21.30 -14.00
CA GLY A 387 16.62 -21.65 -13.56
C GLY A 387 15.86 -22.53 -14.56
N VAL A 388 16.58 -23.14 -15.49
CA VAL A 388 16.09 -24.29 -16.24
C VAL A 388 17.10 -25.40 -15.97
N PRO A 389 16.70 -26.57 -15.44
CA PRO A 389 17.71 -27.53 -15.00
C PRO A 389 18.26 -28.38 -16.12
N VAL A 390 18.58 -27.75 -17.26
CA VAL A 390 19.29 -28.37 -18.36
C VAL A 390 20.35 -27.39 -18.83
N SER A 391 21.55 -27.89 -19.12
CA SER A 391 22.66 -27.06 -19.56
C SER A 391 22.90 -27.27 -21.04
N PHE A 392 23.47 -26.25 -21.67
CA PHE A 392 23.83 -26.36 -23.07
C PHE A 392 24.77 -27.53 -23.23
N PRO A 393 24.53 -28.45 -24.17
CA PRO A 393 25.29 -29.70 -24.19
C PRO A 393 26.64 -29.56 -24.87
N GLY A 394 27.02 -28.36 -25.31
CA GLY A 394 28.32 -28.12 -25.91
C GLY A 394 28.37 -28.30 -27.41
N THR A 395 27.24 -28.62 -28.05
CA THR A 395 27.18 -28.67 -29.51
C THR A 395 25.99 -27.85 -29.98
N THR A 396 26.25 -26.97 -30.94
CA THR A 396 25.20 -26.19 -31.57
C THR A 396 24.12 -27.09 -32.15
N LEU A 397 22.86 -26.80 -31.82
CA LEU A 397 21.72 -27.48 -32.41
C LEU A 397 21.15 -26.67 -33.58
N GLN A 398 20.83 -27.36 -34.66
CA GLN A 398 20.47 -26.74 -35.92
C GLN A 398 19.67 -27.76 -36.70
N VAL A 399 19.09 -27.33 -37.82
CA VAL A 399 18.35 -28.22 -38.68
C VAL A 399 19.07 -29.56 -38.78
N GLY A 400 18.33 -30.65 -38.63
CA GLY A 400 18.98 -31.94 -38.61
C GLY A 400 19.09 -32.55 -37.23
N SER A 401 19.38 -31.72 -36.21
CA SER A 401 19.51 -32.24 -34.85
C SER A 401 18.21 -32.83 -34.37
N SER A 402 18.32 -33.73 -33.39
CA SER A 402 17.19 -34.42 -32.83
C SER A 402 17.49 -34.73 -31.36
N GLY A 403 16.43 -35.09 -30.63
CA GLY A 403 16.60 -35.61 -29.29
C GLY A 403 16.06 -34.66 -28.22
N GLN A 404 16.50 -34.90 -26.98
CA GLN A 404 15.84 -34.24 -25.86
C GLN A 404 16.20 -32.77 -25.77
N TYR A 405 17.42 -32.40 -26.17
CA TYR A 405 17.79 -30.99 -26.12
C TYR A 405 16.93 -30.17 -27.07
N VAL A 406 16.63 -30.72 -28.25
CA VAL A 406 15.78 -30.04 -29.21
C VAL A 406 14.36 -29.93 -28.69
N ARG A 407 13.82 -31.02 -28.14
CA ARG A 407 12.49 -30.99 -27.57
C ARG A 407 12.39 -29.95 -26.46
N THR A 408 13.48 -29.75 -25.72
CA THR A 408 13.52 -28.77 -24.65
C THR A 408 13.55 -27.34 -25.19
N ILE A 409 14.25 -27.12 -26.30
CA ILE A 409 14.22 -25.81 -26.94
C ILE A 409 12.82 -25.52 -27.42
N GLN A 410 12.21 -26.47 -28.12
CA GLN A 410 10.88 -26.25 -28.67
C GLN A 410 9.87 -26.03 -27.56
N ASN A 411 10.05 -26.70 -26.42
CA ASN A 411 9.11 -26.50 -25.32
C ASN A 411 9.25 -25.11 -24.73
N GLN A 412 10.48 -24.61 -24.64
CA GLN A 412 10.69 -23.26 -24.13
C GLN A 412 10.14 -22.22 -25.09
N LEU A 413 10.45 -22.35 -26.40
CA LEU A 413 9.97 -21.35 -27.37
C LEU A 413 8.45 -21.30 -27.43
N ASN A 414 7.78 -22.46 -27.42
CA ASN A 414 6.32 -22.42 -27.39
C ASN A 414 5.80 -21.69 -26.15
N ALA A 415 6.43 -21.91 -25.00
CA ALA A 415 6.05 -21.17 -23.80
C ALA A 415 6.26 -19.68 -23.99
N ILE A 416 7.45 -19.31 -24.48
CA ILE A 416 7.72 -17.90 -24.77
C ILE A 416 6.68 -17.32 -25.70
N SER A 417 6.22 -18.11 -26.68
CA SER A 417 5.33 -17.52 -27.66
C SER A 417 3.97 -17.14 -27.08
N ASN A 418 3.62 -17.61 -25.88
CA ASN A 418 2.41 -17.14 -25.23
C ASN A 418 2.55 -15.70 -24.76
N SER A 419 3.76 -15.26 -24.45
CA SER A 419 3.99 -13.86 -24.17
C SER A 419 4.47 -13.09 -25.40
N TYR A 420 5.02 -13.76 -26.41
CA TYR A 420 5.58 -13.12 -27.60
C TYR A 420 5.00 -13.81 -28.82
N PRO A 421 3.75 -13.48 -29.19
CA PRO A 421 3.11 -14.21 -30.31
C PRO A 421 3.84 -14.08 -31.61
N ALA A 422 4.77 -13.14 -31.73
CA ALA A 422 5.57 -13.07 -32.95
C ALA A 422 6.36 -14.36 -33.15
N VAL A 423 6.65 -15.07 -32.07
CA VAL A 423 7.34 -16.36 -32.12
C VAL A 423 6.35 -17.46 -32.52
N PRO A 424 6.36 -17.92 -33.77
CA PRO A 424 5.38 -18.93 -34.17
C PRO A 424 5.56 -20.23 -33.42
N LYS A 425 4.45 -20.95 -33.23
CA LYS A 425 4.48 -22.22 -32.51
C LYS A 425 5.10 -23.32 -33.37
N VAL A 426 5.61 -24.35 -32.70
CA VAL A 426 6.21 -25.50 -33.37
C VAL A 426 5.71 -26.77 -32.70
N ILE A 427 5.50 -27.82 -33.50
CA ILE A 427 5.26 -29.14 -32.93
C ILE A 427 6.45 -29.54 -32.08
N GLU A 428 6.18 -29.92 -30.83
CA GLU A 428 7.27 -30.32 -29.93
C GLU A 428 7.52 -31.82 -30.09
N ASP A 429 8.35 -32.14 -31.06
CA ASP A 429 8.64 -33.52 -31.38
C ASP A 429 10.11 -33.89 -31.22
N GLY A 430 10.99 -32.91 -31.03
CA GLY A 430 12.40 -33.16 -30.85
C GLY A 430 13.20 -33.20 -32.13
N ILE A 431 12.60 -32.85 -33.26
CA ILE A 431 13.30 -32.81 -34.55
C ILE A 431 13.42 -31.35 -34.96
N TYR A 432 14.66 -30.88 -35.10
CA TYR A 432 14.95 -29.47 -35.34
C TYR A 432 14.75 -29.21 -36.83
N GLY A 433 13.52 -28.92 -37.21
CA GLY A 433 13.18 -28.70 -38.60
C GLY A 433 13.05 -27.22 -38.95
N THR A 434 12.65 -26.99 -40.19
CA THR A 434 12.46 -25.63 -40.66
C THR A 434 11.58 -24.81 -39.72
N ASP A 435 10.56 -25.43 -39.13
CA ASP A 435 9.70 -24.71 -38.19
C ASP A 435 10.54 -24.13 -37.07
N THR A 436 11.39 -24.96 -36.47
CA THR A 436 12.17 -24.52 -35.32
C THR A 436 13.19 -23.46 -35.70
N GLU A 437 13.86 -23.65 -36.84
CA GLU A 437 14.86 -22.66 -37.26
C GLU A 437 14.22 -21.30 -37.49
N ASN A 438 12.95 -21.26 -37.90
CA ASN A 438 12.25 -19.99 -38.11
C ASN A 438 11.82 -19.37 -36.78
N ALA A 439 11.36 -20.19 -35.82
CA ALA A 439 11.10 -19.67 -34.48
C ALA A 439 12.36 -19.13 -33.84
N VAL A 440 13.50 -19.78 -34.07
CA VAL A 440 14.70 -19.27 -33.42
C VAL A 440 15.18 -17.99 -34.08
N LYS A 441 14.93 -17.84 -35.39
CA LYS A 441 15.33 -16.61 -36.08
C LYS A 441 14.51 -15.41 -35.61
N ILE A 442 13.20 -15.59 -35.44
CA ILE A 442 12.36 -14.50 -34.96
C ILE A 442 12.69 -14.16 -33.52
N PHE A 443 12.86 -15.20 -32.68
CA PHE A 443 13.26 -14.97 -31.30
C PHE A 443 14.57 -14.19 -31.24
N GLN A 444 15.63 -14.73 -31.86
CA GLN A 444 16.91 -14.03 -31.94
C GLN A 444 16.72 -12.57 -32.29
N GLY A 445 15.92 -12.31 -33.35
CA GLY A 445 15.71 -10.93 -33.80
C GLY A 445 15.06 -10.03 -32.76
N ILE A 446 14.17 -10.58 -31.93
CA ILE A 446 13.52 -9.76 -30.92
C ILE A 446 14.51 -9.36 -29.82
N PHE A 447 15.41 -10.27 -29.41
CA PHE A 447 16.30 -9.98 -28.29
C PHE A 447 17.69 -9.60 -28.73
N GLY A 448 17.83 -9.09 -29.94
CA GLY A 448 19.08 -8.49 -30.39
C GLY A 448 20.21 -9.47 -30.67
N LEU A 449 19.88 -10.63 -31.24
CA LEU A 449 20.92 -11.61 -31.49
C LEU A 449 21.06 -11.84 -32.99
N PRO A 450 22.25 -12.16 -33.48
CA PRO A 450 22.38 -12.51 -34.90
C PRO A 450 21.39 -13.61 -35.23
N GLN A 451 20.65 -13.42 -36.32
CA GLN A 451 19.55 -14.33 -36.61
C GLN A 451 20.04 -15.52 -37.40
N SER A 452 21.03 -16.22 -36.83
CA SER A 452 21.53 -17.42 -37.48
C SER A 452 20.50 -18.52 -37.56
N GLY A 453 19.41 -18.46 -36.78
CA GLY A 453 18.45 -19.56 -36.78
C GLY A 453 19.04 -20.83 -36.22
N VAL A 454 19.90 -20.72 -35.24
CA VAL A 454 20.76 -21.79 -34.79
C VAL A 454 20.91 -21.63 -33.29
N VAL A 455 20.85 -22.71 -32.53
CA VAL A 455 20.86 -22.61 -31.07
C VAL A 455 22.27 -22.98 -30.60
N ASP A 456 23.18 -22.01 -30.65
CA ASP A 456 24.50 -22.16 -30.07
C ASP A 456 24.43 -21.70 -28.60
N PHE A 457 25.57 -21.64 -27.92
CA PHE A 457 25.58 -21.31 -26.49
C PHE A 457 24.80 -20.03 -26.20
N LYS A 458 25.11 -18.94 -26.88
CA LYS A 458 24.50 -17.67 -26.52
C LYS A 458 22.99 -17.69 -26.75
N THR A 459 22.53 -18.32 -27.83
CA THR A 459 21.09 -18.40 -28.01
C THR A 459 20.45 -19.34 -26.99
N TRP A 460 21.15 -20.39 -26.58
CA TRP A 460 20.57 -21.30 -25.60
C TRP A 460 20.22 -20.56 -24.31
N TYR A 461 21.20 -19.86 -23.74
CA TYR A 461 20.90 -19.20 -22.49
C TYR A 461 20.03 -17.97 -22.65
N GLU A 462 19.94 -17.39 -23.84
CA GLU A 462 18.98 -16.31 -23.96
C GLU A 462 17.58 -16.85 -23.97
N ILE A 463 17.36 -18.00 -24.61
CA ILE A 463 16.05 -18.64 -24.58
C ILE A 463 15.66 -18.96 -23.15
N SER A 464 16.54 -19.66 -22.42
CA SER A 464 16.24 -19.99 -21.03
C SER A 464 15.92 -18.75 -20.20
N ARG A 465 16.64 -17.65 -20.44
CA ARG A 465 16.41 -16.43 -19.69
C ARG A 465 15.01 -15.88 -19.94
N VAL A 466 14.58 -15.83 -21.20
CA VAL A 466 13.23 -15.30 -21.48
C VAL A 466 12.15 -16.29 -21.03
N TYR A 467 12.35 -17.58 -21.28
CA TYR A 467 11.40 -18.59 -20.80
C TYR A 467 11.13 -18.42 -19.31
N VAL A 468 12.19 -18.28 -18.53
CA VAL A 468 12.02 -18.10 -17.10
C VAL A 468 11.36 -16.76 -16.79
N ALA A 469 11.84 -15.67 -17.40
CA ALA A 469 11.28 -14.34 -17.17
C ALA A 469 9.77 -14.25 -17.41
N THR A 470 9.25 -15.04 -18.36
CA THR A 470 7.84 -14.96 -18.72
C THR A 470 6.99 -16.09 -18.14
N THR A 471 7.60 -17.13 -17.57
CA THR A 471 6.83 -18.19 -16.92
C THR A 471 6.98 -18.14 -15.41
N ARG A 472 7.22 -16.96 -14.85
CA ARG A 472 7.60 -16.87 -13.46
C ARG A 472 6.42 -16.60 -12.56
N ILE A 473 5.74 -15.48 -12.77
CA ILE A 473 4.55 -15.18 -11.99
C ILE A 473 3.28 -15.42 -12.79
N ALA A 474 3.33 -15.35 -14.12
CA ALA A 474 2.15 -15.59 -14.96
C ALA A 474 2.51 -15.76 -16.44
N GLY B 56 5.59 37.27 -30.76
CA GLY B 56 4.78 38.47 -30.65
C GLY B 56 5.02 39.21 -29.34
N HIS B 57 4.61 40.47 -29.28
CA HIS B 57 4.88 41.28 -28.09
C HIS B 57 4.35 40.59 -26.83
N MET B 58 5.13 40.69 -25.76
CA MET B 58 4.74 40.12 -24.48
C MET B 58 4.73 41.21 -23.41
N GLN B 59 3.87 41.04 -22.43
CA GLN B 59 3.84 41.86 -21.23
C GLN B 59 4.22 41.01 -20.02
N ASP B 60 4.39 41.69 -18.89
CA ASP B 60 4.68 40.99 -17.64
C ASP B 60 3.41 40.38 -17.09
N GLY B 61 3.55 39.18 -16.52
CA GLY B 61 2.54 38.59 -15.67
C GLY B 61 3.24 38.15 -14.39
N PHE B 62 2.46 37.97 -13.33
CA PHE B 62 3.05 37.70 -12.03
C PHE B 62 2.60 36.35 -11.48
N LEU B 63 3.51 35.68 -10.77
CA LEU B 63 3.24 34.35 -10.26
C LEU B 63 3.71 34.27 -8.81
N THR B 64 2.87 33.68 -7.96
CA THR B 64 3.25 33.28 -6.62
C THR B 64 3.00 31.80 -6.50
N VAL B 65 3.97 31.08 -5.96
CA VAL B 65 3.95 29.64 -5.84
C VAL B 65 3.96 29.33 -4.36
N SER B 66 2.99 28.55 -3.90
CA SER B 66 2.88 28.16 -2.50
C SER B 66 3.04 26.66 -2.40
N ILE B 67 4.11 26.23 -1.74
CA ILE B 67 4.41 24.83 -1.54
C ILE B 67 3.86 24.46 -0.17
N ILE B 68 2.99 23.45 -0.09
CA ILE B 68 2.55 22.96 1.20
C ILE B 68 2.74 21.45 1.24
N ASP B 69 2.94 20.95 2.46
CA ASP B 69 2.93 19.51 2.69
C ASP B 69 1.49 19.04 2.59
N ALA B 70 1.21 18.10 1.70
CA ALA B 70 -0.18 17.74 1.44
C ALA B 70 -0.81 17.01 2.63
N THR B 71 0.00 16.40 3.48
CA THR B 71 -0.56 15.66 4.62
C THR B 71 -1.02 16.57 5.75
N ASN B 72 -0.43 17.76 5.90
CA ASN B 72 -0.80 18.61 7.03
C ASN B 72 -0.98 20.07 6.66
N ASN B 73 -0.94 20.43 5.38
CA ASN B 73 -1.06 21.80 4.90
C ASN B 73 -0.12 22.76 5.60
N ARG B 74 0.98 22.24 6.18
CA ARG B 74 1.98 23.19 6.64
C ARG B 74 2.93 23.53 5.49
N PRO B 75 3.46 24.75 5.42
CA PRO B 75 4.26 25.13 4.25
C PRO B 75 5.63 24.45 4.26
N ILE B 76 6.21 24.34 3.08
CA ILE B 76 7.51 23.70 2.92
C ILE B 76 8.55 24.76 2.60
N GLN B 77 9.52 24.91 3.49
CA GLN B 77 10.59 25.88 3.33
C GLN B 77 11.81 25.21 2.73
N ASN B 78 12.51 25.98 1.89
CA ASN B 78 13.75 25.63 1.23
C ASN B 78 13.53 24.76 0.00
N ALA B 79 12.29 24.50 -0.39
CA ALA B 79 12.05 23.74 -1.60
C ALA B 79 12.49 24.52 -2.82
N VAL B 80 13.21 23.86 -3.72
CA VAL B 80 13.57 24.45 -5.00
C VAL B 80 12.32 24.56 -5.86
N VAL B 81 12.24 25.62 -6.65
CA VAL B 81 11.19 25.74 -7.64
C VAL B 81 11.83 26.15 -8.95
N ASN B 82 11.62 25.35 -10.00
CA ASN B 82 12.04 25.68 -11.36
C ASN B 82 10.81 26.02 -12.20
N ILE B 83 10.99 26.91 -13.18
CA ILE B 83 9.93 27.38 -14.06
C ILE B 83 10.38 27.21 -15.50
N TYR B 84 9.58 26.51 -16.32
CA TYR B 84 9.89 26.33 -17.72
C TYR B 84 8.80 26.92 -18.60
N SER B 85 9.17 27.32 -19.81
CA SER B 85 8.24 27.72 -20.84
C SER B 85 7.65 26.49 -21.52
N MET B 86 6.61 26.70 -22.33
CA MET B 86 5.92 25.57 -22.96
C MET B 86 5.74 25.79 -24.45
N SER B 87 5.06 24.83 -25.10
CA SER B 87 4.70 24.87 -26.52
C SER B 87 5.84 25.23 -27.49
N SER B 92 10.09 22.66 -27.62
CA SER B 92 8.90 23.24 -27.03
C SER B 92 9.16 23.95 -25.69
N SER B 93 10.10 23.40 -24.90
CA SER B 93 10.26 23.74 -23.48
C SER B 93 11.68 24.20 -23.17
N SER B 94 11.81 25.21 -22.31
CA SER B 94 13.14 25.67 -21.88
C SER B 94 13.04 26.44 -20.56
N THR B 95 14.19 26.55 -19.88
CA THR B 95 14.26 27.07 -18.52
C THR B 95 14.15 28.59 -18.48
N LEU B 96 13.57 29.10 -17.40
CA LEU B 96 13.45 30.54 -17.14
C LEU B 96 14.11 30.90 -15.81
N TYR B 97 13.41 30.64 -14.71
CA TYR B 97 13.97 30.63 -13.37
C TYR B 97 14.46 29.21 -13.05
N GLN B 98 15.51 29.10 -12.23
CA GLN B 98 16.26 27.84 -12.18
C GLN B 98 16.55 27.27 -10.79
N ASN B 99 16.34 28.01 -9.71
CA ASN B 99 16.69 27.48 -8.40
C ASN B 99 16.06 28.31 -7.31
N LEU B 100 14.90 28.91 -7.61
CA LEU B 100 14.17 29.64 -6.60
C LEU B 100 14.04 28.79 -5.36
N ARG B 101 14.14 29.40 -4.19
CA ARG B 101 13.95 28.68 -2.95
C ARG B 101 12.73 29.24 -2.22
N SER B 102 11.87 28.35 -1.74
CA SER B 102 10.69 28.78 -0.97
C SER B 102 11.12 29.35 0.38
N ASN B 103 10.35 30.34 0.87
CA ASN B 103 10.67 31.02 2.10
C ASN B 103 10.01 30.32 3.29
N GLU B 104 9.96 30.97 4.45
CA GLU B 104 9.40 30.32 5.63
C GLU B 104 7.89 30.12 5.56
N SER B 105 7.21 30.83 4.67
CA SER B 105 5.80 30.61 4.43
C SER B 105 5.54 29.73 3.22
N GLY B 106 6.56 28.99 2.79
CA GLY B 106 6.41 28.06 1.70
C GLY B 106 6.37 28.67 0.33
N GLN B 107 6.59 29.98 0.20
CA GLN B 107 6.26 30.69 -1.02
C GLN B 107 7.50 31.14 -1.78
N VAL B 108 7.26 31.38 -3.07
CA VAL B 108 8.15 32.13 -3.94
C VAL B 108 7.25 33.16 -4.63
N THR B 109 7.29 34.41 -4.16
CA THR B 109 6.42 35.48 -4.62
C THR B 109 7.12 36.40 -5.59
N GLY B 110 6.34 37.06 -6.44
CA GLY B 110 6.89 38.10 -7.28
C GLY B 110 7.67 37.61 -8.47
N LEU B 111 7.52 36.34 -8.86
CA LEU B 111 8.05 35.91 -10.14
C LEU B 111 7.43 36.74 -11.26
N VAL B 112 8.27 37.27 -12.14
CA VAL B 112 7.82 37.99 -13.33
C VAL B 112 7.97 37.07 -14.52
N LEU B 113 6.92 36.94 -15.32
CA LEU B 113 6.92 35.98 -16.41
C LEU B 113 6.11 36.52 -17.56
N PRO B 114 6.60 36.41 -18.80
CA PRO B 114 5.86 36.96 -19.94
C PRO B 114 4.49 36.32 -20.13
N ALA B 115 3.55 37.14 -20.58
CA ALA B 115 2.18 36.79 -20.92
C ALA B 115 1.80 37.50 -22.20
N PRO B 116 0.91 36.93 -23.00
CA PRO B 116 0.45 37.65 -24.20
C PRO B 116 -0.27 38.92 -23.81
N ASP B 117 -0.22 39.90 -24.71
CA ASP B 117 -0.76 41.23 -24.47
C ASP B 117 -2.20 41.18 -23.98
N VAL B 118 -2.46 41.90 -22.89
CA VAL B 118 -3.67 41.74 -22.11
C VAL B 118 -4.93 41.91 -22.93
N ASP B 119 -4.88 42.67 -24.03
CA ASP B 119 -6.06 42.89 -24.85
C ASP B 119 -6.64 41.59 -25.43
N TYR B 120 -5.81 40.55 -25.57
CA TYR B 120 -6.27 39.28 -26.12
C TYR B 120 -7.23 38.55 -25.17
N SER B 121 -7.23 38.91 -23.89
CA SER B 121 -8.18 38.35 -22.95
C SER B 121 -9.36 39.28 -22.71
N LEU B 122 -9.45 40.37 -23.46
CA LEU B 122 -10.51 41.33 -23.30
C LEU B 122 -11.58 41.24 -24.37
N GLN B 123 -11.34 40.49 -25.45
CA GLN B 123 -12.30 40.27 -26.51
C GLN B 123 -12.23 38.81 -26.96
N PRO B 124 -13.28 38.31 -27.62
CA PRO B 124 -13.19 36.96 -28.22
C PRO B 124 -12.18 36.93 -29.35
N SER B 125 -11.18 36.07 -29.20
CA SER B 125 -10.01 36.06 -30.05
C SER B 125 -9.69 34.62 -30.41
N ASP B 126 -8.65 34.42 -31.21
CA ASP B 126 -8.13 33.10 -31.51
C ASP B 126 -6.66 32.99 -31.18
N VAL B 127 -6.09 34.01 -30.55
CA VAL B 127 -4.78 33.93 -29.92
C VAL B 127 -4.99 33.53 -28.46
N ARG B 128 -4.22 32.55 -28.00
CA ARG B 128 -4.29 32.12 -26.60
C ARG B 128 -4.07 33.33 -25.71
N PRO B 129 -5.05 33.74 -24.91
CA PRO B 129 -4.88 34.94 -24.08
C PRO B 129 -3.88 34.79 -22.94
N TYR B 130 -3.27 33.62 -22.74
CA TYR B 130 -2.46 33.36 -21.55
C TYR B 130 -1.19 32.56 -21.90
N SER B 131 -0.15 32.75 -21.08
CA SER B 131 1.13 32.05 -21.18
C SER B 131 1.14 30.79 -20.33
N GLN B 132 1.61 29.68 -20.91
CA GLN B 132 1.64 28.40 -20.21
C GLN B 132 3.05 28.14 -19.69
N TYR B 133 3.15 27.71 -18.44
CA TYR B 133 4.45 27.43 -17.84
C TYR B 133 4.38 26.11 -17.09
N ILE B 134 5.56 25.59 -16.75
CA ILE B 134 5.69 24.39 -15.93
C ILE B 134 6.36 24.78 -14.62
N VAL B 135 5.74 24.39 -13.50
CA VAL B 135 6.26 24.66 -12.17
C VAL B 135 6.74 23.34 -11.58
N GLU B 136 8.04 23.24 -11.33
CA GLU B 136 8.65 22.06 -10.74
C GLU B 136 9.01 22.38 -9.29
N ALA B 137 8.58 21.53 -8.37
CA ALA B 137 8.95 21.67 -6.97
C ALA B 137 9.73 20.44 -6.55
N ILE B 138 10.93 20.67 -6.02
CA ILE B 138 11.81 19.64 -5.49
C ILE B 138 12.10 19.95 -4.03
N ALA B 139 11.88 18.98 -3.15
CA ALA B 139 12.15 19.18 -1.73
C ALA B 139 12.56 17.86 -1.10
N ASP B 140 13.51 17.93 -0.17
CA ASP B 140 14.02 16.73 0.50
C ASP B 140 12.91 16.02 1.26
N GLY B 141 12.83 14.70 1.07
CA GLY B 141 11.83 13.90 1.76
C GLY B 141 10.44 13.95 1.15
N TYR B 142 10.28 14.65 0.02
CA TYR B 142 8.99 14.84 -0.62
C TYR B 142 9.01 14.32 -2.04
N GLU B 143 7.88 13.75 -2.48
CA GLU B 143 7.75 13.36 -3.88
C GLU B 143 7.67 14.60 -4.75
N THR B 144 8.60 14.73 -5.69
CA THR B 144 8.63 15.89 -6.56
C THR B 144 7.28 16.11 -7.22
N VAL B 145 6.92 17.36 -7.46
CA VAL B 145 5.64 17.70 -8.08
C VAL B 145 5.91 18.57 -9.30
N VAL B 146 5.15 18.34 -10.36
CA VAL B 146 5.30 19.07 -11.60
C VAL B 146 3.91 19.53 -12.01
N ILE B 147 3.75 20.82 -12.26
CA ILE B 147 2.52 21.38 -12.80
C ILE B 147 2.79 21.71 -14.25
N GLU B 148 2.04 21.10 -15.17
CA GLU B 148 2.12 21.43 -16.59
C GLU B 148 0.96 22.31 -16.99
N GLY B 149 1.24 23.52 -17.47
CA GLY B 149 0.23 24.37 -18.04
C GLY B 149 -0.27 25.51 -17.19
N THR B 150 0.40 25.82 -16.07
CA THR B 150 0.06 26.99 -15.26
C THR B 150 -0.19 28.21 -16.15
N GLN B 151 -1.31 28.90 -15.94
CA GLN B 151 -1.79 29.91 -16.88
C GLN B 151 -1.49 31.30 -16.34
N LEU B 152 -0.77 32.09 -17.10
CA LEU B 152 -0.44 33.45 -16.68
C LEU B 152 -1.17 34.47 -17.56
N LEU B 153 -1.81 35.44 -16.93
CA LEU B 153 -2.43 36.55 -17.65
C LEU B 153 -1.73 37.84 -17.29
N ALA B 154 -1.45 38.64 -18.31
CA ALA B 154 -0.76 39.91 -18.10
C ALA B 154 -1.58 40.85 -17.25
N THR B 155 -0.87 41.62 -16.43
CA THR B 155 -1.29 42.61 -15.43
C THR B 155 -1.74 41.97 -14.12
N ILE B 156 -1.87 40.64 -14.06
CA ILE B 156 -2.57 39.96 -12.98
C ILE B 156 -1.63 39.00 -12.28
N GLU B 157 -1.89 38.75 -11.00
CA GLU B 157 -1.13 37.78 -10.22
C GLU B 157 -1.86 36.45 -10.24
N ALA B 158 -1.19 35.42 -10.76
CA ALA B 158 -1.67 34.05 -10.64
C ALA B 158 -1.10 33.46 -9.37
N ARG B 159 -1.83 32.51 -8.79
CA ARG B 159 -1.42 31.89 -7.54
C ARG B 159 -1.42 30.39 -7.74
N GLN B 160 -0.24 29.79 -7.79
CA GLN B 160 -0.10 28.37 -8.03
C GLN B 160 0.32 27.64 -6.76
N GLY B 161 -0.59 26.87 -6.18
CA GLY B 161 -0.24 26.06 -5.03
C GLY B 161 0.31 24.73 -5.50
N VAL B 162 1.32 24.24 -4.78
CA VAL B 162 1.96 22.97 -5.06
C VAL B 162 1.88 22.12 -3.80
N PRO B 163 0.92 21.19 -3.72
CA PRO B 163 0.90 20.24 -2.59
C PRO B 163 1.82 19.07 -2.87
N MET B 164 2.75 18.80 -1.97
CA MET B 164 3.67 17.69 -2.12
C MET B 164 3.38 16.63 -1.07
N SER B 165 3.61 15.37 -1.44
CA SER B 165 3.42 14.22 -0.55
C SER B 165 4.76 13.75 -0.01
N PRO B 166 4.91 13.65 1.30
CA PRO B 166 6.15 13.10 1.86
C PRO B 166 6.40 11.70 1.35
N ARG B 167 7.67 11.39 1.15
CA ARG B 167 8.10 10.04 0.80
C ARG B 167 7.77 9.04 1.91
N GLN B 177 13.04 7.05 -9.52
CA GLN B 177 12.04 7.46 -8.53
C GLN B 177 10.92 8.28 -9.17
N SER B 178 9.73 8.21 -8.59
CA SER B 178 8.52 8.73 -9.19
C SER B 178 8.18 10.13 -8.67
N GLU B 179 7.14 10.73 -9.27
CA GLU B 179 6.69 12.09 -8.97
C GLU B 179 5.32 12.31 -9.60
N LEU B 180 4.67 13.40 -9.20
CA LEU B 180 3.29 13.72 -9.59
C LEU B 180 3.29 14.80 -10.65
N ILE B 181 2.60 14.55 -11.76
CA ILE B 181 2.38 15.55 -12.79
C ILE B 181 0.89 15.89 -12.79
N PHE B 182 0.56 17.15 -12.52
CA PHE B 182 -0.78 17.67 -12.76
C PHE B 182 -0.76 18.41 -14.09
N ASP B 183 -1.70 18.08 -14.96
CA ASP B 183 -1.82 18.76 -16.24
C ASP B 183 -3.02 19.69 -16.17
N ILE B 184 -2.86 20.92 -16.63
CA ILE B 184 -3.93 21.90 -16.63
C ILE B 184 -4.40 22.08 -18.05
N GLY B 185 -5.69 21.84 -18.27
CA GLY B 185 -6.25 21.98 -19.59
C GLY B 185 -6.30 23.43 -20.03
N GLU B 186 -6.78 23.60 -21.25
CA GLU B 186 -7.05 24.95 -21.72
C GLU B 186 -8.22 25.52 -20.95
N HIS B 187 -8.27 26.85 -20.88
CA HIS B 187 -9.43 27.52 -20.33
C HIS B 187 -10.66 27.19 -21.16
N THR B 188 -11.84 27.21 -20.52
CA THR B 188 -13.05 26.95 -21.29
C THR B 188 -13.39 28.07 -22.26
N LEU B 189 -12.76 29.24 -22.13
CA LEU B 189 -12.99 30.30 -23.12
C LEU B 189 -12.13 30.11 -24.37
N TYR B 190 -10.89 29.64 -24.23
CA TYR B 190 -10.06 29.40 -25.41
C TYR B 190 -10.29 28.04 -26.06
N GLY B 191 -10.58 27.02 -25.24
CA GLY B 191 -10.64 25.65 -25.69
C GLY B 191 -12.05 25.11 -25.82
N THR B 192 -12.16 23.97 -26.51
CA THR B 192 -13.43 23.33 -26.81
C THR B 192 -13.68 22.19 -25.83
N TYR B 193 -14.79 22.26 -25.12
CA TYR B 193 -15.25 21.26 -24.17
C TYR B 193 -16.69 20.87 -24.49
N PRO B 194 -17.13 19.68 -24.07
CA PRO B 194 -18.51 19.26 -24.34
C PRO B 194 -19.51 20.31 -23.89
N PRO B 195 -20.63 20.44 -24.58
CA PRO B 195 -21.63 21.42 -24.19
C PRO B 195 -22.45 20.97 -22.98
N LYS B 196 -22.99 21.95 -22.26
CA LYS B 196 -23.72 21.67 -21.02
C LYS B 196 -25.07 21.05 -21.32
N ILE B 197 -25.28 19.81 -20.84
CA ILE B 197 -26.56 19.11 -20.95
C ILE B 197 -27.67 19.98 -20.36
N PRO B 198 -28.76 20.21 -21.10
CA PRO B 198 -29.85 21.05 -20.56
C PRO B 198 -30.55 20.37 -19.39
N GLU B 199 -31.07 21.18 -18.49
CA GLU B 199 -31.49 20.62 -17.20
C GLU B 199 -32.35 21.64 -16.49
N SER B 200 -33.44 21.16 -15.88
CA SER B 200 -34.38 22.05 -15.20
C SER B 200 -33.67 22.84 -14.10
N ASN B 201 -34.29 23.94 -13.69
CA ASN B 201 -33.63 24.88 -12.79
C ASN B 201 -33.96 24.64 -11.32
N LEU B 202 -35.17 24.22 -11.00
CA LEU B 202 -35.50 23.78 -9.66
C LEU B 202 -35.68 22.26 -9.66
N LYS B 203 -35.46 21.66 -8.49
CA LYS B 203 -35.54 20.22 -8.32
C LYS B 203 -36.36 19.92 -7.08
N PRO B 204 -36.96 18.73 -7.00
CA PRO B 204 -37.74 18.37 -5.81
C PRO B 204 -36.91 18.44 -4.54
N LEU B 205 -37.63 18.63 -3.41
CA LEU B 205 -37.06 18.81 -2.08
C LEU B 205 -37.88 18.03 -1.07
N PRO B 206 -37.23 17.37 -0.12
CA PRO B 206 -37.96 16.73 0.97
C PRO B 206 -38.60 17.80 1.85
N PRO B 207 -39.82 17.55 2.35
CA PRO B 207 -40.63 18.63 2.93
C PRO B 207 -39.99 19.21 4.17
N PRO B 208 -40.46 20.38 4.62
CA PRO B 208 -39.77 21.08 5.72
C PRO B 208 -39.77 20.30 7.02
N THR B 209 -38.62 20.33 7.70
CA THR B 209 -38.51 19.79 9.05
C THR B 209 -38.96 20.79 10.11
N GLY B 210 -39.06 22.08 9.77
CA GLY B 210 -39.34 23.11 10.74
C GLY B 210 -38.11 23.70 11.39
N PHE B 211 -36.92 23.40 10.90
CA PHE B 211 -35.71 23.93 11.52
C PHE B 211 -35.22 25.22 10.89
N VAL B 212 -35.79 25.60 9.74
CA VAL B 212 -35.40 26.80 8.98
C VAL B 212 -33.97 26.63 8.50
N VAL B 213 -33.01 26.72 9.42
CA VAL B 213 -31.62 26.38 9.10
C VAL B 213 -31.55 25.07 8.33
N LEU B 214 -32.00 23.98 8.94
CA LEU B 214 -31.96 22.66 8.31
C LEU B 214 -32.89 22.57 7.10
N ASP B 215 -33.82 23.52 6.97
CA ASP B 215 -34.71 23.52 5.83
C ASP B 215 -34.19 24.36 4.67
N ASN B 216 -33.16 25.16 4.88
CA ASN B 216 -32.66 26.11 3.90
C ASN B 216 -31.19 25.87 3.63
N PRO B 217 -30.65 26.40 2.53
CA PRO B 217 -29.27 26.06 2.16
C PRO B 217 -28.28 26.46 3.24
N VAL B 218 -27.17 25.71 3.30
CA VAL B 218 -26.02 26.08 4.10
C VAL B 218 -24.77 25.79 3.27
N VAL B 219 -23.77 26.67 3.33
CA VAL B 219 -22.48 26.41 2.69
C VAL B 219 -21.76 25.31 3.45
N PRO B 220 -21.52 24.15 2.85
CA PRO B 220 -20.73 23.13 3.53
C PRO B 220 -19.27 23.51 3.57
N GLU B 221 -18.53 22.77 4.38
CA GLU B 221 -17.10 23.02 4.44
C GLU B 221 -16.39 22.44 3.22
N PHE B 222 -16.84 21.27 2.75
CA PHE B 222 -16.15 20.52 1.71
C PHE B 222 -17.12 20.13 0.60
N ILE B 223 -16.63 20.22 -0.64
CA ILE B 223 -17.28 19.63 -1.80
C ILE B 223 -16.50 18.39 -2.19
N VAL B 224 -17.20 17.31 -2.52
CA VAL B 224 -16.58 16.08 -2.97
C VAL B 224 -16.77 16.01 -4.47
N VAL B 225 -15.69 16.20 -5.21
CA VAL B 225 -15.71 16.41 -6.66
C VAL B 225 -15.25 15.13 -7.34
N HIS B 226 -16.14 14.55 -8.14
CA HIS B 226 -15.86 13.37 -8.95
C HIS B 226 -15.23 13.87 -10.23
N ASP B 227 -13.98 13.49 -10.48
CA ASP B 227 -13.24 13.99 -11.64
C ASP B 227 -13.46 13.06 -12.83
N GLY B 228 -14.69 13.02 -13.31
CA GLY B 228 -15.03 12.21 -14.45
C GLY B 228 -16.52 12.26 -14.69
N LEU B 229 -16.96 11.53 -15.71
CA LEU B 229 -18.37 11.35 -15.90
C LEU B 229 -18.96 10.67 -14.65
N PRO B 230 -20.22 10.95 -14.32
CA PRO B 230 -20.79 10.34 -13.10
C PRO B 230 -20.84 8.82 -13.17
N GLU B 231 -21.13 8.25 -14.34
CA GLU B 231 -21.22 6.81 -14.54
C GLU B 231 -19.87 6.14 -14.66
N ASP B 232 -18.79 6.92 -14.82
CA ASP B 232 -17.42 6.39 -14.82
C ASP B 232 -16.96 6.28 -13.38
N SER B 233 -17.28 5.15 -12.75
CA SER B 233 -16.98 4.93 -11.35
C SER B 233 -15.52 4.57 -11.09
N SER B 234 -14.66 4.63 -12.11
CA SER B 234 -13.22 4.52 -11.88
C SER B 234 -12.60 5.87 -11.58
N ALA B 235 -13.31 6.96 -11.86
CA ALA B 235 -12.77 8.30 -11.68
C ALA B 235 -12.42 8.54 -10.21
N PRO B 236 -11.45 9.40 -9.94
CA PRO B 236 -11.09 9.70 -8.56
C PRO B 236 -12.05 10.71 -7.96
N ASN B 237 -12.30 10.58 -6.66
CA ASN B 237 -13.03 11.57 -5.90
C ASN B 237 -12.06 12.40 -5.07
N TYR B 238 -12.34 13.70 -4.96
CA TYR B 238 -11.51 14.66 -4.26
C TYR B 238 -12.33 15.38 -3.20
N TRP B 239 -11.73 15.63 -2.03
CA TRP B 239 -12.31 16.49 -0.99
C TRP B 239 -11.76 17.89 -1.17
N ILE B 240 -12.58 18.83 -1.63
CA ILE B 240 -12.14 20.20 -1.89
C ILE B 240 -12.81 21.13 -0.90
N PRO B 241 -12.10 22.09 -0.30
CA PRO B 241 -12.77 23.15 0.46
C PRO B 241 -13.60 24.05 -0.44
N PHE B 242 -14.82 24.37 0.02
CA PHE B 242 -15.81 25.01 -0.84
C PHE B 242 -15.26 26.25 -1.52
N LYS B 243 -14.69 27.17 -0.74
CA LYS B 243 -14.12 28.38 -1.32
C LYS B 243 -13.05 28.03 -2.35
N GLU B 244 -12.08 27.19 -1.97
CA GLU B 244 -11.07 26.82 -2.93
C GLU B 244 -11.69 26.15 -4.15
N TYR B 245 -12.84 25.52 -3.97
CA TYR B 245 -13.52 24.93 -5.12
C TYR B 245 -14.12 25.99 -6.02
N ILE B 246 -14.74 27.02 -5.44
CA ILE B 246 -15.37 28.05 -6.25
C ILE B 246 -14.31 28.85 -6.99
N LYS B 247 -13.17 29.09 -6.35
CA LYS B 247 -12.08 29.75 -7.04
C LYS B 247 -11.58 28.90 -8.19
N ASN B 248 -11.51 27.59 -7.97
CA ASN B 248 -11.09 26.66 -9.01
C ASN B 248 -12.00 26.76 -10.24
N ILE B 249 -13.31 26.70 -10.02
CA ILE B 249 -14.27 26.82 -11.11
C ILE B 249 -14.09 28.15 -11.82
N ALA B 250 -14.13 29.24 -11.07
CA ALA B 250 -14.10 30.56 -11.69
C ALA B 250 -12.78 30.83 -12.41
N SER B 251 -11.67 30.28 -11.93
CA SER B 251 -10.42 30.51 -12.65
C SER B 251 -10.44 29.85 -14.02
N SER B 252 -11.36 28.91 -14.25
CA SER B 252 -11.49 28.22 -15.53
C SER B 252 -12.69 28.67 -16.34
N GLU B 253 -13.52 29.57 -15.83
CA GLU B 253 -14.69 29.99 -16.61
C GLU B 253 -14.61 31.43 -17.10
N ILE B 254 -14.01 32.33 -16.33
CA ILE B 254 -13.82 33.70 -16.77
C ILE B 254 -12.36 34.07 -16.59
N TYR B 255 -11.90 35.03 -17.38
CA TYR B 255 -10.57 35.56 -17.17
C TYR B 255 -10.64 36.56 -16.03
N SER B 256 -9.63 36.57 -15.18
CA SER B 256 -9.64 37.47 -14.05
C SER B 256 -9.07 38.84 -14.41
N THR B 257 -8.85 39.12 -15.70
CA THR B 257 -8.64 40.48 -16.20
C THR B 257 -9.95 41.22 -16.47
N TRP B 258 -11.09 40.54 -16.33
CA TRP B 258 -12.39 41.09 -16.62
C TRP B 258 -12.81 42.08 -15.54
N PRO B 259 -13.94 42.78 -15.71
CA PRO B 259 -14.32 43.81 -14.73
C PRO B 259 -14.80 43.22 -13.40
N GLU B 260 -14.51 43.95 -12.32
CA GLU B 260 -14.85 43.53 -10.97
C GLU B 260 -16.29 43.05 -10.85
N GLN B 261 -17.26 43.85 -11.31
CA GLN B 261 -18.66 43.43 -11.20
C GLN B 261 -18.98 42.22 -12.07
N THR B 262 -18.28 42.08 -13.21
CA THR B 262 -18.43 40.87 -14.01
C THR B 262 -18.06 39.64 -13.17
N ILE B 263 -16.94 39.72 -12.47
CA ILE B 263 -16.43 38.58 -11.70
C ILE B 263 -17.39 38.24 -10.57
N TYR B 264 -17.79 39.25 -9.79
CA TYR B 264 -18.88 39.06 -8.83
C TYR B 264 -20.06 38.34 -9.49
N ALA B 265 -20.40 38.75 -10.71
CA ALA B 265 -21.59 38.23 -11.40
C ALA B 265 -21.45 36.75 -11.70
N ASN B 266 -20.31 36.34 -12.28
CA ASN B 266 -20.10 34.93 -12.60
C ASN B 266 -19.94 34.10 -11.34
N VAL B 267 -19.12 34.56 -10.39
CA VAL B 267 -18.91 33.80 -9.17
C VAL B 267 -20.22 33.58 -8.43
N ILE B 268 -21.17 34.51 -8.51
CA ILE B 268 -22.45 34.26 -7.86
C ILE B 268 -23.25 33.20 -8.62
N ALA B 269 -23.20 33.20 -9.95
CA ALA B 269 -23.83 32.10 -10.68
C ALA B 269 -23.21 30.77 -10.28
N ILE B 270 -21.89 30.72 -10.12
CA ILE B 270 -21.21 29.47 -9.83
C ILE B 270 -21.58 28.97 -8.44
N ILE B 271 -21.57 29.86 -7.46
CA ILE B 271 -22.01 29.51 -6.11
C ILE B 271 -23.43 28.98 -6.14
N SER B 272 -24.32 29.76 -6.76
CA SER B 272 -25.73 29.43 -6.80
C SER B 272 -25.94 28.01 -7.30
N PHE B 273 -25.33 27.68 -8.44
CA PHE B 273 -25.39 26.32 -8.96
C PHE B 273 -24.89 25.33 -7.90
N THR B 274 -23.63 25.48 -7.50
CA THR B 274 -23.00 24.53 -6.59
C THR B 274 -23.82 24.29 -5.32
N LEU B 275 -24.34 25.35 -4.69
CA LEU B 275 -25.15 25.13 -3.49
C LEU B 275 -26.44 24.38 -3.75
N ASN B 276 -26.94 24.43 -4.99
CA ASN B 276 -28.10 23.61 -5.36
C ASN B 276 -27.72 22.13 -5.44
N ARG B 277 -26.58 21.80 -6.07
CA ARG B 277 -26.13 20.41 -6.07
C ARG B 277 -26.08 19.86 -4.66
N VAL B 278 -25.60 20.67 -3.72
CA VAL B 278 -25.43 20.26 -2.33
C VAL B 278 -26.77 20.19 -1.63
N PHE B 279 -27.61 21.22 -1.82
CA PHE B 279 -28.84 21.34 -1.04
C PHE B 279 -29.88 20.33 -1.49
N THR B 280 -29.97 20.07 -2.79
CA THR B 280 -30.90 19.07 -3.28
C THR B 280 -30.37 17.65 -3.14
N GLU B 281 -29.13 17.48 -2.70
CA GLU B 281 -28.49 16.16 -2.62
C GLU B 281 -28.62 15.41 -3.93
N TRP B 282 -28.32 16.13 -5.01
CA TRP B 282 -28.65 15.67 -6.36
C TRP B 282 -28.05 14.31 -6.66
N TYR B 283 -26.75 14.14 -6.40
CA TYR B 283 -26.08 12.91 -6.79
C TYR B 283 -26.14 11.82 -5.73
N ARG B 284 -26.26 12.23 -4.45
CA ARG B 284 -26.36 11.28 -3.35
C ARG B 284 -27.74 10.61 -3.31
N ASN B 285 -28.77 11.30 -3.79
CA ASN B 285 -30.10 10.72 -4.00
C ASN B 285 -30.19 9.85 -5.25
N LYS B 286 -29.18 9.91 -6.12
CA LYS B 286 -29.03 8.95 -7.21
C LYS B 286 -27.96 7.93 -6.90
N GLY B 287 -27.73 7.62 -5.62
CA GLY B 287 -26.84 6.53 -5.28
C GLY B 287 -25.39 6.73 -5.68
N TYR B 288 -24.95 7.99 -5.77
CA TYR B 288 -23.54 8.28 -5.94
C TYR B 288 -22.94 8.80 -4.63
N ASN B 289 -21.62 8.68 -4.54
CA ASN B 289 -20.89 9.02 -3.34
C ASN B 289 -20.11 10.31 -3.51
N PHE B 290 -20.63 11.25 -4.30
CA PHE B 290 -19.96 12.52 -4.51
C PHE B 290 -21.01 13.61 -4.61
N THR B 291 -20.55 14.84 -4.52
CA THR B 291 -21.44 15.99 -4.54
C THR B 291 -21.61 16.60 -5.93
N ILE B 292 -20.54 16.54 -6.78
CA ILE B 292 -20.56 17.14 -8.10
C ILE B 292 -19.46 16.57 -8.99
N THR B 293 -19.65 16.58 -10.31
CA THR B 293 -18.57 16.18 -11.22
C THR B 293 -17.74 17.39 -11.64
N SER B 294 -16.64 17.10 -12.33
CA SER B 294 -15.79 18.13 -12.92
C SER B 294 -16.03 18.27 -14.41
N THR B 295 -17.27 18.10 -14.87
CA THR B 295 -17.58 17.99 -16.28
C THR B 295 -18.31 19.23 -16.77
N THR B 296 -17.89 19.74 -17.93
CA THR B 296 -18.67 20.77 -18.59
C THR B 296 -20.03 20.24 -19.00
N ALA B 297 -20.13 18.94 -19.23
CA ALA B 297 -21.39 18.36 -19.69
C ALA B 297 -22.46 18.44 -18.60
N TYR B 298 -22.10 18.08 -17.37
CA TYR B 298 -23.06 17.97 -16.28
C TYR B 298 -22.99 19.12 -15.28
N ASP B 299 -21.84 19.76 -15.14
CA ASP B 299 -21.63 20.74 -14.09
C ASP B 299 -20.71 21.85 -14.61
N HIS B 300 -19.51 22.03 -14.08
CA HIS B 300 -18.53 22.84 -14.81
C HIS B 300 -17.11 22.44 -14.47
N LYS B 301 -16.17 23.00 -15.22
CA LYS B 301 -14.83 22.41 -15.37
C LYS B 301 -13.99 22.63 -14.11
N PHE B 302 -13.78 21.56 -13.37
CA PHE B 302 -12.85 21.55 -12.25
C PHE B 302 -11.56 20.88 -12.71
N ILE B 303 -10.43 21.51 -12.42
CA ILE B 303 -9.13 20.99 -12.81
C ILE B 303 -8.29 20.96 -11.55
N ASN B 304 -8.04 19.76 -11.04
CA ASN B 304 -7.34 19.56 -9.79
C ASN B 304 -6.00 20.30 -9.77
N ASN B 305 -5.85 21.22 -8.83
CA ASN B 305 -4.59 21.91 -8.56
C ASN B 305 -4.22 22.95 -9.59
N ARG B 306 -5.16 23.37 -10.45
CA ARG B 306 -4.86 24.48 -11.33
C ARG B 306 -4.57 25.74 -10.52
N ASN B 307 -3.99 26.75 -11.18
CA ASN B 307 -3.63 27.95 -10.46
C ASN B 307 -4.85 28.85 -10.35
N LEU B 308 -4.96 29.55 -9.24
CA LEU B 308 -6.03 30.52 -9.14
C LEU B 308 -5.50 31.87 -9.63
N PHE B 309 -6.33 32.92 -9.55
CA PHE B 309 -5.87 34.27 -9.82
C PHE B 309 -6.30 35.18 -8.68
N GLU B 310 -5.42 36.13 -8.34
CA GLU B 310 -5.65 37.08 -7.25
C GLU B 310 -6.98 37.83 -7.36
N PRO B 311 -7.38 38.41 -8.50
CA PRO B 311 -8.69 39.09 -8.55
C PRO B 311 -9.88 38.17 -8.27
N ILE B 312 -9.89 36.94 -8.79
CA ILE B 312 -11.01 36.04 -8.50
C ILE B 312 -10.99 35.61 -7.04
N ASN B 313 -9.79 35.42 -6.48
CA ASN B 313 -9.66 34.96 -5.11
C ASN B 313 -10.34 35.92 -4.13
N VAL B 314 -10.04 37.22 -4.25
CA VAL B 314 -10.57 38.21 -3.31
C VAL B 314 -12.10 38.28 -3.42
N VAL B 315 -12.61 38.21 -4.64
CA VAL B 315 -14.05 38.13 -4.86
C VAL B 315 -14.65 36.95 -4.13
N VAL B 316 -14.17 35.74 -4.42
CA VAL B 316 -14.72 34.55 -3.80
C VAL B 316 -14.61 34.63 -2.28
N ASP B 317 -13.52 35.19 -1.76
CA ASP B 317 -13.39 35.32 -0.31
C ASP B 317 -14.48 36.23 0.27
N ALA B 318 -14.97 37.19 -0.49
CA ALA B 318 -15.93 38.15 0.02
C ALA B 318 -17.38 37.73 -0.16
N ILE B 319 -17.70 36.85 -1.11
CA ILE B 319 -19.12 36.61 -1.36
C ILE B 319 -19.45 35.14 -1.46
N PHE B 320 -18.59 34.27 -0.95
CA PHE B 320 -18.73 32.87 -1.27
C PHE B 320 -20.04 32.27 -0.79
N ASN B 321 -20.79 32.94 0.09
CA ASN B 321 -22.02 32.38 0.63
C ASN B 321 -23.27 33.10 0.13
N THR B 322 -23.16 33.85 -0.97
CA THR B 322 -24.29 34.58 -1.50
C THR B 322 -24.85 33.84 -2.70
N PHE B 323 -26.17 33.65 -2.72
CA PHE B 323 -26.80 32.85 -3.76
C PHE B 323 -28.13 33.44 -4.22
N ILE B 324 -28.42 33.17 -5.49
CA ILE B 324 -29.61 33.61 -6.20
C ILE B 324 -30.77 32.68 -5.89
N LYS B 325 -31.97 33.24 -5.87
CA LYS B 325 -33.20 32.49 -5.87
C LYS B 325 -34.10 32.95 -6.99
N ARG B 326 -34.99 32.07 -7.42
CA ARG B 326 -36.07 32.43 -8.30
C ARG B 326 -36.98 31.21 -8.47
N PRO B 327 -38.25 31.28 -8.03
CA PRO B 327 -38.93 32.44 -7.47
C PRO B 327 -38.48 32.75 -6.05
N PRO B 328 -38.89 33.95 -5.55
CA PRO B 328 -38.51 34.34 -4.20
C PRO B 328 -39.22 33.56 -3.13
N THR B 329 -39.91 32.49 -3.51
CA THR B 329 -40.46 31.55 -2.54
C THR B 329 -39.64 30.27 -2.46
N SER B 330 -38.56 30.16 -3.24
CA SER B 330 -37.72 28.97 -3.23
C SER B 330 -37.08 28.79 -1.87
N ARG B 331 -37.04 27.54 -1.39
CA ARG B 331 -36.08 27.23 -0.34
C ARG B 331 -34.70 26.97 -0.90
N GLN B 332 -34.57 26.80 -2.21
CA GLN B 332 -33.37 26.26 -2.82
C GLN B 332 -32.75 27.25 -3.79
N PRO B 333 -31.42 27.23 -3.92
CA PRO B 333 -30.77 28.13 -4.89
C PRO B 333 -31.24 27.85 -6.30
N LEU B 334 -31.34 28.89 -7.09
CA LEU B 334 -31.56 28.71 -8.51
C LEU B 334 -30.32 28.07 -9.14
N LEU B 335 -30.53 27.00 -9.90
CA LEU B 335 -29.46 26.27 -10.58
C LEU B 335 -29.02 27.09 -11.80
N ALA B 336 -28.28 28.14 -11.53
CA ALA B 336 -27.89 29.09 -12.56
C ALA B 336 -26.93 28.44 -13.54
N GLN B 337 -27.32 28.39 -14.81
CA GLN B 337 -26.48 27.83 -15.87
C GLN B 337 -26.07 28.93 -16.84
N TYR B 338 -24.98 28.70 -17.55
CA TYR B 338 -24.39 29.74 -18.38
C TYR B 338 -23.50 29.10 -19.43
N CYS B 339 -22.90 29.94 -20.26
CA CYS B 339 -22.12 29.50 -21.42
C CYS B 339 -21.39 30.74 -21.94
N ASP B 340 -20.41 30.53 -22.82
CA ASP B 340 -19.55 31.65 -23.20
C ASP B 340 -20.28 32.62 -24.13
N GLY B 341 -21.28 32.14 -24.86
CA GLY B 341 -22.12 33.00 -25.67
C GLY B 341 -21.81 32.92 -27.15
N GLN B 342 -20.52 32.81 -27.48
CA GLN B 342 -20.10 32.78 -28.87
C GLN B 342 -20.15 31.35 -29.40
N LYS B 343 -19.13 30.56 -29.05
CA LYS B 343 -19.07 29.15 -29.40
C LYS B 343 -20.40 28.44 -29.13
N SER B 344 -21.04 28.78 -28.00
CA SER B 344 -22.27 28.14 -27.57
C SER B 344 -23.24 29.18 -27.04
N GLN B 345 -24.45 29.19 -27.59
CA GLN B 345 -25.53 30.01 -27.06
C GLN B 345 -26.21 29.28 -25.90
N CYS B 346 -27.02 30.04 -25.14
CA CYS B 346 -27.89 29.47 -24.12
C CYS B 346 -28.87 30.52 -23.64
N PRO B 347 -29.95 30.78 -24.39
CA PRO B 347 -30.92 31.81 -24.00
C PRO B 347 -31.58 31.48 -22.67
N ASP B 348 -32.19 32.49 -22.05
CA ASP B 348 -32.73 32.32 -20.71
C ASP B 348 -31.59 32.19 -19.69
N GLN B 349 -30.32 32.15 -20.14
CA GLN B 349 -29.16 31.99 -19.27
C GLN B 349 -28.20 33.19 -19.33
N MET B 350 -27.09 33.03 -18.62
CA MET B 350 -26.02 34.01 -18.67
C MET B 350 -25.05 33.67 -19.79
N THR B 351 -24.46 34.71 -20.38
CA THR B 351 -23.34 34.59 -21.30
C THR B 351 -22.12 35.22 -20.66
N GLN B 352 -20.98 34.52 -20.71
CA GLN B 352 -19.78 35.00 -20.03
C GLN B 352 -19.16 36.21 -20.74
N TRP B 353 -19.14 36.23 -22.07
CA TRP B 353 -18.74 37.46 -22.75
C TRP B 353 -19.84 38.52 -22.66
N GLY B 354 -21.09 38.09 -22.58
CA GLY B 354 -22.20 39.00 -22.36
C GLY B 354 -22.07 39.76 -21.06
N SER B 355 -22.00 39.04 -19.95
CA SER B 355 -21.86 39.67 -18.64
C SER B 355 -20.58 40.50 -18.56
N LYS B 356 -19.62 40.21 -19.44
CA LYS B 356 -18.41 41.02 -19.53
C LYS B 356 -18.72 42.39 -20.10
N ASP B 357 -19.31 42.43 -21.30
CA ASP B 357 -19.79 43.67 -21.93
C ASP B 357 -20.41 44.60 -20.89
N LEU B 358 -21.38 44.06 -20.15
CA LEU B 358 -22.10 44.85 -19.16
C LEU B 358 -21.19 45.36 -18.05
N GLY B 359 -20.15 44.61 -17.71
CA GLY B 359 -19.17 45.11 -16.76
C GLY B 359 -18.44 46.33 -17.28
N ASP B 360 -17.95 46.25 -18.54
CA ASP B 360 -17.36 47.40 -19.21
C ASP B 360 -18.27 48.61 -19.12
N GLN B 361 -19.58 48.39 -19.18
CA GLN B 361 -20.54 49.47 -19.18
C GLN B 361 -20.85 49.98 -17.78
N GLY B 362 -20.08 49.59 -16.77
CA GLY B 362 -20.28 50.15 -15.44
C GLY B 362 -21.48 49.61 -14.69
N TYR B 363 -22.15 48.60 -15.23
CA TYR B 363 -23.28 48.02 -14.51
C TYR B 363 -22.76 47.21 -13.33
N ASP B 364 -23.39 47.39 -12.18
CA ASP B 364 -23.01 46.64 -10.99
C ASP B 364 -23.35 45.16 -11.21
N TYR B 365 -22.97 44.32 -10.24
CA TYR B 365 -23.12 42.89 -10.45
C TYR B 365 -24.56 42.45 -10.29
N GLU B 366 -25.27 43.04 -9.33
CA GLU B 366 -26.68 42.72 -9.14
C GLU B 366 -27.48 42.97 -10.41
N SER B 367 -27.13 44.02 -11.17
CA SER B 367 -27.85 44.26 -12.42
C SER B 367 -27.56 43.15 -13.43
N ILE B 368 -26.28 42.78 -13.59
CA ILE B 368 -25.93 41.79 -14.61
C ILE B 368 -26.72 40.49 -14.40
N LEU B 369 -27.07 40.18 -13.16
CA LEU B 369 -27.78 38.93 -12.92
C LEU B 369 -29.27 39.06 -13.10
N ARG B 370 -29.83 40.25 -12.88
CA ARG B 370 -31.22 40.47 -13.22
C ARG B 370 -31.42 40.48 -14.73
N TYR B 371 -30.43 41.02 -15.46
CA TYR B 371 -30.47 41.02 -16.92
C TYR B 371 -30.67 39.60 -17.44
N PHE B 372 -29.78 38.69 -17.05
CA PHE B 372 -29.80 37.35 -17.63
C PHE B 372 -30.80 36.42 -16.95
N TYR B 373 -31.16 36.65 -15.69
CA TYR B 373 -32.01 35.72 -14.97
C TYR B 373 -33.37 36.28 -14.54
N GLY B 374 -33.67 37.53 -14.84
CA GLY B 374 -34.96 38.10 -14.49
C GLY B 374 -34.90 38.99 -13.25
N ASP B 375 -36.02 39.67 -13.00
CA ASP B 375 -36.10 40.68 -11.94
C ASP B 375 -36.42 40.09 -10.57
N GLU B 376 -37.34 39.12 -10.52
CA GLU B 376 -37.77 38.50 -9.27
C GLU B 376 -36.70 37.58 -8.63
N ILE B 377 -35.40 37.72 -8.95
CA ILE B 377 -34.35 36.95 -8.27
C ILE B 377 -33.98 37.65 -6.97
N VAL B 378 -33.79 36.89 -5.88
CA VAL B 378 -33.51 37.51 -4.58
C VAL B 378 -32.21 36.91 -4.01
N PHE B 379 -31.23 37.78 -3.67
CA PHE B 379 -29.93 37.32 -3.18
C PHE B 379 -30.06 36.93 -1.72
N GLU B 380 -29.64 35.73 -1.38
CA GLU B 380 -29.51 35.39 0.02
C GLU B 380 -28.05 35.13 0.36
N ARG B 381 -27.77 35.26 1.62
CA ARG B 381 -26.53 34.81 2.20
C ARG B 381 -26.88 33.58 3.02
N ALA B 382 -26.16 32.50 2.79
CA ALA B 382 -26.44 31.29 3.54
C ALA B 382 -25.58 31.21 4.79
N PRO B 383 -26.01 30.46 5.78
CA PRO B 383 -25.11 30.12 6.88
C PRO B 383 -23.90 29.38 6.34
N ILE B 384 -22.81 29.42 7.11
CA ILE B 384 -21.52 28.88 6.72
C ILE B 384 -21.07 27.91 7.79
N VAL B 385 -20.72 26.68 7.40
CA VAL B 385 -19.91 25.85 8.28
C VAL B 385 -18.46 26.00 7.86
N SER B 386 -17.63 26.41 8.81
CA SER B 386 -16.21 26.66 8.62
C SER B 386 -15.33 25.67 9.35
N GLY B 387 -15.92 24.84 10.22
CA GLY B 387 -15.35 23.92 11.22
C GLY B 387 -14.90 24.66 12.47
N VAL B 388 -15.09 25.96 12.54
CA VAL B 388 -14.96 26.73 13.79
C VAL B 388 -16.38 27.10 14.23
N PRO B 389 -16.79 26.78 15.48
CA PRO B 389 -18.20 27.01 15.84
C PRO B 389 -18.43 28.43 16.32
N VAL B 390 -17.84 29.40 15.62
CA VAL B 390 -18.13 30.82 15.81
C VAL B 390 -18.32 31.45 14.42
N SER B 391 -19.41 32.18 14.24
CA SER B 391 -19.65 32.87 12.98
C SER B 391 -19.09 34.28 13.03
N PHE B 392 -18.93 34.88 11.85
CA PHE B 392 -18.60 36.29 11.76
C PHE B 392 -19.67 37.09 12.49
N PRO B 393 -19.33 37.93 13.47
CA PRO B 393 -20.37 38.61 14.23
C PRO B 393 -21.22 39.55 13.39
N GLY B 394 -20.79 39.93 12.19
CA GLY B 394 -21.54 40.82 11.32
C GLY B 394 -21.02 42.24 11.24
N THR B 395 -20.16 42.66 12.18
CA THR B 395 -19.53 43.98 12.17
C THR B 395 -18.02 43.82 12.29
N THR B 396 -17.29 44.47 11.38
CA THR B 396 -15.85 44.31 11.25
C THR B 396 -15.12 44.56 12.58
N LEU B 397 -14.06 43.78 12.81
CA LEU B 397 -13.25 43.88 14.03
C LEU B 397 -11.93 44.56 13.69
N GLN B 398 -11.67 45.71 14.32
CA GLN B 398 -10.46 46.45 14.04
C GLN B 398 -9.87 46.93 15.34
N VAL B 399 -8.83 47.75 15.25
CA VAL B 399 -8.23 48.30 16.45
C VAL B 399 -9.28 49.03 17.25
N GLY B 400 -9.31 48.79 18.56
CA GLY B 400 -10.36 49.28 19.42
C GLY B 400 -11.38 48.22 19.77
N SER B 401 -11.55 47.20 18.92
CA SER B 401 -12.48 46.13 19.25
C SER B 401 -11.97 45.32 20.44
N SER B 402 -12.88 44.61 21.09
CA SER B 402 -12.56 43.90 22.32
C SER B 402 -13.67 42.91 22.63
N GLY B 403 -13.30 41.72 23.11
CA GLY B 403 -14.32 40.75 23.48
C GLY B 403 -14.03 39.39 22.91
N GLN B 404 -15.00 38.48 23.02
CA GLN B 404 -14.73 37.09 22.67
C GLN B 404 -14.44 36.92 21.20
N TYR B 405 -14.96 37.81 20.34
CA TYR B 405 -14.64 37.71 18.91
C TYR B 405 -13.19 38.07 18.66
N VAL B 406 -12.66 39.10 19.32
CA VAL B 406 -11.24 39.33 19.19
C VAL B 406 -10.45 38.15 19.76
N ARG B 407 -10.83 37.65 20.95
CA ARG B 407 -10.14 36.49 21.56
C ARG B 407 -10.06 35.32 20.60
N THR B 408 -11.13 35.08 19.85
CA THR B 408 -11.13 33.94 18.95
C THR B 408 -10.22 34.17 17.76
N ILE B 409 -10.07 35.43 17.33
CA ILE B 409 -9.16 35.75 16.23
C ILE B 409 -7.71 35.58 16.69
N GLN B 410 -7.37 36.16 17.85
CA GLN B 410 -6.01 36.00 18.35
C GLN B 410 -5.66 34.54 18.57
N ASN B 411 -6.56 33.76 19.15
CA ASN B 411 -6.23 32.35 19.37
C ASN B 411 -5.99 31.64 18.04
N GLN B 412 -6.95 31.73 17.12
CA GLN B 412 -6.80 31.19 15.77
C GLN B 412 -5.47 31.58 15.12
N LEU B 413 -5.09 32.86 15.18
CA LEU B 413 -3.84 33.28 14.55
C LEU B 413 -2.63 32.71 15.27
N ASN B 414 -2.71 32.60 16.60
CA ASN B 414 -1.58 32.04 17.33
C ASN B 414 -1.33 30.60 16.92
N ALA B 415 -2.41 29.82 16.74
CA ALA B 415 -2.25 28.44 16.28
C ALA B 415 -1.68 28.40 14.87
N ILE B 416 -2.19 29.24 13.96
CA ILE B 416 -1.69 29.26 12.59
C ILE B 416 -0.20 29.54 12.57
N SER B 417 0.25 30.43 13.45
CA SER B 417 1.67 30.81 13.48
C SER B 417 2.57 29.64 13.83
N ASN B 418 2.04 28.53 14.35
CA ASN B 418 2.85 27.33 14.53
C ASN B 418 3.22 26.68 13.19
N SER B 419 2.37 26.82 12.17
CA SER B 419 2.70 26.29 10.86
C SER B 419 3.33 27.35 9.97
N TYR B 420 2.89 28.61 10.11
CA TYR B 420 3.36 29.72 9.29
C TYR B 420 4.10 30.71 10.19
N PRO B 421 5.36 30.42 10.54
CA PRO B 421 6.05 31.26 11.52
C PRO B 421 6.14 32.73 11.14
N ALA B 422 5.92 33.09 9.87
CA ALA B 422 5.94 34.50 9.50
C ALA B 422 4.88 35.28 10.25
N VAL B 423 3.82 34.62 10.70
CA VAL B 423 2.73 35.27 11.42
C VAL B 423 3.18 35.41 12.88
N PRO B 424 3.39 36.61 13.39
CA PRO B 424 3.90 36.74 14.76
C PRO B 424 2.83 36.37 15.78
N LYS B 425 3.28 35.92 16.94
CA LYS B 425 2.33 35.61 18.00
C LYS B 425 1.81 36.89 18.62
N VAL B 426 0.61 36.81 19.21
CA VAL B 426 -0.01 37.93 19.92
C VAL B 426 -0.63 37.39 21.20
N ILE B 427 -0.60 38.20 22.25
CA ILE B 427 -1.27 37.81 23.49
C ILE B 427 -2.76 37.72 23.24
N GLU B 428 -3.39 36.65 23.73
CA GLU B 428 -4.85 36.49 23.59
C GLU B 428 -5.52 37.06 24.83
N ASP B 429 -5.62 38.38 24.89
CA ASP B 429 -6.40 39.00 25.94
C ASP B 429 -7.73 39.55 25.43
N GLY B 430 -8.00 39.43 24.13
CA GLY B 430 -9.27 39.91 23.62
C GLY B 430 -9.34 41.39 23.36
N ILE B 431 -8.20 42.08 23.34
CA ILE B 431 -8.14 43.50 23.00
C ILE B 431 -7.41 43.62 21.68
N TYR B 432 -8.10 44.17 20.69
CA TYR B 432 -7.57 44.20 19.33
C TYR B 432 -6.60 45.38 19.27
N GLY B 433 -5.29 45.09 19.31
CA GLY B 433 -4.28 46.15 19.37
C GLY B 433 -3.25 46.12 18.25
N THR B 434 -2.22 46.97 18.33
CA THR B 434 -1.31 47.06 17.20
C THR B 434 -0.69 45.71 16.86
N ASP B 435 -0.48 44.86 17.86
CA ASP B 435 0.08 43.54 17.59
C ASP B 435 -0.87 42.62 16.83
N THR B 436 -2.16 42.61 17.15
CA THR B 436 -3.09 41.81 16.36
C THR B 436 -3.19 42.36 14.93
N GLU B 437 -3.28 43.68 14.80
CA GLU B 437 -3.43 44.29 13.48
C GLU B 437 -2.24 43.95 12.61
N ASN B 438 -1.05 43.92 13.21
CA ASN B 438 0.15 43.47 12.52
C ASN B 438 0.01 42.02 12.10
N ALA B 439 -0.36 41.13 13.02
CA ALA B 439 -0.44 39.73 12.67
C ALA B 439 -1.45 39.52 11.56
N VAL B 440 -2.53 40.29 11.57
CA VAL B 440 -3.55 40.12 10.53
C VAL B 440 -2.97 40.49 9.17
N LYS B 441 -2.33 41.66 9.08
CA LYS B 441 -1.78 42.13 7.80
C LYS B 441 -0.81 41.11 7.21
N ILE B 442 0.04 40.52 8.05
CA ILE B 442 0.98 39.51 7.59
C ILE B 442 0.26 38.24 7.14
N PHE B 443 -0.87 37.91 7.77
CA PHE B 443 -1.66 36.77 7.32
C PHE B 443 -2.32 37.07 5.99
N GLN B 444 -3.00 38.22 5.88
CA GLN B 444 -3.61 38.63 4.62
C GLN B 444 -2.57 38.58 3.49
N GLY B 445 -1.34 39.00 3.77
CA GLY B 445 -0.29 38.94 2.77
C GLY B 445 0.01 37.53 2.31
N ILE B 446 0.06 36.58 3.24
CA ILE B 446 0.37 35.21 2.84
C ILE B 446 -0.71 34.65 1.92
N PHE B 447 -1.98 35.02 2.15
CA PHE B 447 -3.10 34.33 1.52
C PHE B 447 -3.85 35.16 0.50
N GLY B 448 -3.27 36.29 0.07
CA GLY B 448 -3.84 37.00 -1.05
C GLY B 448 -4.88 38.04 -0.70
N LEU B 449 -5.00 38.40 0.51
CA LEU B 449 -6.02 39.40 0.78
C LEU B 449 -5.40 40.81 0.87
N PRO B 450 -6.20 41.85 0.62
CA PRO B 450 -5.72 43.20 0.88
C PRO B 450 -5.23 43.29 2.32
N GLN B 451 -4.12 44.00 2.52
CA GLN B 451 -3.48 44.03 3.84
C GLN B 451 -4.03 45.20 4.64
N SER B 452 -5.29 45.04 5.04
CA SER B 452 -5.98 46.07 5.80
C SER B 452 -5.64 46.01 7.29
N GLY B 453 -5.36 44.84 7.85
CA GLY B 453 -5.21 44.74 9.28
C GLY B 453 -6.51 44.77 10.03
N VAL B 454 -7.60 44.48 9.33
CA VAL B 454 -8.96 44.56 9.82
C VAL B 454 -9.62 43.21 9.56
N VAL B 455 -10.36 42.69 10.54
CA VAL B 455 -10.97 41.37 10.35
C VAL B 455 -12.43 41.63 9.95
N ASP B 456 -12.64 41.78 8.64
CA ASP B 456 -13.95 41.80 8.01
C ASP B 456 -14.37 40.36 7.66
N PHE B 457 -15.52 40.26 7.00
CA PHE B 457 -16.07 38.96 6.64
C PHE B 457 -15.04 38.08 5.93
N LYS B 458 -14.44 38.59 4.85
CA LYS B 458 -13.56 37.76 4.04
C LYS B 458 -12.32 37.34 4.82
N THR B 459 -11.74 38.24 5.62
CA THR B 459 -10.61 37.83 6.46
C THR B 459 -11.04 36.89 7.56
N TRP B 460 -12.28 37.01 8.07
CA TRP B 460 -12.72 36.12 9.14
C TRP B 460 -12.72 34.67 8.67
N TYR B 461 -13.43 34.38 7.57
CA TYR B 461 -13.49 32.99 7.12
C TYR B 461 -12.21 32.53 6.43
N GLU B 462 -11.32 33.44 6.07
CA GLU B 462 -10.01 33.01 5.62
C GLU B 462 -9.11 32.64 6.81
N ILE B 463 -9.23 33.34 7.93
CA ILE B 463 -8.53 32.89 9.13
C ILE B 463 -9.04 31.51 9.53
N SER B 464 -10.35 31.29 9.45
CA SER B 464 -10.87 30.00 9.90
C SER B 464 -10.48 28.85 8.97
N ARG B 465 -10.40 29.10 7.66
CA ARG B 465 -10.04 28.00 6.75
C ARG B 465 -8.59 27.57 6.95
N VAL B 466 -7.68 28.52 7.15
CA VAL B 466 -6.29 28.11 7.41
C VAL B 466 -6.14 27.54 8.81
N TYR B 467 -6.98 27.97 9.76
CA TYR B 467 -6.87 27.41 11.09
C TYR B 467 -7.28 25.94 11.09
N VAL B 468 -8.38 25.62 10.42
CA VAL B 468 -8.79 24.21 10.31
C VAL B 468 -7.77 23.42 9.51
N ALA B 469 -7.24 24.03 8.44
CA ALA B 469 -6.31 23.32 7.57
C ALA B 469 -5.08 22.87 8.33
N THR B 470 -4.53 23.73 9.19
CA THR B 470 -3.23 23.50 9.81
C THR B 470 -3.31 22.86 11.18
N THR B 471 -4.46 22.90 11.85
CA THR B 471 -4.60 22.23 13.14
C THR B 471 -5.33 20.89 13.03
N ARG B 472 -6.10 20.68 11.97
CA ARG B 472 -6.82 19.42 11.79
C ARG B 472 -6.01 18.42 10.96
N LEU C 52 -14.40 -49.13 19.99
CA LEU C 52 -15.84 -49.33 19.91
C LEU C 52 -16.55 -48.34 20.85
N TYR C 53 -17.88 -48.53 21.03
CA TYR C 53 -18.71 -48.15 22.19
C TYR C 53 -18.69 -46.69 22.67
N PHE C 54 -19.74 -46.29 23.39
CA PHE C 54 -19.96 -45.01 24.10
C PHE C 54 -19.81 -43.75 23.25
N GLN C 55 -20.88 -42.96 23.22
CA GLN C 55 -20.91 -41.77 22.37
C GLN C 55 -19.92 -40.74 22.87
N GLY C 56 -19.19 -40.14 21.95
CA GLY C 56 -18.06 -39.34 22.30
C GLY C 56 -16.75 -40.08 22.35
N HIS C 57 -16.74 -41.36 21.99
CA HIS C 57 -15.47 -42.06 21.83
C HIS C 57 -14.68 -41.37 20.73
N MET C 58 -13.37 -41.26 20.93
CA MET C 58 -12.50 -40.64 19.93
C MET C 58 -11.44 -41.66 19.49
N GLN C 59 -10.91 -41.48 18.29
CA GLN C 59 -9.77 -42.26 17.81
C GLN C 59 -8.61 -41.32 17.49
N ASP C 60 -7.44 -41.89 17.27
CA ASP C 60 -6.30 -41.06 16.89
C ASP C 60 -6.49 -40.55 15.47
N GLY C 61 -6.26 -39.25 15.29
CA GLY C 61 -5.99 -38.70 13.97
C GLY C 61 -4.69 -37.93 14.05
N PHE C 62 -4.00 -37.81 12.90
CA PHE C 62 -2.66 -37.24 12.81
C PHE C 62 -2.65 -35.91 12.07
N LEU C 63 -1.66 -35.06 12.36
CA LEU C 63 -1.55 -33.78 11.68
C LEU C 63 -0.07 -33.41 11.50
N THR C 64 0.24 -32.83 10.35
CA THR C 64 1.53 -32.25 10.04
C THR C 64 1.31 -30.80 9.64
N VAL C 65 2.06 -29.88 10.22
CA VAL C 65 1.96 -28.46 9.88
C VAL C 65 3.24 -28.05 9.16
N SER C 66 3.09 -27.49 7.95
CA SER C 66 4.19 -26.93 7.17
C SER C 66 4.03 -25.42 7.08
N ILE C 67 5.01 -24.69 7.61
CA ILE C 67 5.07 -23.24 7.53
C ILE C 67 5.99 -22.85 6.39
N ILE C 68 5.52 -21.96 5.52
CA ILE C 68 6.36 -21.42 4.46
C ILE C 68 6.18 -19.92 4.38
N ASP C 69 7.24 -19.25 3.94
CA ASP C 69 7.18 -17.82 3.61
C ASP C 69 6.36 -17.65 2.34
N ALA C 70 5.28 -16.89 2.41
CA ALA C 70 4.40 -16.79 1.25
C ALA C 70 5.08 -16.08 0.07
N THR C 71 6.13 -15.29 0.30
CA THR C 71 6.73 -14.57 -0.81
C THR C 71 7.66 -15.46 -1.63
N ASN C 72 8.49 -16.25 -0.96
CA ASN C 72 9.48 -17.06 -1.67
C ASN C 72 9.26 -18.56 -1.52
N ASN C 73 8.23 -18.98 -0.80
CA ASN C 73 7.93 -20.38 -0.55
C ASN C 73 9.06 -21.11 0.14
N ARG C 74 9.92 -20.40 0.87
CA ARG C 74 10.91 -21.10 1.65
C ARG C 74 10.29 -21.57 2.95
N PRO C 75 10.90 -22.54 3.62
CA PRO C 75 10.38 -22.95 4.93
C PRO C 75 10.80 -22.01 6.03
N ILE C 76 9.92 -21.81 6.98
CA ILE C 76 10.22 -21.02 8.16
C ILE C 76 10.57 -21.97 9.30
N GLN C 77 11.79 -21.83 9.81
CA GLN C 77 12.28 -22.67 10.90
C GLN C 77 12.11 -21.94 12.23
N ASN C 78 11.70 -22.70 13.25
CA ASN C 78 11.57 -22.26 14.64
C ASN C 78 10.38 -21.32 14.85
N ALA C 79 9.38 -21.33 13.97
CA ALA C 79 8.13 -20.68 14.31
C ALA C 79 7.45 -21.44 15.44
N VAL C 80 6.55 -20.77 16.14
CA VAL C 80 5.72 -21.39 17.16
C VAL C 80 4.40 -21.83 16.53
N VAL C 81 3.92 -23.01 16.91
CA VAL C 81 2.59 -23.47 16.51
C VAL C 81 1.81 -23.85 17.76
N ASN C 82 0.57 -23.41 17.83
CA ASN C 82 -0.34 -23.79 18.89
C ASN C 82 -1.57 -24.43 18.27
N ILE C 83 -2.08 -25.48 18.90
CA ILE C 83 -3.31 -26.11 18.46
C ILE C 83 -4.33 -25.98 19.58
N TYR C 84 -5.56 -25.63 19.24
CA TYR C 84 -6.66 -25.59 20.19
C TYR C 84 -7.81 -26.39 19.65
N SER C 85 -8.71 -26.82 20.53
CA SER C 85 -9.91 -27.50 20.10
C SER C 85 -10.98 -26.49 19.72
N MET C 86 -12.08 -26.98 19.18
CA MET C 86 -13.24 -26.11 18.97
C MET C 86 -14.45 -26.59 19.76
N SER C 87 -15.65 -26.25 19.26
CA SER C 87 -16.97 -26.61 19.80
C SER C 87 -17.01 -27.34 21.15
N SER C 92 -15.97 -23.31 24.54
CA SER C 92 -15.88 -23.61 23.11
C SER C 92 -14.45 -23.76 22.54
N SER C 93 -13.42 -23.72 23.40
CA SER C 93 -12.05 -23.79 22.91
C SER C 93 -11.06 -23.83 24.07
N SER C 94 -10.00 -24.62 23.93
CA SER C 94 -8.98 -24.80 24.97
C SER C 94 -7.75 -25.47 24.36
N THR C 95 -6.59 -25.27 25.02
CA THR C 95 -5.27 -25.55 24.46
C THR C 95 -4.91 -27.04 24.52
N LEU C 96 -4.20 -27.49 23.48
CA LEU C 96 -3.84 -28.89 23.32
C LEU C 96 -2.34 -29.10 23.16
N TYR C 97 -1.75 -28.40 22.20
CA TYR C 97 -0.30 -28.26 22.05
C TYR C 97 0.04 -26.78 22.20
N GLN C 98 1.18 -26.48 22.84
CA GLN C 98 1.39 -25.19 23.50
C GLN C 98 2.48 -24.33 22.87
N ASN C 99 3.61 -24.90 22.46
CA ASN C 99 4.72 -24.14 21.89
C ASN C 99 5.52 -25.12 21.07
N LEU C 100 4.91 -25.64 20.02
CA LEU C 100 5.64 -26.46 19.07
C LEU C 100 6.52 -25.56 18.23
N ARG C 101 7.74 -26.01 17.96
CA ARG C 101 8.66 -25.24 17.13
C ARG C 101 8.84 -25.95 15.80
N SER C 102 8.71 -25.22 14.70
CA SER C 102 8.93 -25.79 13.38
C SER C 102 10.41 -26.16 13.19
N ASN C 103 10.66 -27.18 12.35
CA ASN C 103 12.02 -27.66 12.13
C ASN C 103 12.64 -26.95 10.91
N GLU C 104 13.72 -27.51 10.36
CA GLU C 104 14.46 -26.87 9.28
C GLU C 104 13.82 -27.08 7.92
N SER C 105 12.84 -27.97 7.82
CA SER C 105 11.94 -27.98 6.67
C SER C 105 10.65 -27.26 6.98
N GLY C 106 10.61 -26.50 8.08
CA GLY C 106 9.46 -25.67 8.38
C GLY C 106 8.28 -26.45 8.87
N GLN C 107 8.50 -27.68 9.34
CA GLN C 107 7.41 -28.58 9.66
C GLN C 107 7.37 -28.87 11.14
N VAL C 108 6.18 -29.27 11.57
CA VAL C 108 5.94 -29.90 12.86
C VAL C 108 5.14 -31.15 12.52
N THR C 109 5.76 -32.34 12.69
CA THR C 109 5.24 -33.56 12.06
C THR C 109 4.67 -34.51 13.08
N GLY C 110 3.58 -35.17 12.70
CA GLY C 110 3.00 -36.24 13.50
C GLY C 110 2.36 -35.81 14.80
N LEU C 111 1.77 -34.63 14.86
CA LEU C 111 0.92 -34.31 15.99
C LEU C 111 -0.18 -35.35 16.07
N VAL C 112 -0.59 -35.69 17.28
CA VAL C 112 -1.67 -36.65 17.48
C VAL C 112 -2.86 -35.90 18.04
N LEU C 113 -4.01 -36.06 17.41
CA LEU C 113 -5.24 -35.37 17.80
C LEU C 113 -6.43 -36.32 17.76
N PRO C 114 -7.34 -36.25 18.75
CA PRO C 114 -8.53 -37.10 18.71
C PRO C 114 -9.49 -36.70 17.61
N ALA C 115 -10.07 -37.70 16.94
CA ALA C 115 -11.12 -37.46 15.96
C ALA C 115 -12.29 -38.42 16.18
N PRO C 116 -13.51 -38.06 15.70
CA PRO C 116 -14.64 -39.01 15.82
C PRO C 116 -14.29 -40.38 15.29
N ASP C 117 -14.96 -41.42 15.74
CA ASP C 117 -14.65 -42.76 15.28
C ASP C 117 -14.68 -42.84 13.76
N VAL C 118 -13.76 -43.61 13.20
CA VAL C 118 -13.62 -43.66 11.75
C VAL C 118 -14.92 -44.10 11.08
N ASP C 119 -15.77 -44.83 11.80
CA ASP C 119 -17.00 -45.35 11.21
C ASP C 119 -17.95 -44.24 10.78
N TYR C 120 -17.99 -43.12 11.51
CA TYR C 120 -18.96 -42.07 11.16
C TYR C 120 -18.67 -41.46 9.81
N SER C 121 -17.48 -41.68 9.25
CA SER C 121 -17.12 -41.12 7.95
C SER C 121 -17.30 -42.12 6.82
N LEU C 122 -17.72 -43.34 7.11
CA LEU C 122 -17.88 -44.38 6.12
C LEU C 122 -19.33 -44.62 5.71
N GLN C 123 -20.28 -43.90 6.30
CA GLN C 123 -21.69 -44.00 5.91
C GLN C 123 -22.37 -42.68 6.24
N PRO C 124 -23.46 -42.37 5.55
CA PRO C 124 -24.16 -41.10 5.85
C PRO C 124 -24.51 -41.06 7.33
N SER C 125 -24.53 -39.86 7.88
CA SER C 125 -24.53 -39.75 9.33
C SER C 125 -24.94 -38.34 9.73
N ASP C 126 -25.63 -38.23 10.87
CA ASP C 126 -25.91 -36.93 11.47
C ASP C 126 -24.77 -36.44 12.34
N VAL C 127 -23.72 -37.24 12.52
CA VAL C 127 -22.60 -36.92 13.37
C VAL C 127 -21.47 -36.35 12.52
N ARG C 128 -20.86 -35.26 12.98
CA ARG C 128 -19.74 -34.67 12.25
C ARG C 128 -18.60 -35.68 12.27
N PRO C 129 -18.26 -36.28 11.14
CA PRO C 129 -17.34 -37.42 11.17
C PRO C 129 -15.88 -37.04 11.35
N TYR C 130 -15.62 -35.75 11.62
CA TYR C 130 -14.27 -35.21 11.70
C TYR C 130 -14.19 -34.18 12.82
N SER C 131 -12.98 -33.96 13.33
CA SER C 131 -12.77 -32.96 14.36
C SER C 131 -12.39 -31.63 13.74
N GLN C 132 -12.36 -30.60 14.56
CA GLN C 132 -12.03 -29.26 14.06
C GLN C 132 -11.07 -28.61 15.04
N TYR C 133 -9.88 -28.27 14.56
CA TYR C 133 -8.87 -27.68 15.41
C TYR C 133 -8.42 -26.34 14.87
N ILE C 134 -7.93 -25.50 15.77
CA ILE C 134 -7.43 -24.20 15.39
C ILE C 134 -5.91 -24.27 15.43
N VAL C 135 -5.25 -23.87 14.34
CA VAL C 135 -3.80 -23.89 14.28
C VAL C 135 -3.31 -22.46 14.18
N GLU C 136 -2.56 -22.02 15.19
CA GLU C 136 -1.99 -20.69 15.23
C GLU C 136 -0.50 -20.78 14.92
N ALA C 137 -0.03 -20.00 13.96
CA ALA C 137 1.40 -19.89 13.66
C ALA C 137 1.91 -18.50 14.00
N ILE C 138 3.10 -18.45 14.59
CA ILE C 138 3.69 -17.21 15.08
C ILE C 138 5.16 -17.27 14.72
N ALA C 139 5.66 -16.29 13.97
CA ALA C 139 7.06 -16.30 13.56
C ALA C 139 7.60 -14.89 13.55
N ASP C 140 8.85 -14.74 14.02
CA ASP C 140 9.51 -13.44 14.04
C ASP C 140 9.57 -12.86 12.64
N GLY C 141 9.20 -11.59 12.50
CA GLY C 141 9.22 -10.93 11.22
C GLY C 141 8.05 -11.26 10.32
N TYR C 142 7.15 -12.14 10.73
CA TYR C 142 6.01 -12.54 9.92
C TYR C 142 4.70 -12.14 10.58
N GLU C 143 3.65 -12.03 9.76
CA GLU C 143 2.33 -11.74 10.28
C GLU C 143 1.66 -13.03 10.75
N THR C 144 1.09 -12.99 11.95
CA THR C 144 0.51 -14.20 12.55
C THR C 144 -0.60 -14.77 11.68
N VAL C 145 -0.67 -16.10 11.58
CA VAL C 145 -1.70 -16.78 10.82
C VAL C 145 -2.48 -17.68 11.75
N VAL C 146 -3.81 -17.62 11.63
CA VAL C 146 -4.71 -18.51 12.36
C VAL C 146 -5.56 -19.22 11.33
N ILE C 147 -5.69 -20.53 11.48
CA ILE C 147 -6.49 -21.35 10.59
C ILE C 147 -7.55 -22.02 11.46
N GLU C 148 -8.81 -21.58 11.33
CA GLU C 148 -9.91 -22.01 12.19
C GLU C 148 -10.69 -23.11 11.49
N GLY C 149 -10.47 -24.36 11.88
CA GLY C 149 -11.34 -25.39 11.37
C GLY C 149 -10.66 -26.55 10.66
N THR C 150 -9.35 -26.69 10.89
CA THR C 150 -8.60 -27.84 10.42
C THR C 150 -9.35 -29.13 10.72
N GLN C 151 -9.70 -29.87 9.67
CA GLN C 151 -10.54 -31.04 9.78
C GLN C 151 -9.67 -32.28 9.93
N LEU C 152 -9.78 -32.97 11.05
CA LEU C 152 -9.06 -34.21 11.28
C LEU C 152 -9.99 -35.41 11.17
N LEU C 153 -9.53 -36.43 10.44
CA LEU C 153 -10.22 -37.72 10.34
C LEU C 153 -9.42 -38.80 11.07
N ALA C 154 -10.13 -39.66 11.78
CA ALA C 154 -9.52 -40.82 12.40
C ALA C 154 -8.68 -41.62 11.42
N THR C 155 -7.54 -42.12 11.89
CA THR C 155 -6.64 -43.10 11.26
C THR C 155 -5.79 -42.53 10.11
N ILE C 156 -5.80 -41.21 9.88
CA ILE C 156 -5.30 -40.59 8.63
C ILE C 156 -4.53 -39.32 8.96
N GLU C 157 -3.51 -39.00 8.13
CA GLU C 157 -2.69 -37.81 8.37
C GLU C 157 -3.21 -36.61 7.61
N ALA C 158 -3.57 -35.55 8.33
CA ALA C 158 -3.92 -34.27 7.74
C ALA C 158 -2.64 -33.45 7.57
N ARG C 159 -2.58 -32.68 6.47
CA ARG C 159 -1.46 -31.77 6.20
C ARG C 159 -2.01 -30.35 6.13
N GLN C 160 -1.68 -29.53 7.10
CA GLN C 160 -2.14 -28.15 7.13
C GLN C 160 -1.00 -27.22 6.74
N GLY C 161 -1.13 -26.51 5.63
CA GLY C 161 -0.13 -25.56 5.22
C GLY C 161 -0.41 -24.20 5.84
N VAL C 162 0.66 -23.50 6.24
CA VAL C 162 0.50 -22.15 6.78
C VAL C 162 1.41 -21.17 6.05
N PRO C 163 0.95 -20.53 4.97
CA PRO C 163 1.74 -19.50 4.28
C PRO C 163 1.70 -18.19 5.03
N MET C 164 2.84 -17.73 5.56
CA MET C 164 2.83 -16.49 6.31
C MET C 164 3.42 -15.36 5.46
N SER C 165 3.10 -14.13 5.83
CA SER C 165 3.57 -12.95 5.09
C SER C 165 4.50 -12.13 5.96
N PRO C 166 5.66 -11.71 5.44
CA PRO C 166 6.53 -10.83 6.22
C PRO C 166 5.85 -9.49 6.47
N ARG C 167 6.21 -8.82 7.55
CA ARG C 167 5.57 -7.54 7.86
C ARG C 167 6.33 -6.40 7.21
N SER C 175 -0.36 -3.73 9.77
CA SER C 175 0.37 -3.24 10.94
C SER C 175 0.94 -4.37 11.78
N ARG C 176 1.50 -4.03 12.94
CA ARG C 176 2.11 -5.03 13.80
C ARG C 176 1.07 -5.80 14.62
N GLN C 177 -0.15 -5.29 14.71
CA GLN C 177 -1.20 -5.90 15.50
C GLN C 177 -2.23 -6.64 14.64
N SER C 178 -1.90 -6.94 13.38
CA SER C 178 -2.85 -7.56 12.47
C SER C 178 -2.48 -9.02 12.24
N GLU C 179 -3.49 -9.80 11.82
CA GLU C 179 -3.37 -11.25 11.71
C GLU C 179 -4.32 -11.77 10.63
N LEU C 180 -3.93 -12.87 9.98
CA LEU C 180 -4.70 -13.50 8.92
C LEU C 180 -5.48 -14.68 9.49
N ILE C 181 -6.81 -14.61 9.41
CA ILE C 181 -7.70 -15.68 9.87
C ILE C 181 -8.25 -16.37 8.63
N PHE C 182 -7.98 -17.66 8.47
CA PHE C 182 -8.59 -18.48 7.43
C PHE C 182 -9.56 -19.44 8.07
N ASP C 183 -10.85 -19.29 7.79
CA ASP C 183 -11.82 -20.26 8.29
C ASP C 183 -12.07 -21.33 7.25
N ILE C 184 -12.11 -22.58 7.69
CA ILE C 184 -12.49 -23.72 6.85
C ILE C 184 -13.93 -24.09 7.20
N GLY C 185 -14.85 -23.89 6.24
CA GLY C 185 -16.23 -24.27 6.43
C GLY C 185 -16.40 -25.77 6.49
N GLU C 186 -17.64 -26.19 6.73
CA GLU C 186 -17.95 -27.61 6.82
C GLU C 186 -17.64 -28.35 5.52
N HIS C 187 -17.31 -29.63 5.66
CA HIS C 187 -17.15 -30.52 4.52
C HIS C 187 -18.45 -30.60 3.71
N THR C 188 -18.33 -30.67 2.38
CA THR C 188 -19.56 -30.71 1.57
C THR C 188 -20.41 -31.94 1.87
N LEU C 189 -19.82 -33.03 2.39
CA LEU C 189 -20.64 -34.20 2.68
C LEU C 189 -21.46 -34.04 3.95
N TYR C 190 -21.09 -33.12 4.84
CA TYR C 190 -21.77 -32.94 6.12
C TYR C 190 -22.52 -31.62 6.23
N GLY C 191 -21.98 -30.55 5.69
CA GLY C 191 -22.73 -29.30 5.70
C GLY C 191 -23.72 -29.19 4.55
N THR C 192 -24.52 -28.14 4.60
CA THR C 192 -25.52 -27.85 3.58
C THR C 192 -25.01 -26.69 2.72
N TYR C 193 -24.66 -26.98 1.48
CA TYR C 193 -24.28 -25.97 0.52
C TYR C 193 -25.29 -25.90 -0.61
N PRO C 194 -25.27 -24.82 -1.41
CA PRO C 194 -26.18 -24.75 -2.56
C PRO C 194 -26.03 -25.97 -3.44
N PRO C 195 -27.10 -26.36 -4.12
CA PRO C 195 -27.00 -27.49 -5.06
C PRO C 195 -26.42 -27.06 -6.41
N LYS C 196 -25.60 -27.95 -6.98
CA LYS C 196 -24.96 -27.73 -8.27
C LYS C 196 -26.00 -27.44 -9.35
N ILE C 197 -25.87 -26.28 -10.01
CA ILE C 197 -26.75 -25.90 -11.12
C ILE C 197 -26.54 -26.86 -12.27
N PRO C 198 -27.58 -27.47 -12.82
CA PRO C 198 -27.39 -28.43 -13.91
C PRO C 198 -26.88 -27.74 -15.15
N GLU C 199 -26.15 -28.50 -15.96
CA GLU C 199 -25.28 -27.91 -16.97
C GLU C 199 -24.95 -29.01 -17.98
N SER C 200 -24.89 -28.66 -19.25
CA SER C 200 -24.56 -29.68 -20.24
C SER C 200 -23.13 -30.15 -20.05
N ASN C 201 -22.86 -31.39 -20.44
CA ASN C 201 -21.61 -32.05 -20.12
C ASN C 201 -20.51 -31.83 -21.17
N LEU C 202 -20.83 -31.24 -22.31
CA LEU C 202 -19.86 -30.85 -23.33
C LEU C 202 -20.20 -29.43 -23.80
N LYS C 203 -19.19 -28.60 -24.04
CA LYS C 203 -19.34 -27.19 -24.38
C LYS C 203 -18.88 -26.93 -25.79
N PRO C 204 -19.29 -25.81 -26.40
CA PRO C 204 -18.78 -25.48 -27.73
C PRO C 204 -17.29 -25.20 -27.70
N LEU C 205 -16.62 -25.47 -28.82
CA LEU C 205 -15.18 -25.35 -28.87
C LEU C 205 -14.70 -24.60 -30.11
N PRO C 206 -13.57 -23.91 -30.01
CA PRO C 206 -13.00 -23.29 -31.19
C PRO C 206 -12.48 -24.35 -32.17
N PRO C 207 -12.47 -24.06 -33.45
CA PRO C 207 -12.10 -25.10 -34.41
C PRO C 207 -10.64 -25.46 -34.29
N PRO C 208 -10.24 -26.68 -34.63
CA PRO C 208 -8.83 -27.08 -34.52
C PRO C 208 -7.93 -26.18 -35.34
N THR C 209 -6.84 -25.73 -34.73
CA THR C 209 -5.74 -25.10 -35.46
C THR C 209 -4.82 -26.14 -36.10
N GLY C 210 -5.04 -27.43 -35.81
CA GLY C 210 -4.15 -28.46 -36.34
C GLY C 210 -2.75 -28.46 -35.78
N PHE C 211 -2.59 -28.18 -34.49
CA PHE C 211 -1.30 -28.41 -33.83
C PHE C 211 -1.33 -29.57 -32.86
N VAL C 212 -2.52 -30.01 -32.44
CA VAL C 212 -2.79 -31.11 -31.52
C VAL C 212 -2.63 -30.67 -30.07
N VAL C 213 -1.41 -30.35 -29.64
CA VAL C 213 -1.25 -29.95 -28.25
C VAL C 213 -2.13 -28.74 -27.94
N LEU C 214 -2.31 -27.83 -28.89
CA LEU C 214 -3.24 -26.74 -28.65
C LEU C 214 -4.70 -27.12 -28.95
N ASP C 215 -4.93 -28.16 -29.75
CA ASP C 215 -6.28 -28.61 -30.04
C ASP C 215 -6.85 -29.51 -28.97
N ASN C 216 -6.01 -30.05 -28.11
CA ASN C 216 -6.46 -30.97 -27.06
C ASN C 216 -6.08 -30.41 -25.71
N PRO C 217 -6.51 -31.04 -24.59
CA PRO C 217 -6.25 -30.45 -23.27
C PRO C 217 -4.81 -30.57 -22.84
N VAL C 218 -4.33 -29.55 -22.14
CA VAL C 218 -3.08 -29.63 -21.40
C VAL C 218 -3.36 -29.15 -20.00
N VAL C 219 -2.72 -29.79 -19.02
CA VAL C 219 -2.86 -29.43 -17.64
C VAL C 219 -2.08 -28.14 -17.44
N PRO C 220 -2.75 -27.06 -17.05
CA PRO C 220 -2.04 -25.80 -16.83
C PRO C 220 -1.16 -25.90 -15.61
N GLU C 221 -0.23 -24.94 -15.49
CA GLU C 221 0.57 -24.87 -14.28
C GLU C 221 -0.25 -24.32 -13.13
N PHE C 222 -1.15 -23.37 -13.44
CA PHE C 222 -1.90 -22.62 -12.45
C PHE C 222 -3.39 -22.58 -12.79
N ILE C 223 -4.18 -22.32 -11.78
CA ILE C 223 -5.61 -22.16 -11.89
C ILE C 223 -5.97 -20.88 -11.16
N VAL C 224 -6.73 -19.99 -11.79
CA VAL C 224 -7.19 -18.79 -11.11
C VAL C 224 -8.60 -19.03 -10.58
N VAL C 225 -8.75 -19.03 -9.26
CA VAL C 225 -10.00 -19.36 -8.59
C VAL C 225 -10.65 -18.09 -8.11
N HIS C 226 -11.88 -17.86 -8.55
CA HIS C 226 -12.72 -16.75 -8.10
C HIS C 226 -13.48 -17.20 -6.86
N ASP C 227 -13.09 -16.68 -5.69
CA ASP C 227 -13.65 -17.11 -4.42
C ASP C 227 -15.00 -16.43 -4.16
N GLY C 228 -15.96 -16.74 -5.02
CA GLY C 228 -17.30 -16.26 -4.84
C GLY C 228 -18.08 -16.47 -6.12
N LEU C 229 -19.31 -15.97 -6.11
CA LEU C 229 -20.17 -16.09 -7.28
C LEU C 229 -19.52 -15.38 -8.47
N PRO C 230 -19.87 -15.77 -9.70
CA PRO C 230 -19.26 -15.12 -10.86
C PRO C 230 -19.69 -13.67 -11.03
N GLU C 231 -20.93 -13.33 -10.73
CA GLU C 231 -21.39 -11.95 -10.89
C GLU C 231 -20.79 -11.02 -9.85
N ASP C 232 -20.36 -11.57 -8.72
CA ASP C 232 -19.79 -10.81 -7.62
C ASP C 232 -18.32 -10.51 -7.95
N SER C 233 -18.08 -9.35 -8.55
CA SER C 233 -16.74 -9.01 -9.03
C SER C 233 -15.83 -8.47 -7.93
N SER C 234 -16.35 -8.26 -6.72
CA SER C 234 -15.52 -7.84 -5.60
C SER C 234 -14.81 -9.01 -4.92
N ALA C 235 -15.30 -10.24 -5.10
CA ALA C 235 -14.67 -11.40 -4.53
C ALA C 235 -13.26 -11.55 -5.09
N PRO C 236 -12.35 -12.14 -4.31
CA PRO C 236 -10.93 -12.20 -4.72
C PRO C 236 -10.59 -13.39 -5.62
N ASN C 237 -9.54 -13.21 -6.43
CA ASN C 237 -9.00 -14.28 -7.26
C ASN C 237 -7.63 -14.69 -6.74
N TYR C 238 -7.41 -16.01 -6.67
CA TYR C 238 -6.15 -16.58 -6.23
C TYR C 238 -5.55 -17.40 -7.36
N TRP C 239 -4.22 -17.34 -7.51
CA TRP C 239 -3.48 -18.26 -8.38
C TRP C 239 -3.12 -19.48 -7.56
N ILE C 240 -3.57 -20.66 -7.97
CA ILE C 240 -3.41 -21.89 -7.21
C ILE C 240 -2.72 -22.92 -8.10
N PRO C 241 -1.63 -23.56 -7.65
CA PRO C 241 -1.03 -24.61 -8.48
C PRO C 241 -2.06 -25.70 -8.78
N PHE C 242 -2.10 -26.16 -10.03
CA PHE C 242 -3.15 -27.07 -10.43
C PHE C 242 -3.28 -28.26 -9.49
N LYS C 243 -2.19 -29.00 -9.29
CA LYS C 243 -2.25 -30.17 -8.39
C LYS C 243 -2.83 -29.81 -7.03
N GLU C 244 -2.41 -28.68 -6.43
CA GLU C 244 -2.91 -28.36 -5.10
C GLU C 244 -4.33 -27.84 -5.15
N TYR C 245 -4.74 -27.23 -6.27
CA TYR C 245 -6.16 -26.98 -6.47
C TYR C 245 -6.96 -28.27 -6.37
N ILE C 246 -6.53 -29.31 -7.09
CA ILE C 246 -7.31 -30.54 -7.16
C ILE C 246 -7.39 -31.21 -5.77
N LYS C 247 -6.25 -31.29 -5.05
CA LYS C 247 -6.28 -31.81 -3.68
C LYS C 247 -7.22 -31.03 -2.77
N ASN C 248 -7.20 -29.69 -2.89
CA ASN C 248 -8.15 -28.84 -2.17
C ASN C 248 -9.59 -29.26 -2.45
N ILE C 249 -9.97 -29.30 -3.73
CA ILE C 249 -11.33 -29.72 -4.07
C ILE C 249 -11.63 -31.09 -3.47
N ALA C 250 -10.80 -32.09 -3.77
CA ALA C 250 -11.09 -33.43 -3.29
C ALA C 250 -11.16 -33.50 -1.78
N SER C 251 -10.34 -32.73 -1.06
CA SER C 251 -10.36 -32.86 0.38
C SER C 251 -11.66 -32.36 0.98
N SER C 252 -12.49 -31.65 0.22
CA SER C 252 -13.80 -31.23 0.69
C SER C 252 -14.93 -32.02 0.06
N GLU C 253 -14.67 -32.78 -1.00
CA GLU C 253 -15.72 -33.49 -1.70
C GLU C 253 -15.80 -34.95 -1.32
N ILE C 254 -14.70 -35.55 -0.88
CA ILE C 254 -14.72 -36.93 -0.42
C ILE C 254 -13.96 -36.99 0.89
N TYR C 255 -14.15 -38.10 1.59
CA TYR C 255 -13.52 -38.31 2.88
C TYR C 255 -12.33 -39.19 2.61
N SER C 256 -11.16 -38.75 3.04
CA SER C 256 -9.95 -39.51 2.74
C SER C 256 -9.79 -40.81 3.54
N THR C 257 -10.87 -41.30 4.17
CA THR C 257 -10.93 -42.65 4.74
C THR C 257 -11.67 -43.62 3.81
N TRP C 258 -12.16 -43.14 2.68
CA TRP C 258 -12.86 -43.96 1.72
C TRP C 258 -11.90 -44.89 0.98
N PRO C 259 -12.40 -45.95 0.37
CA PRO C 259 -11.53 -46.89 -0.34
C PRO C 259 -10.67 -46.19 -1.38
N GLU C 260 -9.43 -46.67 -1.51
CA GLU C 260 -8.47 -46.13 -2.48
C GLU C 260 -9.09 -45.99 -3.86
N GLN C 261 -9.77 -47.03 -4.33
CA GLN C 261 -10.35 -46.98 -5.67
C GLN C 261 -11.39 -45.87 -5.77
N THR C 262 -12.16 -45.65 -4.69
CA THR C 262 -13.14 -44.57 -4.69
C THR C 262 -12.45 -43.21 -4.77
N ILE C 263 -11.38 -43.01 -4.00
CA ILE C 263 -10.63 -41.77 -4.09
C ILE C 263 -10.22 -41.50 -5.53
N TYR C 264 -9.64 -42.51 -6.19
CA TYR C 264 -9.19 -42.36 -7.57
C TYR C 264 -10.36 -42.02 -8.48
N ALA C 265 -11.44 -42.80 -8.37
CA ALA C 265 -12.64 -42.48 -9.13
C ALA C 265 -12.96 -41.02 -8.99
N ASN C 266 -13.24 -40.56 -7.75
CA ASN C 266 -13.66 -39.17 -7.54
C ASN C 266 -12.62 -38.17 -8.03
N VAL C 267 -11.35 -38.36 -7.69
CA VAL C 267 -10.34 -37.39 -8.12
C VAL C 267 -10.32 -37.22 -9.64
N ILE C 268 -10.62 -38.29 -10.38
CA ILE C 268 -10.59 -38.19 -11.84
C ILE C 268 -11.78 -37.40 -12.35
N ALA C 269 -12.96 -37.54 -11.71
CA ALA C 269 -14.06 -36.65 -12.07
C ALA C 269 -13.66 -35.20 -11.85
N ILE C 270 -13.12 -34.88 -10.68
CA ILE C 270 -12.78 -33.49 -10.39
C ILE C 270 -11.81 -32.95 -11.43
N ILE C 271 -10.81 -33.76 -11.80
CA ILE C 271 -9.86 -33.35 -12.85
C ILE C 271 -10.58 -33.12 -14.16
N SER C 272 -11.45 -34.04 -14.55
CA SER C 272 -12.13 -33.90 -15.84
C SER C 272 -12.93 -32.62 -15.87
N PHE C 273 -13.75 -32.40 -14.85
CA PHE C 273 -14.51 -31.17 -14.71
C PHE C 273 -13.58 -29.95 -14.79
N THR C 274 -12.51 -29.95 -13.99
CA THR C 274 -11.60 -28.81 -13.93
C THR C 274 -10.90 -28.56 -15.26
N LEU C 275 -10.35 -29.60 -15.89
CA LEU C 275 -9.76 -29.46 -17.22
C LEU C 275 -10.77 -29.07 -18.29
N ASN C 276 -12.06 -29.32 -18.09
CA ASN C 276 -13.01 -28.79 -19.06
C ASN C 276 -13.12 -27.28 -18.92
N ARG C 277 -13.36 -26.79 -17.70
CA ARG C 277 -13.42 -25.34 -17.46
C ARG C 277 -12.22 -24.63 -18.04
N VAL C 278 -11.06 -25.27 -17.93
CA VAL C 278 -9.83 -24.71 -18.48
C VAL C 278 -9.84 -24.80 -20.00
N PHE C 279 -10.14 -25.98 -20.55
CA PHE C 279 -9.90 -26.22 -21.97
C PHE C 279 -10.90 -25.48 -22.85
N THR C 280 -12.18 -25.46 -22.45
CA THR C 280 -13.17 -24.65 -23.14
C THR C 280 -13.03 -23.15 -22.86
N GLU C 281 -12.12 -22.74 -21.96
CA GLU C 281 -12.00 -21.35 -21.53
C GLU C 281 -13.35 -20.81 -21.10
N TRP C 282 -14.00 -21.51 -20.18
CA TRP C 282 -15.42 -21.29 -19.96
C TRP C 282 -15.69 -19.86 -19.49
N TYR C 283 -14.96 -19.40 -18.48
CA TYR C 283 -15.25 -18.08 -17.93
C TYR C 283 -14.54 -16.94 -18.68
N ARG C 284 -13.35 -17.17 -19.26
CA ARG C 284 -12.70 -16.16 -20.10
C ARG C 284 -13.62 -15.71 -21.22
N ASN C 285 -14.17 -16.66 -21.98
CA ASN C 285 -14.99 -16.36 -23.13
C ASN C 285 -16.30 -15.72 -22.68
N LYS C 286 -16.51 -15.62 -21.36
CA LYS C 286 -17.66 -14.88 -20.83
C LYS C 286 -17.25 -13.50 -20.31
N GLY C 287 -16.00 -13.10 -20.49
CA GLY C 287 -15.56 -11.79 -20.07
C GLY C 287 -15.11 -11.70 -18.65
N TYR C 288 -15.02 -12.83 -17.96
CA TYR C 288 -14.44 -12.90 -16.63
C TYR C 288 -12.94 -13.16 -16.73
N ASN C 289 -12.21 -12.72 -15.70
CA ASN C 289 -10.78 -12.95 -15.68
C ASN C 289 -10.39 -14.02 -14.65
N PHE C 290 -11.25 -15.03 -14.50
CA PHE C 290 -10.88 -16.19 -13.73
C PHE C 290 -11.13 -17.45 -14.56
N THR C 291 -10.65 -18.59 -14.03
CA THR C 291 -10.73 -19.89 -14.67
C THR C 291 -11.89 -20.74 -14.14
N ILE C 292 -12.33 -20.49 -12.92
CA ILE C 292 -13.29 -21.34 -12.23
C ILE C 292 -13.65 -20.62 -10.94
N THR C 293 -14.85 -20.83 -10.43
CA THR C 293 -15.19 -20.24 -9.14
C THR C 293 -15.10 -21.29 -8.05
N SER C 294 -15.28 -20.86 -6.80
CA SER C 294 -15.14 -21.73 -5.65
C SER C 294 -16.47 -22.23 -5.11
N THR C 295 -17.57 -21.99 -5.82
CA THR C 295 -18.89 -22.21 -5.26
C THR C 295 -19.45 -23.57 -5.67
N THR C 296 -20.39 -24.11 -4.88
CA THR C 296 -20.91 -25.43 -5.21
C THR C 296 -21.94 -25.37 -6.32
N ALA C 297 -22.64 -24.25 -6.41
CA ALA C 297 -23.69 -24.09 -7.42
C ALA C 297 -23.13 -24.12 -8.83
N TYR C 298 -22.00 -23.45 -9.08
CA TYR C 298 -21.47 -23.40 -10.44
C TYR C 298 -20.32 -24.37 -10.70
N ASP C 299 -19.53 -24.71 -9.70
CA ASP C 299 -18.34 -25.50 -9.92
C ASP C 299 -18.21 -26.48 -8.76
N HIS C 300 -17.15 -26.38 -7.97
CA HIS C 300 -17.12 -27.17 -6.76
C HIS C 300 -16.27 -26.44 -5.72
N LYS C 301 -16.44 -26.84 -4.47
CA LYS C 301 -16.17 -25.94 -3.36
C LYS C 301 -14.68 -25.92 -3.02
N PHE C 302 -14.05 -24.74 -3.15
CA PHE C 302 -12.62 -24.52 -2.91
C PHE C 302 -12.44 -23.59 -1.72
N ILE C 303 -11.92 -24.11 -0.62
CA ILE C 303 -11.67 -23.32 0.59
C ILE C 303 -10.19 -22.96 0.64
N ASN C 304 -9.89 -21.65 0.72
CA ASN C 304 -8.50 -21.18 0.71
C ASN C 304 -7.76 -21.66 1.94
N ASN C 305 -6.62 -22.30 1.71
CA ASN C 305 -5.71 -22.79 2.74
C ASN C 305 -6.31 -23.87 3.62
N ARG C 306 -7.35 -24.57 3.16
CA ARG C 306 -7.82 -25.71 3.94
C ARG C 306 -6.72 -26.78 4.05
N ASN C 307 -6.89 -27.71 4.99
CA ASN C 307 -5.88 -28.74 5.13
C ASN C 307 -6.11 -29.82 4.10
N LEU C 308 -5.02 -30.37 3.58
CA LEU C 308 -5.09 -31.52 2.67
C LEU C 308 -4.98 -32.80 3.48
N PHE C 309 -5.21 -33.92 2.82
CA PHE C 309 -5.12 -35.21 3.48
C PHE C 309 -4.16 -36.08 2.70
N GLU C 310 -3.46 -36.94 3.41
CA GLU C 310 -2.32 -37.63 2.84
C GLU C 310 -2.74 -38.71 1.85
N PRO C 311 -3.75 -39.53 2.11
CA PRO C 311 -4.21 -40.46 1.05
C PRO C 311 -4.64 -39.76 -0.23
N ILE C 312 -5.22 -38.57 -0.14
CA ILE C 312 -5.68 -37.87 -1.31
C ILE C 312 -4.49 -37.24 -2.02
N ASN C 313 -3.59 -36.63 -1.26
CA ASN C 313 -2.44 -36.01 -1.91
C ASN C 313 -1.68 -37.03 -2.73
N VAL C 314 -1.62 -38.28 -2.29
CA VAL C 314 -0.82 -39.25 -3.02
C VAL C 314 -1.58 -39.74 -4.24
N VAL C 315 -2.90 -39.87 -4.16
CA VAL C 315 -3.69 -40.19 -5.35
C VAL C 315 -3.55 -39.07 -6.37
N VAL C 316 -3.82 -37.84 -5.95
CA VAL C 316 -3.73 -36.72 -6.88
C VAL C 316 -2.33 -36.59 -7.46
N ASP C 317 -1.30 -36.79 -6.62
CA ASP C 317 0.07 -36.71 -7.10
C ASP C 317 0.34 -37.69 -8.22
N ALA C 318 -0.40 -38.80 -8.26
CA ALA C 318 -0.15 -39.87 -9.21
C ALA C 318 -1.01 -39.81 -10.46
N ILE C 319 -2.08 -39.02 -10.47
CA ILE C 319 -2.98 -39.07 -11.62
C ILE C 319 -3.55 -37.71 -11.97
N PHE C 320 -2.87 -36.64 -11.56
CA PHE C 320 -3.46 -35.33 -11.75
C PHE C 320 -3.69 -34.98 -13.21
N ASN C 321 -3.22 -35.80 -14.16
CA ASN C 321 -3.42 -35.46 -15.55
C ASN C 321 -4.31 -36.45 -16.28
N THR C 322 -4.87 -37.44 -15.59
CA THR C 322 -5.86 -38.32 -16.18
C THR C 322 -7.24 -37.66 -16.17
N PHE C 323 -7.97 -37.76 -17.28
CA PHE C 323 -9.36 -37.30 -17.33
C PHE C 323 -10.20 -38.26 -18.13
N ILE C 324 -11.54 -38.04 -18.08
CA ILE C 324 -12.55 -38.84 -18.77
C ILE C 324 -12.90 -38.17 -20.09
N LYS C 325 -13.15 -38.97 -21.11
CA LYS C 325 -13.68 -38.44 -22.37
C LYS C 325 -14.93 -39.23 -22.71
N ARG C 326 -16.03 -38.55 -22.92
CA ARG C 326 -17.15 -39.31 -23.45
C ARG C 326 -17.91 -38.40 -24.41
N PRO C 327 -18.11 -38.80 -25.68
CA PRO C 327 -17.76 -40.08 -26.33
C PRO C 327 -16.27 -40.18 -26.59
N PRO C 328 -15.77 -41.38 -26.91
CA PRO C 328 -14.32 -41.53 -27.09
C PRO C 328 -13.71 -40.59 -28.11
N THR C 329 -14.47 -40.17 -29.13
CA THR C 329 -13.96 -39.27 -30.16
C THR C 329 -13.78 -37.83 -29.68
N SER C 330 -14.23 -37.52 -28.46
CA SER C 330 -14.30 -36.15 -28.00
C SER C 330 -12.89 -35.56 -27.89
N ARG C 331 -12.81 -34.21 -27.99
CA ARG C 331 -11.56 -33.49 -27.77
C ARG C 331 -11.41 -33.00 -26.35
N GLN C 332 -12.49 -32.58 -25.73
CA GLN C 332 -12.56 -31.97 -24.40
C GLN C 332 -12.81 -33.03 -23.32
N PRO C 333 -12.35 -32.78 -22.10
CA PRO C 333 -12.69 -33.70 -21.01
C PRO C 333 -14.18 -33.62 -20.75
N LEU C 334 -14.73 -34.72 -20.26
CA LEU C 334 -16.14 -34.68 -19.90
C LEU C 334 -16.31 -33.72 -18.73
N LEU C 335 -17.37 -32.91 -18.77
CA LEU C 335 -17.68 -32.13 -17.59
C LEU C 335 -18.37 -33.04 -16.59
N ALA C 336 -17.56 -33.85 -15.89
CA ALA C 336 -18.06 -34.87 -14.98
C ALA C 336 -18.65 -34.23 -13.72
N GLN C 337 -19.92 -34.52 -13.44
CA GLN C 337 -20.63 -33.87 -12.35
C GLN C 337 -21.13 -34.89 -11.34
N TYR C 338 -21.30 -34.48 -10.09
CA TYR C 338 -21.69 -35.43 -9.04
C TYR C 338 -22.62 -34.78 -8.03
N CYS C 339 -22.88 -35.52 -6.97
CA CYS C 339 -23.60 -35.12 -5.77
C CYS C 339 -23.38 -36.23 -4.74
N ASP C 340 -23.80 -35.99 -3.50
CA ASP C 340 -23.49 -36.97 -2.46
C ASP C 340 -24.34 -38.23 -2.60
N GLY C 341 -25.54 -38.12 -3.16
CA GLY C 341 -26.40 -39.29 -3.29
C GLY C 341 -27.18 -39.59 -2.04
N GLN C 342 -27.46 -38.57 -1.24
CA GLN C 342 -28.22 -38.67 0.00
C GLN C 342 -29.08 -37.42 0.14
N LYS C 343 -28.49 -36.33 0.60
CA LYS C 343 -29.19 -35.06 0.62
C LYS C 343 -29.60 -34.64 -0.79
N SER C 344 -28.73 -34.90 -1.77
CA SER C 344 -28.96 -34.49 -3.14
C SER C 344 -28.89 -35.69 -4.07
N GLN C 345 -29.85 -35.78 -5.00
CA GLN C 345 -29.80 -36.78 -6.04
C GLN C 345 -29.33 -36.14 -7.34
N CYS C 346 -28.72 -36.95 -8.19
CA CYS C 346 -28.26 -36.50 -9.49
C CYS C 346 -28.29 -37.70 -10.41
N PRO C 347 -29.24 -37.74 -11.34
CA PRO C 347 -29.26 -38.80 -12.34
C PRO C 347 -28.29 -38.51 -13.48
N ASP C 348 -27.92 -39.59 -14.17
CA ASP C 348 -26.93 -39.54 -15.25
C ASP C 348 -25.57 -39.05 -14.74
N GLN C 349 -25.31 -39.22 -13.46
CA GLN C 349 -24.10 -38.69 -12.86
C GLN C 349 -23.70 -39.54 -11.68
N MET C 350 -22.54 -39.23 -11.12
CA MET C 350 -21.99 -40.00 -10.03
C MET C 350 -22.51 -39.48 -8.69
N THR C 351 -22.79 -40.40 -7.78
CA THR C 351 -23.05 -40.05 -6.39
C THR C 351 -21.83 -40.44 -5.58
N GLN C 352 -21.34 -39.49 -4.77
CA GLN C 352 -20.13 -39.75 -4.00
C GLN C 352 -20.32 -40.92 -3.03
N TRP C 353 -21.52 -41.05 -2.42
CA TRP C 353 -21.74 -42.19 -1.53
C TRP C 353 -21.89 -43.49 -2.30
N GLY C 354 -22.39 -43.42 -3.52
CA GLY C 354 -22.48 -44.63 -4.32
C GLY C 354 -21.11 -45.10 -4.77
N SER C 355 -20.25 -44.16 -5.12
CA SER C 355 -18.91 -44.54 -5.53
C SER C 355 -18.16 -45.18 -4.37
N LYS C 356 -18.57 -44.89 -3.14
CA LYS C 356 -17.96 -45.59 -2.01
C LYS C 356 -18.63 -46.92 -1.73
N ASP C 357 -19.92 -47.07 -2.04
CA ASP C 357 -20.48 -48.42 -2.04
C ASP C 357 -19.66 -49.32 -2.93
N LEU C 358 -19.48 -48.88 -4.17
CA LEU C 358 -18.75 -49.69 -5.14
C LEU C 358 -17.32 -49.93 -4.69
N GLY C 359 -16.71 -48.97 -3.99
CA GLY C 359 -15.38 -49.21 -3.43
C GLY C 359 -15.39 -50.36 -2.45
N ASP C 360 -16.35 -50.35 -1.53
CA ASP C 360 -16.47 -51.44 -0.56
C ASP C 360 -16.70 -52.79 -1.21
N GLN C 361 -17.12 -52.82 -2.48
CA GLN C 361 -17.35 -54.08 -3.16
C GLN C 361 -16.14 -54.52 -3.97
N GLY C 362 -15.05 -53.78 -3.94
CA GLY C 362 -13.89 -54.14 -4.71
C GLY C 362 -13.86 -53.63 -6.13
N TYR C 363 -14.79 -52.77 -6.53
CA TYR C 363 -14.70 -52.13 -7.84
C TYR C 363 -13.39 -51.37 -7.95
N ASP C 364 -12.78 -51.44 -9.13
CA ASP C 364 -11.66 -50.55 -9.41
C ASP C 364 -12.17 -49.25 -10.01
N TYR C 365 -11.31 -48.22 -10.04
CA TYR C 365 -11.80 -46.89 -10.35
C TYR C 365 -12.26 -46.75 -11.80
N GLU C 366 -11.73 -47.56 -12.72
CA GLU C 366 -12.26 -47.52 -14.08
C GLU C 366 -13.71 -48.00 -14.08
N SER C 367 -14.01 -49.03 -13.27
CA SER C 367 -15.35 -49.58 -13.23
C SER C 367 -16.32 -48.70 -12.45
N ILE C 368 -15.86 -48.01 -11.40
CA ILE C 368 -16.73 -47.09 -10.67
C ILE C 368 -17.21 -45.99 -11.61
N LEU C 369 -16.29 -45.44 -12.39
CA LEU C 369 -16.69 -44.34 -13.26
C LEU C 369 -17.53 -44.84 -14.44
N ARG C 370 -17.15 -46.00 -15.02
CA ARG C 370 -17.96 -46.60 -16.07
C ARG C 370 -19.38 -46.92 -15.57
N TYR C 371 -19.50 -47.24 -14.29
CA TYR C 371 -20.82 -47.55 -13.74
C TYR C 371 -21.72 -46.31 -13.82
N PHE C 372 -21.15 -45.13 -13.54
CA PHE C 372 -21.93 -43.91 -13.45
C PHE C 372 -21.95 -43.10 -14.73
N TYR C 373 -20.90 -43.19 -15.54
CA TYR C 373 -20.81 -42.39 -16.74
C TYR C 373 -20.89 -43.20 -18.03
N GLY C 374 -20.74 -44.52 -17.96
CA GLY C 374 -20.98 -45.37 -19.12
C GLY C 374 -19.77 -46.17 -19.46
N ASP C 375 -19.95 -47.32 -20.11
CA ASP C 375 -18.81 -48.18 -20.48
C ASP C 375 -17.96 -47.56 -21.58
N GLU C 376 -18.58 -46.81 -22.48
CA GLU C 376 -17.96 -46.17 -23.63
C GLU C 376 -16.95 -45.06 -23.28
N ILE C 377 -16.89 -44.61 -22.03
CA ILE C 377 -15.90 -43.59 -21.71
C ILE C 377 -14.49 -44.16 -21.89
N VAL C 378 -13.53 -43.27 -22.10
CA VAL C 378 -12.12 -43.62 -22.22
C VAL C 378 -11.30 -42.65 -21.37
N PHE C 379 -10.12 -43.10 -20.95
CA PHE C 379 -9.24 -42.34 -20.07
C PHE C 379 -8.03 -41.84 -20.84
N GLU C 380 -7.73 -40.56 -20.67
CA GLU C 380 -6.63 -39.91 -21.38
C GLU C 380 -5.72 -39.25 -20.38
N ARG C 381 -4.48 -39.06 -20.82
CA ARG C 381 -3.41 -38.51 -20.01
C ARG C 381 -2.88 -37.30 -20.76
N ALA C 382 -3.16 -36.08 -20.23
CA ALA C 382 -2.84 -34.82 -20.88
C ALA C 382 -1.38 -34.44 -20.73
N PRO C 383 -0.83 -33.69 -21.67
CA PRO C 383 0.46 -33.02 -21.42
C PRO C 383 0.35 -32.13 -20.19
N ILE C 384 1.49 -31.88 -19.56
CA ILE C 384 1.56 -31.12 -18.32
C ILE C 384 2.54 -29.99 -18.53
N VAL C 385 2.11 -28.76 -18.29
CA VAL C 385 3.06 -27.67 -18.15
C VAL C 385 3.43 -27.56 -16.67
N SER C 386 4.72 -27.78 -16.37
CA SER C 386 5.26 -27.82 -15.02
C SER C 386 6.17 -26.65 -14.69
N GLY C 387 6.68 -25.93 -15.70
CA GLY C 387 7.56 -24.75 -15.70
C GLY C 387 9.00 -25.22 -15.69
N VAL C 388 9.22 -26.51 -15.69
CA VAL C 388 10.48 -27.14 -16.07
C VAL C 388 10.24 -27.79 -17.42
N PRO C 389 10.92 -27.34 -18.51
CA PRO C 389 10.65 -27.87 -19.86
C PRO C 389 11.28 -29.23 -20.13
N VAL C 390 11.14 -30.15 -19.17
CA VAL C 390 11.49 -31.55 -19.35
C VAL C 390 10.36 -32.38 -18.79
N SER C 391 9.87 -33.34 -19.57
CA SER C 391 8.78 -34.19 -19.14
C SER C 391 9.28 -35.47 -18.54
N PHE C 392 8.45 -36.08 -17.71
CA PHE C 392 8.77 -37.38 -17.16
C PHE C 392 9.00 -38.38 -18.26
N PRO C 393 10.15 -39.03 -18.30
CA PRO C 393 10.51 -39.86 -19.46
C PRO C 393 9.66 -41.11 -19.66
N GLY C 394 8.74 -41.42 -18.76
CA GLY C 394 7.86 -42.56 -18.94
C GLY C 394 8.36 -43.85 -18.31
N THR C 395 9.61 -43.85 -17.83
CA THR C 395 10.19 -44.95 -17.07
C THR C 395 10.73 -44.37 -15.77
N THR C 396 10.44 -45.05 -14.66
CA THR C 396 10.95 -44.63 -13.37
C THR C 396 12.47 -44.57 -13.38
N LEU C 397 13.03 -43.55 -12.73
CA LEU C 397 14.47 -43.45 -12.49
C LEU C 397 14.83 -43.96 -11.11
N GLN C 398 15.86 -44.79 -11.02
CA GLN C 398 16.25 -45.41 -9.74
C GLN C 398 17.75 -45.63 -9.72
N VAL C 399 18.23 -46.28 -8.66
CA VAL C 399 19.65 -46.55 -8.53
C VAL C 399 20.11 -47.44 -9.68
N GLY C 400 21.06 -46.94 -10.47
CA GLY C 400 21.43 -47.57 -11.72
C GLY C 400 21.00 -46.79 -12.95
N SER C 401 19.99 -45.94 -12.84
CA SER C 401 19.67 -45.09 -13.96
C SER C 401 20.84 -44.15 -14.23
N SER C 402 20.83 -43.54 -15.40
CA SER C 402 21.85 -42.58 -15.79
C SER C 402 21.36 -41.82 -17.00
N GLY C 403 21.89 -40.61 -17.18
CA GLY C 403 21.57 -39.81 -18.33
C GLY C 403 21.10 -38.45 -17.91
N GLN C 404 20.51 -37.73 -18.87
CA GLN C 404 20.16 -36.33 -18.65
C GLN C 404 18.95 -36.20 -17.73
N TYR C 405 18.07 -37.20 -17.71
CA TYR C 405 16.91 -37.14 -16.83
C TYR C 405 17.32 -37.21 -15.39
N VAL C 406 18.35 -38.00 -15.09
CA VAL C 406 18.84 -38.03 -13.72
C VAL C 406 19.57 -36.74 -13.39
N ARG C 407 20.45 -36.28 -14.29
CA ARG C 407 21.12 -34.99 -14.09
C ARG C 407 20.12 -33.87 -13.84
N THR C 408 18.99 -33.90 -14.55
CA THR C 408 17.97 -32.90 -14.33
C THR C 408 17.34 -33.03 -12.94
N ILE C 409 17.11 -34.26 -12.48
CA ILE C 409 16.65 -34.49 -11.11
C ILE C 409 17.67 -34.01 -10.10
N GLN C 410 18.95 -34.36 -10.30
CA GLN C 410 19.96 -33.95 -9.34
C GLN C 410 20.14 -32.45 -9.36
N ASN C 411 19.97 -31.81 -10.52
CA ASN C 411 20.05 -30.35 -10.57
C ASN C 411 18.91 -29.72 -9.80
N GLN C 412 17.70 -30.22 -10.02
CA GLN C 412 16.55 -29.68 -9.31
C GLN C 412 16.68 -29.86 -7.81
N LEU C 413 16.98 -31.08 -7.36
CA LEU C 413 17.09 -31.32 -5.92
C LEU C 413 18.18 -30.46 -5.28
N ASN C 414 19.32 -30.30 -5.96
CA ASN C 414 20.34 -29.43 -5.39
C ASN C 414 19.82 -28.01 -5.24
N ALA C 415 19.05 -27.54 -6.22
CA ALA C 415 18.47 -26.21 -6.10
C ALA C 415 17.46 -26.17 -4.97
N ILE C 416 16.52 -27.11 -4.94
CA ILE C 416 15.53 -27.23 -3.87
C ILE C 416 16.18 -27.23 -2.50
N SER C 417 17.40 -27.76 -2.40
CA SER C 417 18.04 -27.90 -1.10
C SER C 417 18.63 -26.60 -0.60
N ASN C 418 18.80 -25.60 -1.48
CA ASN C 418 19.11 -24.26 -0.99
C ASN C 418 17.99 -23.74 -0.10
N SER C 419 16.74 -24.05 -0.43
CA SER C 419 15.60 -23.63 0.39
C SER C 419 15.25 -24.64 1.48
N TYR C 420 15.35 -25.95 1.20
CA TYR C 420 15.14 -26.97 2.22
C TYR C 420 16.48 -27.59 2.57
N PRO C 421 17.22 -27.04 3.54
CA PRO C 421 18.53 -27.61 3.89
C PRO C 421 18.47 -29.08 4.29
N ALA C 422 17.29 -29.61 4.65
CA ALA C 422 17.23 -31.02 5.02
C ALA C 422 17.56 -31.92 3.84
N VAL C 423 17.35 -31.46 2.61
CA VAL C 423 17.69 -32.24 1.42
C VAL C 423 19.19 -32.15 1.16
N PRO C 424 19.92 -33.26 1.23
CA PRO C 424 21.38 -33.19 1.04
C PRO C 424 21.74 -32.93 -0.41
N LYS C 425 22.81 -32.16 -0.60
CA LYS C 425 23.33 -31.93 -1.94
C LYS C 425 23.93 -33.19 -2.53
N VAL C 426 23.90 -33.28 -3.86
CA VAL C 426 24.51 -34.39 -4.57
C VAL C 426 25.32 -33.84 -5.74
N ILE C 427 26.31 -34.61 -6.17
CA ILE C 427 27.02 -34.26 -7.40
C ILE C 427 26.07 -34.47 -8.57
N GLU C 428 26.15 -33.59 -9.57
CA GLU C 428 25.26 -33.66 -10.73
C GLU C 428 25.96 -34.41 -11.86
N ASP C 429 26.30 -35.65 -11.55
CA ASP C 429 27.04 -36.51 -12.47
C ASP C 429 26.16 -37.18 -13.50
N GLY C 430 24.85 -37.17 -13.32
CA GLY C 430 24.00 -37.95 -14.20
C GLY C 430 23.97 -39.42 -13.87
N ILE C 431 24.45 -39.81 -12.70
CA ILE C 431 24.48 -41.20 -12.26
C ILE C 431 23.71 -41.29 -10.95
N TYR C 432 22.68 -42.12 -10.93
CA TYR C 432 21.71 -42.14 -9.84
C TYR C 432 22.18 -43.17 -8.83
N GLY C 433 22.86 -42.70 -7.80
CA GLY C 433 23.42 -43.55 -6.78
C GLY C 433 22.76 -43.35 -5.44
N THR C 434 23.37 -43.95 -4.42
CA THR C 434 22.88 -43.90 -3.06
C THR C 434 22.74 -42.46 -2.52
N ASP C 435 23.50 -41.50 -3.03
CA ASP C 435 23.27 -40.11 -2.61
C ASP C 435 21.96 -39.57 -3.17
N THR C 436 21.65 -39.90 -4.43
CA THR C 436 20.41 -39.40 -5.01
C THR C 436 19.20 -40.12 -4.43
N GLU C 437 19.31 -41.43 -4.25
CA GLU C 437 18.26 -42.18 -3.57
C GLU C 437 17.94 -41.57 -2.22
N ASN C 438 18.98 -41.19 -1.47
CA ASN C 438 18.78 -40.62 -0.14
C ASN C 438 18.14 -39.25 -0.22
N ALA C 439 18.70 -38.39 -1.10
CA ALA C 439 18.10 -37.10 -1.39
C ALA C 439 16.62 -37.23 -1.71
N VAL C 440 16.26 -38.17 -2.59
CA VAL C 440 14.88 -38.32 -3.03
C VAL C 440 14.00 -38.81 -1.88
N LYS C 441 14.53 -39.76 -1.09
CA LYS C 441 13.79 -40.24 0.08
C LYS C 441 13.48 -39.09 1.04
N ILE C 442 14.46 -38.24 1.32
CA ILE C 442 14.23 -37.17 2.26
C ILE C 442 13.24 -36.18 1.67
N PHE C 443 13.31 -35.97 0.35
CA PHE C 443 12.38 -35.06 -0.31
C PHE C 443 10.95 -35.58 -0.20
N GLN C 444 10.73 -36.82 -0.64
CA GLN C 444 9.41 -37.44 -0.53
C GLN C 444 8.87 -37.31 0.90
N GLY C 445 9.73 -37.52 1.90
CA GLY C 445 9.27 -37.40 3.27
C GLY C 445 8.72 -36.03 3.60
N ILE C 446 9.41 -34.98 3.15
CA ILE C 446 8.97 -33.62 3.43
C ILE C 446 7.64 -33.33 2.76
N PHE C 447 7.38 -33.90 1.59
CA PHE C 447 6.24 -33.43 0.81
C PHE C 447 5.09 -34.42 0.77
N GLY C 448 5.17 -35.48 1.57
CA GLY C 448 4.06 -36.41 1.71
C GLY C 448 4.07 -37.56 0.75
N LEU C 449 5.19 -37.87 0.17
CA LEU C 449 5.13 -38.98 -0.76
C LEU C 449 5.67 -40.25 -0.10
N PRO C 450 5.32 -41.43 -0.59
CA PRO C 450 6.01 -42.63 -0.12
C PRO C 450 7.51 -42.43 -0.28
N GLN C 451 8.25 -42.74 0.77
CA GLN C 451 9.70 -42.52 0.74
C GLN C 451 10.39 -43.69 0.04
N SER C 452 10.13 -43.80 -1.27
CA SER C 452 10.66 -44.93 -2.03
C SER C 452 12.10 -44.74 -2.50
N GLY C 453 12.57 -43.50 -2.63
CA GLY C 453 13.90 -43.30 -3.17
C GLY C 453 13.97 -43.45 -4.66
N VAL C 454 12.83 -43.44 -5.32
CA VAL C 454 12.69 -43.73 -6.74
C VAL C 454 11.92 -42.56 -7.36
N VAL C 455 12.35 -42.10 -8.52
CA VAL C 455 11.70 -40.95 -9.16
C VAL C 455 10.79 -41.49 -10.24
N ASP C 456 9.54 -41.70 -9.86
CA ASP C 456 8.44 -42.14 -10.72
C ASP C 456 7.64 -40.92 -11.16
N PHE C 457 6.49 -41.16 -11.77
CA PHE C 457 5.70 -40.04 -12.28
C PHE C 457 5.38 -39.06 -11.17
N LYS C 458 4.87 -39.55 -10.04
CA LYS C 458 4.40 -38.63 -9.01
C LYS C 458 5.57 -37.91 -8.35
N THR C 459 6.70 -38.60 -8.14
CA THR C 459 7.86 -37.90 -7.58
C THR C 459 8.43 -36.91 -8.59
N TRP C 460 8.39 -37.24 -9.88
CA TRP C 460 8.96 -36.32 -10.86
C TRP C 460 8.28 -34.97 -10.80
N TYR C 461 6.94 -34.95 -10.80
CA TYR C 461 6.26 -33.68 -10.92
C TYR C 461 6.17 -32.94 -9.60
N GLU C 462 6.24 -33.66 -8.48
CA GLU C 462 6.38 -32.95 -7.21
C GLU C 462 7.73 -32.30 -7.09
N ILE C 463 8.78 -32.94 -7.63
CA ILE C 463 10.09 -32.28 -7.59
C ILE C 463 10.03 -30.99 -8.39
N SER C 464 9.62 -31.08 -9.65
CA SER C 464 9.53 -29.87 -10.47
C SER C 464 8.70 -28.79 -9.79
N ARG C 465 7.55 -29.16 -9.22
CA ARG C 465 6.71 -28.16 -8.56
C ARG C 465 7.49 -27.41 -7.48
N VAL C 466 8.17 -28.14 -6.60
CA VAL C 466 8.95 -27.47 -5.57
C VAL C 466 10.15 -26.75 -6.17
N TYR C 467 10.75 -27.28 -7.25
CA TYR C 467 11.81 -26.54 -7.91
C TYR C 467 11.33 -25.19 -8.41
N VAL C 468 10.22 -25.18 -9.12
CA VAL C 468 9.69 -23.91 -9.63
C VAL C 468 9.30 -22.97 -8.50
N ALA C 469 8.71 -23.51 -7.43
CA ALA C 469 8.16 -22.67 -6.37
C ALA C 469 9.25 -21.98 -5.55
N THR C 470 10.40 -22.62 -5.36
CA THR C 470 11.46 -22.03 -4.58
C THR C 470 12.58 -21.42 -5.42
N THR C 471 12.43 -21.33 -6.74
CA THR C 471 13.45 -20.68 -7.55
C THR C 471 12.92 -19.53 -8.39
N ARG C 472 11.69 -19.07 -8.15
CA ARG C 472 11.34 -17.74 -8.62
C ARG C 472 12.33 -16.78 -7.92
N GLY D 56 -13.88 -17.75 43.93
CA GLY D 56 -14.69 -18.47 42.96
C GLY D 56 -16.00 -17.76 42.70
N HIS D 57 -16.43 -16.95 43.66
CA HIS D 57 -17.70 -16.26 43.57
C HIS D 57 -17.53 -14.96 42.79
N MET D 58 -18.51 -14.65 41.95
CA MET D 58 -18.39 -13.53 41.02
C MET D 58 -19.44 -12.46 41.33
N GLN D 59 -19.14 -11.23 40.89
CA GLN D 59 -20.04 -10.10 40.97
C GLN D 59 -20.24 -9.50 39.58
N ASP D 60 -21.35 -8.76 39.43
CA ASP D 60 -21.73 -8.16 38.16
C ASP D 60 -20.85 -6.95 37.86
N GLY D 61 -19.94 -7.10 36.90
CA GLY D 61 -19.36 -5.95 36.23
C GLY D 61 -20.20 -5.52 35.05
N PHE D 62 -20.01 -4.28 34.60
CA PHE D 62 -20.82 -3.74 33.52
C PHE D 62 -19.91 -3.26 32.41
N LEU D 63 -20.46 -3.22 31.21
CA LEU D 63 -19.63 -2.92 30.06
C LEU D 63 -20.44 -2.14 29.04
N THR D 64 -19.76 -1.25 28.35
CA THR D 64 -20.32 -0.61 27.18
C THR D 64 -19.25 -0.67 26.11
N VAL D 65 -19.66 -0.98 24.89
CA VAL D 65 -18.74 -1.07 23.76
C VAL D 65 -19.14 0.03 22.78
N SER D 66 -18.19 0.91 22.46
CA SER D 66 -18.36 1.94 21.44
C SER D 66 -17.63 1.49 20.19
N ILE D 67 -18.36 1.39 19.10
CA ILE D 67 -17.77 1.10 17.79
C ILE D 67 -17.78 2.39 16.99
N ILE D 68 -16.61 2.79 16.51
CA ILE D 68 -16.47 3.99 15.70
C ILE D 68 -15.66 3.63 14.47
N ASP D 69 -15.98 4.28 13.36
CA ASP D 69 -15.17 4.18 12.15
C ASP D 69 -13.86 4.91 12.39
N ALA D 70 -12.75 4.17 12.40
CA ALA D 70 -11.46 4.76 12.80
C ALA D 70 -11.06 5.96 11.95
N THR D 71 -11.45 6.00 10.68
CA THR D 71 -11.00 7.10 9.82
C THR D 71 -11.74 8.40 10.10
N ASN D 72 -12.98 8.34 10.63
CA ASN D 72 -13.70 9.58 10.87
C ASN D 72 -14.41 9.67 12.22
N ASN D 73 -14.16 8.75 13.15
CA ASN D 73 -14.81 8.74 14.48
C ASN D 73 -16.33 8.81 14.41
N ARG D 74 -16.92 8.37 13.30
CA ARG D 74 -18.36 8.23 13.19
C ARG D 74 -18.78 6.88 13.75
N PRO D 75 -19.84 6.81 14.56
CA PRO D 75 -20.19 5.53 15.18
C PRO D 75 -20.79 4.59 14.15
N ILE D 76 -20.56 3.29 14.36
CA ILE D 76 -21.03 2.27 13.43
C ILE D 76 -22.27 1.60 14.02
N GLN D 77 -23.37 1.64 13.29
CA GLN D 77 -24.63 1.06 13.75
C GLN D 77 -24.85 -0.31 13.12
N ASN D 78 -25.43 -1.23 13.91
CA ASN D 78 -25.78 -2.59 13.51
C ASN D 78 -24.57 -3.48 13.22
N ALA D 79 -23.40 -3.09 13.69
CA ALA D 79 -22.29 -4.02 13.79
C ALA D 79 -22.62 -5.11 14.79
N VAL D 80 -22.14 -6.32 14.52
CA VAL D 80 -22.26 -7.40 15.47
C VAL D 80 -21.18 -7.23 16.53
N VAL D 81 -21.48 -7.64 17.76
CA VAL D 81 -20.47 -7.73 18.80
C VAL D 81 -20.63 -9.04 19.54
N ASN D 82 -19.56 -9.83 19.60
CA ASN D 82 -19.55 -11.02 20.42
C ASN D 82 -18.60 -10.82 21.59
N ILE D 83 -18.84 -11.56 22.67
CA ILE D 83 -18.04 -11.47 23.88
C ILE D 83 -17.73 -12.88 24.36
N TYR D 84 -16.46 -13.15 24.65
CA TYR D 84 -16.04 -14.45 25.15
C TYR D 84 -15.36 -14.26 26.51
N SER D 85 -14.95 -15.37 27.13
CA SER D 85 -14.25 -15.39 28.41
C SER D 85 -12.83 -15.92 28.24
N MET D 86 -12.01 -15.79 29.29
CA MET D 86 -10.57 -16.02 29.12
C MET D 86 -9.96 -16.83 30.28
N SER D 87 -8.79 -17.39 29.99
CA SER D 87 -7.81 -17.91 30.97
C SER D 87 -8.22 -19.20 31.67
N SER D 92 -10.23 -22.89 28.02
CA SER D 92 -9.70 -21.54 28.15
C SER D 92 -10.73 -20.46 27.77
N SER D 93 -11.63 -20.76 26.82
CA SER D 93 -12.47 -19.73 26.19
C SER D 93 -13.84 -20.30 25.86
N SER D 94 -14.87 -19.45 25.98
CA SER D 94 -16.23 -19.81 25.58
C SER D 94 -17.10 -18.56 25.52
N THR D 95 -18.21 -18.68 24.80
CA THR D 95 -19.07 -17.56 24.44
C THR D 95 -19.98 -17.17 25.60
N LEU D 96 -20.25 -15.86 25.70
CA LEU D 96 -21.08 -15.28 26.74
C LEU D 96 -22.24 -14.46 26.19
N TYR D 97 -21.95 -13.48 25.32
CA TYR D 97 -22.96 -12.80 24.51
C TYR D 97 -22.66 -13.05 23.05
N GLN D 98 -23.70 -13.17 22.23
CA GLN D 98 -23.52 -13.49 20.82
C GLN D 98 -24.53 -12.70 20.00
N ASN D 99 -24.08 -12.11 18.89
CA ASN D 99 -24.96 -11.40 17.95
C ASN D 99 -25.57 -10.15 18.59
N LEU D 100 -24.88 -9.48 19.52
CA LEU D 100 -25.28 -8.13 19.90
C LEU D 100 -25.19 -7.23 18.67
N ARG D 101 -25.91 -6.11 18.69
CA ARG D 101 -25.86 -5.18 17.56
C ARG D 101 -25.75 -3.75 18.07
N SER D 102 -24.85 -2.97 17.48
CA SER D 102 -24.65 -1.60 17.92
C SER D 102 -25.84 -0.73 17.53
N ASN D 103 -26.16 0.24 18.40
CA ASN D 103 -27.28 1.13 18.10
C ASN D 103 -26.85 2.23 17.15
N GLU D 104 -27.66 3.30 17.05
CA GLU D 104 -27.34 4.42 16.18
C GLU D 104 -26.20 5.28 16.71
N SER D 105 -25.82 5.11 17.97
CA SER D 105 -24.64 5.72 18.53
C SER D 105 -23.45 4.77 18.54
N GLY D 106 -23.55 3.68 17.79
CA GLY D 106 -22.43 2.75 17.66
C GLY D 106 -22.16 1.94 18.89
N GLN D 107 -23.12 1.84 19.79
CA GLN D 107 -22.86 1.35 21.13
C GLN D 107 -23.72 0.13 21.47
N VAL D 108 -23.17 -0.71 22.33
CA VAL D 108 -23.89 -1.79 22.99
C VAL D 108 -23.73 -1.54 24.49
N THR D 109 -24.84 -1.23 25.18
CA THR D 109 -24.81 -0.56 26.49
C THR D 109 -25.40 -1.42 27.60
N GLY D 110 -24.80 -1.31 28.78
CA GLY D 110 -25.35 -1.94 29.96
C GLY D 110 -25.17 -3.44 30.02
N LEU D 111 -24.19 -3.99 29.30
CA LEU D 111 -23.87 -5.41 29.42
C LEU D 111 -23.51 -5.72 30.87
N VAL D 112 -23.86 -6.94 31.28
CA VAL D 112 -23.64 -7.45 32.62
C VAL D 112 -22.76 -8.69 32.51
N LEU D 113 -21.60 -8.66 33.16
CA LEU D 113 -20.66 -9.76 33.09
C LEU D 113 -20.09 -10.04 34.47
N PRO D 114 -19.70 -11.28 34.74
CA PRO D 114 -19.07 -11.60 36.03
C PRO D 114 -17.69 -10.95 36.17
N ALA D 115 -17.26 -10.83 37.42
CA ALA D 115 -15.99 -10.22 37.78
C ALA D 115 -15.65 -10.65 39.20
N PRO D 116 -14.37 -10.79 39.55
CA PRO D 116 -14.02 -11.14 40.92
C PRO D 116 -14.65 -10.15 41.89
N ASP D 117 -15.14 -10.69 43.02
CA ASP D 117 -15.68 -9.92 44.13
C ASP D 117 -14.89 -8.65 44.34
N VAL D 118 -15.57 -7.53 44.55
CA VAL D 118 -14.87 -6.25 44.43
C VAL D 118 -13.81 -6.11 45.52
N ASP D 119 -13.90 -6.91 46.59
CA ASP D 119 -12.91 -6.83 47.66
C ASP D 119 -11.48 -6.99 47.15
N TYR D 120 -11.29 -7.90 46.18
CA TYR D 120 -9.95 -8.21 45.69
C TYR D 120 -9.23 -7.00 45.11
N SER D 121 -9.96 -5.97 44.67
CA SER D 121 -9.31 -4.77 44.13
C SER D 121 -8.95 -3.78 45.22
N LEU D 122 -9.45 -3.99 46.44
CA LEU D 122 -9.26 -3.06 47.55
C LEU D 122 -8.04 -3.34 48.45
N GLN D 123 -7.21 -4.34 48.16
CA GLN D 123 -5.97 -4.61 48.88
C GLN D 123 -5.08 -5.43 47.98
N PRO D 124 -3.77 -5.22 48.07
CA PRO D 124 -2.81 -6.19 47.50
C PRO D 124 -3.27 -7.62 47.66
N SER D 125 -3.35 -8.32 46.54
CA SER D 125 -3.98 -9.63 46.50
C SER D 125 -3.27 -10.34 45.36
N ASP D 126 -2.94 -11.59 45.59
CA ASP D 126 -2.39 -12.44 44.56
C ASP D 126 -3.49 -13.07 43.72
N VAL D 127 -4.74 -12.69 43.95
CA VAL D 127 -5.87 -13.02 43.07
C VAL D 127 -6.06 -11.88 42.09
N ARG D 128 -6.13 -12.20 40.80
CA ARG D 128 -6.47 -11.19 39.81
C ARG D 128 -7.82 -10.60 40.21
N PRO D 129 -7.92 -9.30 40.45
CA PRO D 129 -9.19 -8.72 40.93
C PRO D 129 -10.14 -8.27 39.84
N TYR D 130 -9.80 -8.52 38.57
CA TYR D 130 -10.62 -8.17 37.42
C TYR D 130 -10.83 -9.39 36.54
N SER D 131 -11.85 -9.32 35.66
CA SER D 131 -12.18 -10.38 34.71
C SER D 131 -11.76 -9.99 33.30
N GLN D 132 -11.18 -10.95 32.58
CA GLN D 132 -10.64 -10.73 31.24
C GLN D 132 -11.60 -11.30 30.22
N TYR D 133 -12.07 -10.47 29.29
CA TYR D 133 -12.93 -10.93 28.21
C TYR D 133 -12.34 -10.53 26.85
N ILE D 134 -12.79 -11.25 25.83
CA ILE D 134 -12.48 -10.92 24.45
C ILE D 134 -13.70 -10.26 23.83
N VAL D 135 -13.48 -9.22 23.01
CA VAL D 135 -14.54 -8.43 22.41
C VAL D 135 -14.34 -8.42 20.91
N GLU D 136 -15.08 -9.26 20.18
CA GLU D 136 -15.02 -9.29 18.73
C GLU D 136 -16.12 -8.41 18.14
N ALA D 137 -15.77 -7.58 17.16
CA ALA D 137 -16.74 -6.73 16.46
C ALA D 137 -16.66 -6.93 14.96
N ILE D 138 -17.84 -7.10 14.33
CA ILE D 138 -17.93 -7.40 12.91
C ILE D 138 -18.93 -6.46 12.26
N ALA D 139 -18.52 -5.78 11.20
CA ALA D 139 -19.42 -4.85 10.52
C ALA D 139 -19.14 -4.92 9.03
N ASP D 140 -20.20 -4.73 8.24
CA ASP D 140 -20.07 -4.78 6.79
C ASP D 140 -19.14 -3.69 6.29
N GLY D 141 -18.17 -4.07 5.46
CA GLY D 141 -17.17 -3.15 4.94
C GLY D 141 -16.04 -2.80 5.89
N TYR D 142 -16.00 -3.39 7.08
CA TYR D 142 -14.98 -3.06 8.08
C TYR D 142 -14.17 -4.28 8.44
N GLU D 143 -12.87 -4.05 8.69
CA GLU D 143 -11.95 -5.09 9.11
C GLU D 143 -12.18 -5.44 10.57
N THR D 144 -12.61 -6.68 10.82
CA THR D 144 -12.97 -7.15 12.16
C THR D 144 -11.89 -6.80 13.18
N VAL D 145 -12.33 -6.47 14.39
CA VAL D 145 -11.45 -6.06 15.48
C VAL D 145 -11.66 -6.99 16.66
N VAL D 146 -10.57 -7.40 17.30
CA VAL D 146 -10.65 -8.28 18.46
C VAL D 146 -9.79 -7.68 19.57
N ILE D 147 -10.41 -7.44 20.72
CA ILE D 147 -9.69 -6.96 21.89
C ILE D 147 -9.58 -8.12 22.88
N GLU D 148 -8.35 -8.49 23.23
CA GLU D 148 -8.10 -9.61 24.12
C GLU D 148 -7.65 -9.06 25.46
N GLY D 149 -8.55 -9.03 26.44
CA GLY D 149 -8.14 -8.70 27.80
C GLY D 149 -8.87 -7.53 28.42
N THR D 150 -10.06 -7.21 27.88
CA THR D 150 -10.96 -6.19 28.42
C THR D 150 -11.12 -6.43 29.92
N GLN D 151 -10.55 -5.57 30.75
CA GLN D 151 -10.53 -5.82 32.19
C GLN D 151 -11.81 -5.30 32.84
N LEU D 152 -12.58 -6.21 33.42
CA LEU D 152 -13.84 -5.84 34.06
C LEU D 152 -13.70 -5.85 35.58
N LEU D 153 -14.24 -4.82 36.23
CA LEU D 153 -14.26 -4.69 37.68
C LEU D 153 -15.68 -4.78 38.21
N ALA D 154 -15.85 -5.54 39.28
CA ALA D 154 -17.16 -5.62 39.94
C ALA D 154 -17.65 -4.24 40.36
N THR D 155 -18.94 -4.01 40.13
CA THR D 155 -19.72 -2.80 40.40
C THR D 155 -19.34 -1.59 39.55
N ILE D 156 -18.45 -1.72 38.57
CA ILE D 156 -17.99 -0.59 37.78
C ILE D 156 -18.34 -0.82 36.31
N GLU D 157 -18.79 0.25 35.63
CA GLU D 157 -18.93 0.18 34.19
C GLU D 157 -17.58 0.36 33.54
N ALA D 158 -17.22 -0.55 32.64
CA ALA D 158 -16.07 -0.36 31.78
C ALA D 158 -16.56 0.02 30.39
N ARG D 159 -15.74 0.77 29.69
CA ARG D 159 -16.05 1.29 28.37
C ARG D 159 -14.97 0.79 27.42
N GLN D 160 -15.34 -0.10 26.51
CA GLN D 160 -14.43 -0.60 25.49
C GLN D 160 -14.71 0.12 24.17
N GLY D 161 -13.67 0.73 23.59
CA GLY D 161 -13.80 1.37 22.31
C GLY D 161 -13.22 0.46 21.25
N VAL D 162 -13.82 0.49 20.06
CA VAL D 162 -13.43 -0.43 18.99
C VAL D 162 -13.32 0.40 17.72
N PRO D 163 -12.15 0.91 17.40
CA PRO D 163 -11.94 1.62 16.12
C PRO D 163 -11.65 0.66 14.97
N MET D 164 -12.59 0.55 14.05
CA MET D 164 -12.51 -0.41 12.96
C MET D 164 -11.98 0.24 11.70
N SER D 165 -11.06 -0.43 11.03
CA SER D 165 -10.75 0.27 9.78
C SER D 165 -11.64 -0.23 8.64
N PRO D 166 -12.05 0.61 7.70
CA PRO D 166 -12.79 0.11 6.54
C PRO D 166 -11.87 -0.67 5.63
N ARG D 167 -12.45 -1.53 4.80
CA ARG D 167 -11.61 -2.35 3.94
C ARG D 167 -11.41 -1.72 2.54
N SER D 175 -6.74 -9.72 2.19
CA SER D 175 -7.03 -8.65 3.14
C SER D 175 -8.43 -8.79 3.71
N ARG D 176 -9.29 -9.51 2.98
CA ARG D 176 -10.63 -9.82 3.48
C ARG D 176 -10.55 -10.76 4.68
N GLN D 177 -9.59 -11.69 4.67
CA GLN D 177 -9.30 -12.62 5.76
C GLN D 177 -8.56 -11.96 6.92
N SER D 178 -8.27 -10.67 6.83
CA SER D 178 -7.42 -10.01 7.81
C SER D 178 -8.24 -9.47 8.98
N GLU D 179 -7.58 -9.35 10.12
CA GLU D 179 -8.20 -8.89 11.36
C GLU D 179 -7.14 -8.20 12.23
N LEU D 180 -7.60 -7.32 13.12
CA LEU D 180 -6.74 -6.58 14.03
C LEU D 180 -6.95 -7.11 15.44
N ILE D 181 -5.87 -7.53 16.11
CA ILE D 181 -5.92 -8.08 17.47
C ILE D 181 -5.17 -7.14 18.40
N PHE D 182 -5.89 -6.40 19.22
CA PHE D 182 -5.26 -5.64 20.29
C PHE D 182 -5.18 -6.52 21.52
N ASP D 183 -3.99 -6.60 22.11
CA ASP D 183 -3.79 -7.34 23.35
C ASP D 183 -3.71 -6.36 24.50
N ILE D 184 -4.52 -6.59 25.53
CA ILE D 184 -4.47 -5.80 26.75
C ILE D 184 -3.74 -6.62 27.80
N GLY D 185 -2.54 -6.18 28.16
CA GLY D 185 -1.72 -6.89 29.12
C GLY D 185 -2.30 -6.84 30.52
N GLU D 186 -1.47 -7.23 31.49
CA GLU D 186 -1.92 -7.21 32.87
C GLU D 186 -1.96 -5.78 33.40
N HIS D 187 -2.84 -5.55 34.36
CA HIS D 187 -2.76 -4.31 35.12
C HIS D 187 -1.39 -4.20 35.76
N THR D 188 -0.95 -2.97 36.04
CA THR D 188 0.36 -2.83 36.67
C THR D 188 0.34 -3.15 38.15
N LEU D 189 -0.83 -3.05 38.82
CA LEU D 189 -0.93 -3.51 40.20
C LEU D 189 -0.84 -5.03 40.28
N TYR D 190 -1.37 -5.74 39.29
CA TYR D 190 -1.36 -7.20 39.32
C TYR D 190 -0.13 -7.77 38.64
N GLY D 191 0.13 -7.33 37.41
CA GLY D 191 1.24 -7.84 36.63
C GLY D 191 2.61 -7.46 37.18
N THR D 192 3.62 -7.85 36.43
CA THR D 192 5.03 -7.61 36.75
C THR D 192 5.70 -6.97 35.56
N TYR D 193 6.02 -5.69 35.67
CA TYR D 193 6.63 -4.89 34.62
C TYR D 193 7.99 -4.41 35.08
N PRO D 194 8.87 -4.06 34.15
CA PRO D 194 10.18 -3.51 34.53
C PRO D 194 10.02 -2.36 35.52
N PRO D 195 10.98 -2.16 36.39
CA PRO D 195 10.89 -1.02 37.33
C PRO D 195 11.23 0.31 36.68
N LYS D 196 10.75 1.38 37.28
CA LYS D 196 10.92 2.71 36.72
C LYS D 196 12.34 3.19 36.96
N ILE D 197 13.10 3.37 35.89
CA ILE D 197 14.45 3.94 35.92
C ILE D 197 14.43 5.27 36.69
N PRO D 198 15.26 5.43 37.73
CA PRO D 198 15.27 6.69 38.46
C PRO D 198 15.70 7.87 37.60
N GLU D 199 15.23 9.05 37.98
CA GLU D 199 15.23 10.24 37.13
C GLU D 199 14.98 11.45 38.02
N SER D 200 15.49 12.61 37.60
CA SER D 200 15.23 13.81 38.37
C SER D 200 13.83 14.35 38.05
N ASN D 201 13.28 15.14 38.99
CA ASN D 201 11.91 15.61 38.88
C ASN D 201 11.80 16.94 38.16
N LEU D 202 12.92 17.65 37.97
CA LEU D 202 12.96 18.89 37.21
C LEU D 202 14.03 18.77 36.14
N LYS D 203 13.81 19.41 34.99
CA LYS D 203 14.62 19.27 33.80
C LYS D 203 15.08 20.64 33.31
N PRO D 204 16.18 20.70 32.55
CA PRO D 204 16.61 22.01 32.03
C PRO D 204 15.70 22.49 30.91
N LEU D 205 15.47 23.81 30.86
CA LEU D 205 14.60 24.44 29.90
C LEU D 205 15.36 25.48 29.10
N PRO D 206 14.95 25.75 27.86
CA PRO D 206 15.54 26.88 27.12
C PRO D 206 15.08 28.19 27.72
N PRO D 207 15.71 29.31 27.38
CA PRO D 207 15.42 30.55 28.10
C PRO D 207 14.06 31.12 27.68
N PRO D 208 13.39 31.82 28.59
CA PRO D 208 12.10 32.43 28.23
C PRO D 208 12.19 33.35 27.01
N THR D 209 11.20 33.22 26.12
CA THR D 209 11.02 34.12 25.01
C THR D 209 10.10 35.30 25.34
N GLY D 210 9.48 35.30 26.52
CA GLY D 210 8.65 36.42 26.93
C GLY D 210 7.22 36.39 26.44
N PHE D 211 6.72 35.25 25.99
CA PHE D 211 5.32 35.16 25.58
C PHE D 211 4.42 34.60 26.67
N VAL D 212 4.98 34.30 27.83
CA VAL D 212 4.26 33.92 29.04
C VAL D 212 3.53 32.61 28.84
N VAL D 213 2.47 32.59 28.02
CA VAL D 213 1.82 31.32 27.71
C VAL D 213 2.78 30.38 26.99
N LEU D 214 3.61 30.90 26.10
CA LEU D 214 4.62 30.07 25.43
C LEU D 214 5.82 29.77 26.34
N ASP D 215 6.11 30.63 27.31
CA ASP D 215 7.12 30.34 28.32
C ASP D 215 6.63 29.36 29.37
N ASN D 216 5.40 28.86 29.25
CA ASN D 216 4.75 28.08 30.29
C ASN D 216 3.99 26.92 29.68
N PRO D 217 3.62 25.93 30.50
CA PRO D 217 3.02 24.70 29.95
C PRO D 217 1.62 24.97 29.41
N VAL D 218 1.34 24.41 28.24
CA VAL D 218 -0.03 24.34 27.77
C VAL D 218 -0.37 22.88 27.44
N VAL D 219 -1.61 22.51 27.69
CA VAL D 219 -2.08 21.16 27.46
C VAL D 219 -2.20 20.99 25.96
N PRO D 220 -1.36 20.21 25.30
CA PRO D 220 -1.51 20.00 23.87
C PRO D 220 -2.73 19.17 23.56
N GLU D 221 -3.21 19.30 22.32
CA GLU D 221 -4.33 18.49 21.89
C GLU D 221 -3.98 17.01 21.87
N PHE D 222 -2.72 16.68 21.55
CA PHE D 222 -2.36 15.29 21.31
C PHE D 222 -1.02 14.96 21.95
N ILE D 223 -0.74 13.66 22.01
CA ILE D 223 0.50 13.14 22.55
C ILE D 223 0.96 12.06 21.59
N VAL D 224 2.20 12.15 21.12
CA VAL D 224 2.75 11.10 20.28
C VAL D 224 3.45 10.08 21.17
N VAL D 225 2.87 8.89 21.25
CA VAL D 225 3.34 7.82 22.10
C VAL D 225 4.18 6.87 21.27
N HIS D 226 5.37 6.54 21.77
CA HIS D 226 6.28 5.58 21.15
C HIS D 226 6.16 4.29 21.95
N ASP D 227 5.35 3.36 21.46
CA ASP D 227 5.02 2.12 22.15
C ASP D 227 6.18 1.13 22.05
N GLY D 228 7.27 1.48 22.72
CA GLY D 228 8.45 0.64 22.72
C GLY D 228 9.58 1.35 23.45
N LEU D 229 10.76 0.76 23.39
CA LEU D 229 11.91 1.44 23.94
C LEU D 229 12.25 2.64 23.06
N PRO D 230 12.67 3.77 23.64
CA PRO D 230 13.03 4.93 22.82
C PRO D 230 14.05 4.61 21.75
N GLU D 231 15.17 3.97 22.15
CA GLU D 231 16.25 3.63 21.21
C GLU D 231 15.80 2.64 20.14
N ASP D 232 14.66 1.97 20.33
CA ASP D 232 14.10 1.05 19.34
C ASP D 232 13.28 1.85 18.35
N SER D 233 13.89 2.24 17.25
CA SER D 233 13.23 3.09 16.27
C SER D 233 12.27 2.34 15.37
N SER D 234 12.17 1.01 15.51
CA SER D 234 11.20 0.27 14.71
C SER D 234 9.79 0.36 15.29
N ALA D 235 9.67 0.66 16.57
CA ALA D 235 8.40 0.59 17.25
C ALA D 235 7.48 1.74 16.81
N PRO D 236 6.16 1.50 16.75
CA PRO D 236 5.25 2.47 16.15
C PRO D 236 4.86 3.63 17.06
N ASN D 237 4.56 4.78 16.45
CA ASN D 237 4.10 5.96 17.16
C ASN D 237 2.64 6.22 16.87
N TYR D 238 1.88 6.60 17.91
CA TYR D 238 0.45 6.89 17.77
C TYR D 238 0.16 8.32 18.20
N TRP D 239 -0.82 8.93 17.54
CA TRP D 239 -1.34 10.24 17.93
C TRP D 239 -2.54 10.04 18.87
N ILE D 240 -2.32 10.24 20.15
CA ILE D 240 -3.32 9.96 21.18
C ILE D 240 -3.85 11.28 21.70
N PRO D 241 -5.16 11.51 21.70
CA PRO D 241 -5.71 12.70 22.38
C PRO D 241 -5.25 12.73 23.82
N PHE D 242 -4.96 13.93 24.33
CA PHE D 242 -4.29 14.05 25.64
C PHE D 242 -5.17 13.53 26.78
N LYS D 243 -6.41 14.01 26.86
CA LYS D 243 -7.35 13.49 27.84
C LYS D 243 -7.43 11.98 27.76
N GLU D 244 -7.75 11.45 26.58
CA GLU D 244 -7.87 10.00 26.40
C GLU D 244 -6.58 9.27 26.74
N TYR D 245 -5.43 9.93 26.59
CA TYR D 245 -4.17 9.32 27.01
C TYR D 245 -4.13 9.15 28.51
N ILE D 246 -4.43 10.23 29.24
CA ILE D 246 -4.38 10.15 30.70
C ILE D 246 -5.37 9.11 31.22
N LYS D 247 -6.53 8.98 30.56
CA LYS D 247 -7.48 7.93 30.96
C LYS D 247 -6.91 6.54 30.69
N ASN D 248 -6.13 6.41 29.63
CA ASN D 248 -5.51 5.13 29.29
C ASN D 248 -4.44 4.75 30.31
N ILE D 249 -3.67 5.73 30.79
CA ILE D 249 -2.62 5.47 31.77
C ILE D 249 -3.23 5.16 33.13
N ALA D 250 -4.22 5.98 33.54
CA ALA D 250 -4.84 5.76 34.85
C ALA D 250 -5.48 4.39 34.94
N SER D 251 -6.10 3.92 33.86
CA SER D 251 -6.80 2.64 33.92
C SER D 251 -5.85 1.46 34.11
N SER D 252 -4.57 1.63 33.79
CA SER D 252 -3.60 0.56 34.00
C SER D 252 -2.75 0.78 35.24
N GLU D 253 -2.82 1.94 35.88
CA GLU D 253 -1.99 2.21 37.05
C GLU D 253 -2.73 2.02 38.38
N ILE D 254 -4.02 2.35 38.43
CA ILE D 254 -4.82 2.21 39.63
C ILE D 254 -6.11 1.50 39.25
N TYR D 255 -6.75 0.90 40.25
CA TYR D 255 -8.04 0.30 40.03
C TYR D 255 -9.12 1.35 40.19
N SER D 256 -10.21 1.20 39.46
CA SER D 256 -11.22 2.24 39.38
C SER D 256 -12.33 2.07 40.40
N THR D 257 -12.26 1.06 41.26
CA THR D 257 -13.17 0.94 42.39
C THR D 257 -12.69 1.73 43.60
N TRP D 258 -11.50 2.35 43.49
CA TRP D 258 -10.83 3.07 44.57
C TRP D 258 -11.55 4.37 44.90
N PRO D 259 -11.28 4.97 46.06
CA PRO D 259 -12.02 6.17 46.44
C PRO D 259 -11.77 7.33 45.49
N GLU D 260 -12.75 8.24 45.44
CA GLU D 260 -12.70 9.33 44.46
C GLU D 260 -11.46 10.17 44.65
N GLN D 261 -11.20 10.63 45.88
CA GLN D 261 -10.07 11.52 46.14
C GLN D 261 -8.74 10.87 45.80
N THR D 262 -8.68 9.54 45.79
CA THR D 262 -7.44 8.90 45.38
C THR D 262 -7.28 8.89 43.87
N ILE D 263 -8.37 8.69 43.13
CA ILE D 263 -8.31 8.81 41.68
C ILE D 263 -7.90 10.22 41.29
N TYR D 264 -8.54 11.22 41.91
CA TYR D 264 -8.12 12.61 41.74
C TYR D 264 -6.63 12.77 42.02
N ALA D 265 -6.14 12.06 43.03
CA ALA D 265 -4.71 12.06 43.33
C ALA D 265 -3.92 11.56 42.13
N ASN D 266 -4.04 10.26 41.85
CA ASN D 266 -3.16 9.63 40.88
C ASN D 266 -3.29 10.28 39.51
N VAL D 267 -4.50 10.67 39.10
CA VAL D 267 -4.67 11.30 37.79
C VAL D 267 -3.85 12.57 37.70
N ILE D 268 -3.80 13.37 38.79
CA ILE D 268 -2.97 14.57 38.78
C ILE D 268 -1.50 14.19 38.64
N ALA D 269 -1.05 13.19 39.39
CA ALA D 269 0.34 12.77 39.30
C ALA D 269 0.69 12.38 37.87
N ILE D 270 -0.25 11.70 37.20
CA ILE D 270 -0.05 11.34 35.80
C ILE D 270 0.01 12.59 34.92
N ILE D 271 -0.83 13.58 35.21
CA ILE D 271 -0.90 14.75 34.35
C ILE D 271 0.34 15.61 34.48
N SER D 272 0.82 15.81 35.69
CA SER D 272 2.07 16.56 35.85
C SER D 272 3.24 15.82 35.24
N PHE D 273 3.28 14.49 35.38
CA PHE D 273 4.35 13.74 34.74
C PHE D 273 4.31 13.97 33.23
N THR D 274 3.16 13.70 32.61
CA THR D 274 3.06 13.81 31.16
C THR D 274 3.35 15.23 30.70
N LEU D 275 2.86 16.23 31.43
CA LEU D 275 3.01 17.62 30.98
C LEU D 275 4.47 18.07 31.02
N ASN D 276 5.27 17.50 31.91
CA ASN D 276 6.69 17.81 31.91
C ASN D 276 7.37 17.26 30.65
N ARG D 277 7.07 16.00 30.28
CA ARG D 277 7.62 15.44 29.05
C ARG D 277 7.27 16.30 27.84
N VAL D 278 6.06 16.88 27.83
CA VAL D 278 5.68 17.76 26.74
C VAL D 278 6.41 19.09 26.85
N PHE D 279 6.38 19.70 28.03
CA PHE D 279 6.85 21.07 28.13
C PHE D 279 8.37 21.18 28.06
N THR D 280 9.08 20.12 28.45
CA THR D 280 10.53 20.12 28.37
C THR D 280 11.01 19.63 27.01
N GLU D 281 10.10 19.11 26.18
CA GLU D 281 10.44 18.58 24.86
C GLU D 281 11.46 17.45 24.96
N TRP D 282 11.36 16.66 26.03
CA TRP D 282 12.33 15.62 26.40
C TRP D 282 12.92 14.88 25.22
N TYR D 283 12.10 14.08 24.54
CA TYR D 283 12.59 13.19 23.48
C TYR D 283 12.84 13.93 22.18
N ARG D 284 12.21 15.07 21.99
CA ARG D 284 12.46 15.87 20.80
C ARG D 284 13.86 16.49 20.85
N ASN D 285 14.29 16.98 22.04
CA ASN D 285 15.63 17.54 22.24
C ASN D 285 16.74 16.50 22.16
N LYS D 286 16.41 15.22 22.30
CA LYS D 286 17.36 14.14 22.11
C LYS D 286 17.39 13.64 20.68
N GLY D 287 16.54 14.17 19.80
CA GLY D 287 16.53 13.72 18.42
C GLY D 287 15.52 12.64 18.10
N TYR D 288 14.64 12.31 19.03
CA TYR D 288 13.52 11.44 18.71
C TYR D 288 12.36 12.28 18.22
N ASN D 289 11.38 11.63 17.59
CA ASN D 289 10.21 12.31 17.06
C ASN D 289 8.95 11.95 17.82
N PHE D 290 9.05 11.69 19.11
CA PHE D 290 7.85 11.35 19.86
C PHE D 290 7.84 12.09 21.18
N THR D 291 6.64 12.17 21.77
CA THR D 291 6.45 12.92 23.00
C THR D 291 6.82 12.10 24.23
N ILE D 292 6.56 10.79 24.19
CA ILE D 292 6.67 9.94 25.37
C ILE D 292 6.62 8.49 24.92
N THR D 293 7.18 7.59 25.72
CA THR D 293 7.09 6.17 25.45
C THR D 293 6.02 5.51 26.33
N SER D 294 5.70 4.26 26.00
CA SER D 294 4.72 3.45 26.71
C SER D 294 5.38 2.50 27.70
N THR D 295 6.62 2.78 28.13
CA THR D 295 7.44 1.85 28.91
C THR D 295 7.42 2.22 30.39
N THR D 296 7.28 1.21 31.26
CA THR D 296 7.25 1.50 32.69
C THR D 296 8.63 1.91 33.16
N ALA D 297 9.67 1.38 32.50
CA ALA D 297 11.04 1.77 32.81
C ALA D 297 11.28 3.25 32.52
N TYR D 298 10.65 3.78 31.48
CA TYR D 298 10.93 5.14 31.03
C TYR D 298 9.82 6.14 31.32
N ASP D 299 8.55 5.71 31.36
CA ASP D 299 7.44 6.65 31.51
C ASP D 299 6.30 6.03 32.33
N HIS D 300 5.21 5.61 31.68
CA HIS D 300 4.25 4.71 32.32
C HIS D 300 3.43 4.01 31.25
N LYS D 301 2.51 3.15 31.68
CA LYS D 301 2.05 2.03 30.84
C LYS D 301 0.86 2.43 29.97
N PHE D 302 1.17 2.79 28.73
CA PHE D 302 0.16 2.94 27.73
C PHE D 302 -0.09 1.58 27.10
N ILE D 303 -1.35 1.25 26.90
CA ILE D 303 -1.74 0.01 26.24
C ILE D 303 -2.74 0.39 25.17
N ASN D 304 -2.29 0.40 23.91
CA ASN D 304 -3.13 0.83 22.81
C ASN D 304 -4.49 0.13 22.81
N ASN D 305 -5.55 0.88 23.11
CA ASN D 305 -6.94 0.46 23.04
C ASN D 305 -7.42 -0.36 24.23
N ARG D 306 -6.77 -0.31 25.39
CA ARG D 306 -7.40 -0.92 26.56
C ARG D 306 -8.72 -0.21 26.86
N ASN D 307 -9.60 -0.87 27.61
CA ASN D 307 -10.87 -0.24 27.96
C ASN D 307 -10.67 0.73 29.13
N LEU D 308 -11.52 1.74 29.19
CA LEU D 308 -11.50 2.75 30.25
C LEU D 308 -12.63 2.45 31.23
N PHE D 309 -12.58 3.13 32.36
CA PHE D 309 -13.59 2.92 33.38
C PHE D 309 -14.35 4.21 33.63
N GLU D 310 -15.64 4.06 33.89
CA GLU D 310 -16.51 5.21 34.07
C GLU D 310 -16.07 6.16 35.17
N PRO D 311 -15.66 5.71 36.36
CA PRO D 311 -15.29 6.69 37.39
C PRO D 311 -13.90 7.25 37.26
N ILE D 312 -13.03 6.66 36.42
CA ILE D 312 -11.80 7.35 36.05
C ILE D 312 -12.09 8.42 34.99
N ASN D 313 -12.83 8.05 33.95
CA ASN D 313 -13.14 9.00 32.88
C ASN D 313 -13.79 10.27 33.41
N VAL D 314 -14.75 10.15 34.35
CA VAL D 314 -15.40 11.35 34.86
C VAL D 314 -14.44 12.16 35.74
N VAL D 315 -13.49 11.50 36.40
CA VAL D 315 -12.47 12.25 37.12
C VAL D 315 -11.58 12.98 36.14
N VAL D 316 -11.06 12.27 35.14
CA VAL D 316 -10.08 12.90 34.26
C VAL D 316 -10.72 14.02 33.45
N ASP D 317 -11.99 13.86 33.08
CA ASP D 317 -12.66 14.91 32.30
C ASP D 317 -12.76 16.21 33.09
N ALA D 318 -12.78 16.13 34.42
CA ALA D 318 -12.97 17.32 35.23
C ALA D 318 -11.68 18.06 35.57
N ILE D 319 -10.52 17.39 35.51
CA ILE D 319 -9.31 17.99 36.04
C ILE D 319 -8.10 17.74 35.15
N PHE D 320 -8.33 17.56 33.85
CA PHE D 320 -7.24 17.16 32.96
C PHE D 320 -6.19 18.23 32.72
N ASN D 321 -6.43 19.49 33.09
CA ASN D 321 -5.44 20.53 32.88
C ASN D 321 -4.72 20.92 34.16
N THR D 322 -4.95 20.19 35.23
CA THR D 322 -4.37 20.50 36.53
C THR D 322 -3.02 19.80 36.70
N PHE D 323 -1.99 20.55 37.11
CA PHE D 323 -0.69 19.95 37.35
C PHE D 323 -0.08 20.53 38.62
N ILE D 324 1.00 19.86 39.05
CA ILE D 324 1.72 20.15 40.30
C ILE D 324 3.04 20.81 39.96
N LYS D 325 3.46 21.77 40.79
CA LYS D 325 4.73 22.46 40.64
C LYS D 325 5.50 22.42 41.96
N ARG D 326 6.73 21.97 41.90
CA ARG D 326 7.61 22.04 43.06
C ARG D 326 9.02 22.36 42.59
N PRO D 327 9.59 23.52 42.97
CA PRO D 327 9.08 24.53 43.91
C PRO D 327 7.90 25.28 43.33
N PRO D 328 7.16 26.04 44.15
CA PRO D 328 6.04 26.82 43.60
C PRO D 328 6.44 27.82 42.55
N THR D 329 7.73 28.11 42.44
CA THR D 329 8.28 29.13 41.54
C THR D 329 8.77 28.56 40.21
N SER D 330 8.56 27.26 39.96
CA SER D 330 8.94 26.63 38.69
C SER D 330 8.25 27.29 37.49
N ARG D 331 8.67 26.85 36.29
CA ARG D 331 7.89 27.02 35.06
C ARG D 331 7.34 25.70 34.59
N GLN D 332 8.08 24.71 34.72
CA GLN D 332 7.71 23.37 34.33
C GLN D 332 6.97 22.67 35.45
N PRO D 333 6.10 21.73 35.09
CA PRO D 333 5.44 20.91 36.10
C PRO D 333 6.43 19.97 36.78
N LEU D 334 5.94 19.33 37.84
CA LEU D 334 6.73 18.33 38.53
C LEU D 334 6.60 17.00 37.83
N LEU D 335 7.73 16.31 37.66
CA LEU D 335 7.75 14.99 37.05
C LEU D 335 7.43 13.99 38.17
N ALA D 336 6.15 13.95 38.52
CA ALA D 336 5.69 13.22 39.70
C ALA D 336 5.73 11.71 39.47
N GLN D 337 6.56 11.03 40.25
CA GLN D 337 6.81 9.60 40.10
C GLN D 337 6.22 8.84 41.27
N TYR D 338 5.66 7.67 40.98
CA TYR D 338 4.99 6.87 42.00
C TYR D 338 5.40 5.42 41.84
N CYS D 339 4.82 4.57 42.68
CA CYS D 339 4.94 3.13 42.61
C CYS D 339 3.71 2.54 43.29
N ASP D 340 3.60 1.21 43.33
CA ASP D 340 2.43 0.64 44.01
C ASP D 340 2.61 0.65 45.52
N GLY D 341 3.78 0.28 46.02
CA GLY D 341 4.01 0.30 47.45
C GLY D 341 4.67 -0.96 47.94
N GLN D 342 4.24 -2.11 47.42
CA GLN D 342 4.69 -3.41 47.91
C GLN D 342 5.63 -4.13 46.95
N LYS D 343 5.23 -4.27 45.69
CA LYS D 343 6.12 -4.89 44.71
C LYS D 343 7.35 -4.04 44.46
N SER D 344 7.27 -2.73 44.69
CA SER D 344 8.42 -1.84 44.59
C SER D 344 8.33 -0.74 45.65
N GLN D 345 9.50 -0.26 46.09
CA GLN D 345 9.61 0.75 47.13
C GLN D 345 10.21 2.02 46.53
N CYS D 346 9.56 3.17 46.75
CA CYS D 346 10.01 4.44 46.18
C CYS D 346 9.76 5.60 47.15
N PRO D 347 10.72 5.90 48.02
CA PRO D 347 10.63 7.08 48.88
C PRO D 347 10.73 8.37 48.06
N ASP D 348 10.47 9.49 48.75
CA ASP D 348 10.34 10.83 48.19
C ASP D 348 9.04 10.98 47.39
N GLN D 349 8.32 9.88 47.19
CA GLN D 349 7.34 9.82 46.12
C GLN D 349 6.07 9.15 46.64
N MET D 350 5.15 8.87 45.72
CA MET D 350 3.83 8.39 46.06
C MET D 350 3.73 6.87 45.87
N THR D 351 2.92 6.23 46.70
CA THR D 351 2.51 4.85 46.49
C THR D 351 1.02 4.82 46.17
N GLN D 352 0.64 3.95 45.24
CA GLN D 352 -0.74 3.86 44.81
C GLN D 352 -1.60 3.15 45.84
N TRP D 353 -1.10 2.06 46.43
CA TRP D 353 -1.76 1.49 47.57
C TRP D 353 -1.77 2.47 48.73
N GLY D 354 -0.71 3.28 48.85
CA GLY D 354 -0.65 4.24 49.93
C GLY D 354 -1.68 5.34 49.77
N SER D 355 -1.74 5.93 48.58
CA SER D 355 -2.74 6.94 48.31
C SER D 355 -4.15 6.38 48.45
N LYS D 356 -4.30 5.07 48.27
CA LYS D 356 -5.59 4.44 48.54
C LYS D 356 -5.88 4.42 50.04
N ASP D 357 -4.87 4.14 50.87
CA ASP D 357 -5.02 4.18 52.32
C ASP D 357 -5.61 5.51 52.77
N LEU D 358 -5.07 6.61 52.27
CA LEU D 358 -5.45 7.95 52.72
C LEU D 358 -6.78 8.41 52.14
N GLY D 359 -7.24 7.76 51.07
CA GLY D 359 -8.57 8.01 50.53
C GLY D 359 -9.62 7.33 51.38
N ASP D 360 -9.32 6.10 51.80
CA ASP D 360 -10.18 5.40 52.75
C ASP D 360 -10.47 6.27 53.97
N GLN D 361 -9.42 6.82 54.57
CA GLN D 361 -9.56 7.56 55.83
C GLN D 361 -10.43 8.81 55.67
N GLY D 362 -10.54 9.36 54.47
CA GLY D 362 -11.32 10.55 54.22
C GLY D 362 -10.54 11.80 53.84
N TYR D 363 -9.29 11.66 53.39
CA TYR D 363 -8.50 12.80 52.96
C TYR D 363 -8.91 13.21 51.55
N ASP D 364 -8.88 14.52 51.29
CA ASP D 364 -9.07 14.98 49.93
C ASP D 364 -7.78 14.82 49.15
N TYR D 365 -7.83 15.13 47.85
CA TYR D 365 -6.66 14.91 47.00
C TYR D 365 -5.59 15.98 47.14
N GLU D 366 -5.91 17.21 47.58
CA GLU D 366 -4.80 18.12 47.86
C GLU D 366 -3.93 17.56 49.00
N SER D 367 -4.57 17.03 50.05
CA SER D 367 -3.84 16.38 51.14
C SER D 367 -3.01 15.20 50.64
N ILE D 368 -3.67 14.26 49.94
CA ILE D 368 -3.02 13.02 49.51
C ILE D 368 -1.72 13.35 48.78
N LEU D 369 -1.76 14.34 47.89
CA LEU D 369 -0.55 14.74 47.17
C LEU D 369 0.44 15.45 48.10
N ARG D 370 -0.07 16.35 48.95
CA ARG D 370 0.80 17.00 49.94
C ARG D 370 1.57 15.99 50.78
N TYR D 371 0.95 14.85 51.10
CA TYR D 371 1.58 13.86 51.98
C TYR D 371 2.83 13.28 51.34
N PHE D 372 2.76 12.94 50.05
CA PHE D 372 3.87 12.26 49.38
C PHE D 372 4.85 13.23 48.71
N TYR D 373 4.39 14.41 48.29
CA TYR D 373 5.23 15.35 47.56
C TYR D 373 5.55 16.61 48.34
N GLY D 374 5.08 16.71 49.58
CA GLY D 374 5.43 17.83 50.44
C GLY D 374 4.31 18.86 50.52
N ASP D 375 4.52 19.84 51.39
CA ASP D 375 3.52 20.86 51.67
C ASP D 375 3.62 22.05 50.73
N GLU D 376 4.82 22.37 50.24
CA GLU D 376 5.03 23.59 49.48
C GLU D 376 4.47 23.53 48.05
N ILE D 377 3.90 22.40 47.60
CA ILE D 377 3.45 22.31 46.21
C ILE D 377 2.25 23.21 45.97
N VAL D 378 2.02 23.53 44.69
CA VAL D 378 0.94 24.41 44.24
C VAL D 378 0.25 23.76 43.05
N PHE D 379 -1.08 23.94 42.95
CA PHE D 379 -1.89 23.33 41.90
C PHE D 379 -2.22 24.37 40.85
N GLU D 380 -1.64 24.23 39.66
CA GLU D 380 -1.89 25.12 38.53
C GLU D 380 -2.92 24.51 37.58
N ARG D 381 -3.64 25.36 36.87
CA ARG D 381 -4.43 24.93 35.72
C ARG D 381 -3.79 25.52 34.47
N ALA D 382 -3.52 24.68 33.49
CA ALA D 382 -2.78 25.15 32.33
C ALA D 382 -3.72 25.52 31.20
N PRO D 383 -3.29 26.37 30.28
CA PRO D 383 -4.09 26.62 29.08
C PRO D 383 -4.25 25.34 28.29
N ILE D 384 -5.46 25.14 27.79
CA ILE D 384 -5.80 23.98 26.96
C ILE D 384 -5.77 24.41 25.51
N VAL D 385 -5.28 23.57 24.61
CA VAL D 385 -5.61 23.69 23.21
C VAL D 385 -6.52 22.52 22.88
N SER D 386 -7.68 22.83 22.29
CA SER D 386 -8.71 21.84 22.01
C SER D 386 -9.05 21.73 20.53
N GLY D 387 -8.49 22.60 19.69
CA GLY D 387 -8.87 22.79 18.28
C GLY D 387 -10.26 23.37 18.12
N VAL D 388 -10.77 24.01 19.18
CA VAL D 388 -11.86 24.96 19.11
C VAL D 388 -11.34 26.24 19.76
N PRO D 389 -11.28 27.42 19.00
CA PRO D 389 -10.71 28.67 19.53
C PRO D 389 -11.62 29.42 20.51
N VAL D 390 -12.27 28.68 21.41
CA VAL D 390 -13.10 29.24 22.45
C VAL D 390 -12.85 28.45 23.72
N SER D 391 -12.54 29.12 24.81
CA SER D 391 -12.32 28.44 26.08
C SER D 391 -13.59 28.45 26.90
N PHE D 392 -13.71 27.45 27.79
CA PHE D 392 -14.79 27.46 28.76
C PHE D 392 -14.76 28.77 29.51
N PRO D 393 -15.86 29.53 29.52
CA PRO D 393 -15.85 30.87 30.10
C PRO D 393 -15.75 30.89 31.62
N GLY D 394 -15.62 29.76 32.30
CA GLY D 394 -15.36 29.76 33.72
C GLY D 394 -16.57 29.69 34.62
N THR D 395 -17.79 29.78 34.06
CA THR D 395 -19.01 29.48 34.80
C THR D 395 -19.99 28.68 33.94
N THR D 396 -20.45 27.55 34.48
CA THR D 396 -21.46 26.66 33.90
C THR D 396 -22.53 27.36 33.08
N LEU D 397 -22.97 26.71 32.00
CA LEU D 397 -24.12 27.16 31.22
C LEU D 397 -25.26 26.19 31.42
N GLN D 398 -26.47 26.72 31.55
CA GLN D 398 -27.61 25.91 31.94
C GLN D 398 -28.86 26.57 31.39
N VAL D 399 -30.00 25.93 31.65
CA VAL D 399 -31.28 26.51 31.24
C VAL D 399 -31.40 27.91 31.79
N GLY D 400 -31.57 28.88 30.89
CA GLY D 400 -31.61 30.28 31.28
C GLY D 400 -30.46 31.05 30.67
N SER D 401 -29.27 30.46 30.70
CA SER D 401 -28.09 31.08 30.12
C SER D 401 -28.34 31.46 28.66
N SER D 402 -27.62 32.48 28.20
CA SER D 402 -27.73 32.89 26.81
C SER D 402 -26.46 33.62 26.42
N GLY D 403 -26.27 33.79 25.12
CA GLY D 403 -25.17 34.55 24.57
C GLY D 403 -24.27 33.67 23.72
N GLN D 404 -23.12 34.24 23.35
CA GLN D 404 -22.27 33.58 22.37
C GLN D 404 -21.81 32.20 22.82
N TYR D 405 -21.69 31.98 24.13
CA TYR D 405 -21.19 30.67 24.54
C TYR D 405 -22.27 29.59 24.42
N VAL D 406 -23.52 29.93 24.74
CA VAL D 406 -24.62 29.03 24.40
C VAL D 406 -24.60 28.75 22.90
N ARG D 407 -24.57 29.80 22.09
CA ARG D 407 -24.63 29.63 20.64
C ARG D 407 -23.51 28.73 20.16
N THR D 408 -22.31 28.85 20.74
CA THR D 408 -21.21 27.95 20.38
C THR D 408 -21.56 26.52 20.72
N ILE D 409 -22.11 26.28 21.92
CA ILE D 409 -22.54 24.94 22.29
C ILE D 409 -23.52 24.40 21.25
N GLN D 410 -24.61 25.13 21.02
CA GLN D 410 -25.64 24.69 20.08
C GLN D 410 -25.06 24.38 18.71
N ASN D 411 -24.08 25.17 18.27
CA ASN D 411 -23.45 24.91 16.98
C ASN D 411 -22.66 23.60 17.01
N GLN D 412 -21.93 23.35 18.10
CA GLN D 412 -21.15 22.11 18.21
C GLN D 412 -22.08 20.90 18.25
N LEU D 413 -23.15 20.97 19.04
CA LEU D 413 -24.02 19.80 19.19
C LEU D 413 -24.77 19.48 17.89
N ASN D 414 -25.21 20.52 17.16
CA ASN D 414 -25.85 20.24 15.88
C ASN D 414 -24.88 19.66 14.86
N ALA D 415 -23.56 19.91 15.02
CA ALA D 415 -22.57 19.30 14.15
C ALA D 415 -22.20 17.89 14.62
N ILE D 416 -22.17 17.65 15.93
CA ILE D 416 -22.00 16.29 16.42
C ILE D 416 -23.18 15.43 16.01
N SER D 417 -24.39 15.99 16.02
CA SER D 417 -25.58 15.21 15.68
C SER D 417 -25.65 14.80 14.21
N ASN D 418 -24.81 15.37 13.34
CA ASN D 418 -24.67 14.81 12.00
C ASN D 418 -24.01 13.45 12.03
N SER D 419 -23.17 13.20 13.03
CA SER D 419 -22.53 11.91 13.17
C SER D 419 -23.19 11.03 14.22
N TYR D 420 -23.85 11.60 15.21
CA TYR D 420 -24.64 10.87 16.19
C TYR D 420 -26.08 11.30 16.06
N PRO D 421 -26.86 10.67 15.18
CA PRO D 421 -28.28 11.03 15.07
C PRO D 421 -29.05 10.98 16.37
N ALA D 422 -28.51 10.30 17.39
CA ALA D 422 -29.18 10.25 18.68
C ALA D 422 -29.33 11.63 19.29
N VAL D 423 -28.42 12.55 18.96
CA VAL D 423 -28.47 13.90 19.52
C VAL D 423 -29.41 14.78 18.70
N PRO D 424 -30.52 15.24 19.27
CA PRO D 424 -31.46 16.04 18.48
C PRO D 424 -30.90 17.42 18.14
N LYS D 425 -31.10 17.81 16.89
CA LYS D 425 -30.75 19.15 16.46
C LYS D 425 -31.56 20.17 17.25
N VAL D 426 -30.95 21.34 17.47
CA VAL D 426 -31.58 22.41 18.21
C VAL D 426 -31.46 23.68 17.37
N ILE D 427 -32.37 24.63 17.60
CA ILE D 427 -32.27 25.91 16.93
C ILE D 427 -31.11 26.67 17.53
N GLU D 428 -30.24 27.18 16.67
CA GLU D 428 -29.02 27.86 17.12
C GLU D 428 -29.31 29.33 17.41
N ASP D 429 -30.09 29.57 18.47
CA ASP D 429 -30.50 30.92 18.79
C ASP D 429 -29.75 31.52 19.97
N GLY D 430 -28.85 30.78 20.60
CA GLY D 430 -28.13 31.32 21.73
C GLY D 430 -28.93 31.42 23.01
N ILE D 431 -30.11 30.82 23.05
CA ILE D 431 -30.97 30.82 24.22
C ILE D 431 -31.01 29.38 24.71
N TYR D 432 -30.31 29.11 25.81
CA TYR D 432 -30.17 27.74 26.31
C TYR D 432 -31.50 27.22 26.86
N GLY D 433 -32.29 26.54 26.03
CA GLY D 433 -33.63 26.14 26.40
C GLY D 433 -33.77 24.65 26.66
N THR D 434 -35.03 24.19 26.64
CA THR D 434 -35.33 22.79 26.94
C THR D 434 -34.66 21.85 25.94
N ASP D 435 -34.69 22.19 24.65
CA ASP D 435 -34.06 21.36 23.63
C ASP D 435 -32.57 21.20 23.91
N THR D 436 -31.89 22.28 24.35
CA THR D 436 -30.44 22.23 24.53
C THR D 436 -30.08 21.33 25.71
N GLU D 437 -30.65 21.62 26.88
CA GLU D 437 -30.51 20.76 28.03
C GLU D 437 -30.73 19.29 27.66
N ASN D 438 -31.76 19.02 26.88
CA ASN D 438 -32.06 17.66 26.47
C ASN D 438 -31.00 17.14 25.50
N ALA D 439 -30.56 17.99 24.57
CA ALA D 439 -29.46 17.59 23.71
C ALA D 439 -28.21 17.28 24.53
N VAL D 440 -27.94 18.08 25.57
CA VAL D 440 -26.74 17.88 26.39
C VAL D 440 -26.84 16.58 27.18
N LYS D 441 -28.03 16.26 27.69
CA LYS D 441 -28.20 15.04 28.49
C LYS D 441 -27.91 13.79 27.66
N ILE D 442 -28.44 13.73 26.44
CA ILE D 442 -28.14 12.60 25.58
C ILE D 442 -26.65 12.57 25.25
N PHE D 443 -26.05 13.74 25.02
CA PHE D 443 -24.62 13.76 24.75
C PHE D 443 -23.85 13.13 25.89
N GLN D 444 -23.94 13.73 27.07
CA GLN D 444 -23.33 13.21 28.28
C GLN D 444 -23.59 11.71 28.39
N GLY D 445 -24.82 11.31 28.11
CA GLY D 445 -25.16 9.90 28.08
C GLY D 445 -24.22 9.10 27.20
N ILE D 446 -24.16 9.44 25.91
CA ILE D 446 -23.39 8.67 24.95
C ILE D 446 -21.94 8.55 25.38
N PHE D 447 -21.42 9.54 26.11
CA PHE D 447 -19.98 9.62 26.36
C PHE D 447 -19.58 9.41 27.81
N GLY D 448 -20.48 8.92 28.65
CA GLY D 448 -20.09 8.59 30.01
C GLY D 448 -19.93 9.77 30.92
N LEU D 449 -20.79 10.76 30.78
CA LEU D 449 -20.82 11.90 31.68
C LEU D 449 -22.09 11.88 32.51
N PRO D 450 -22.05 12.39 33.74
CA PRO D 450 -23.28 12.56 34.52
C PRO D 450 -24.27 13.43 33.76
N GLN D 451 -25.51 12.95 33.64
CA GLN D 451 -26.46 13.53 32.70
C GLN D 451 -27.17 14.72 33.35
N SER D 452 -26.42 15.81 33.50
CA SER D 452 -26.98 16.98 34.15
C SER D 452 -27.77 17.87 33.21
N GLY D 453 -27.56 17.78 31.89
CA GLY D 453 -28.11 18.80 31.02
C GLY D 453 -27.49 20.14 31.29
N VAL D 454 -26.22 20.15 31.67
CA VAL D 454 -25.50 21.34 32.13
C VAL D 454 -24.13 21.32 31.49
N VAL D 455 -23.75 22.43 30.85
CA VAL D 455 -22.44 22.48 30.20
C VAL D 455 -21.42 23.08 31.16
N ASP D 456 -20.90 22.26 32.05
CA ASP D 456 -19.85 22.68 32.95
C ASP D 456 -18.52 22.44 32.23
N PHE D 457 -17.40 22.67 32.94
CA PHE D 457 -16.07 22.57 32.34
C PHE D 457 -15.89 21.24 31.60
N LYS D 458 -16.16 20.12 32.26
CA LYS D 458 -15.85 18.83 31.67
C LYS D 458 -16.69 18.57 30.42
N THR D 459 -17.99 18.83 30.50
CA THR D 459 -18.86 18.70 29.33
C THR D 459 -18.41 19.63 28.21
N TRP D 460 -17.96 20.84 28.56
CA TRP D 460 -17.45 21.72 27.53
C TRP D 460 -16.32 21.06 26.76
N TYR D 461 -15.28 20.63 27.48
CA TYR D 461 -14.11 20.10 26.79
C TYR D 461 -14.36 18.73 26.18
N GLU D 462 -15.44 18.06 26.61
CA GLU D 462 -15.86 16.83 25.94
C GLU D 462 -16.64 17.13 24.67
N ILE D 463 -17.50 18.13 24.70
CA ILE D 463 -18.18 18.56 23.48
C ILE D 463 -17.16 19.04 22.45
N SER D 464 -16.13 19.76 22.89
CA SER D 464 -15.10 20.20 21.95
C SER D 464 -14.29 19.03 21.41
N ARG D 465 -13.90 18.09 22.29
CA ARG D 465 -13.15 16.95 21.81
C ARG D 465 -13.94 16.14 20.78
N VAL D 466 -15.26 16.02 20.96
CA VAL D 466 -16.08 15.23 20.05
C VAL D 466 -16.44 16.02 18.80
N TYR D 467 -16.71 17.32 18.94
CA TYR D 467 -16.85 18.17 17.76
C TYR D 467 -15.64 18.03 16.87
N VAL D 468 -14.46 18.18 17.46
CA VAL D 468 -13.21 18.06 16.73
C VAL D 468 -13.12 16.70 16.04
N ALA D 469 -13.27 15.62 16.81
CA ALA D 469 -12.96 14.29 16.29
C ALA D 469 -13.87 13.89 15.15
N THR D 470 -15.08 14.46 15.09
CA THR D 470 -16.03 14.08 14.07
C THR D 470 -16.07 15.06 12.92
N THR D 471 -15.72 16.33 13.17
CA THR D 471 -15.70 17.40 12.15
C THR D 471 -14.56 17.26 11.15
N ARG D 472 -13.70 16.27 11.33
CA ARG D 472 -12.55 16.13 10.46
C ARG D 472 -12.61 14.88 9.59
#